data_6BWY
#
_entry.id   6BWY
#
_cell.length_a   79.072
_cell.length_b   79.072
_cell.length_c   266.411
_cell.angle_alpha   90.00
_cell.angle_beta   90.00
_cell.angle_gamma   90.00
#
_symmetry.space_group_name_H-M   'P 43'
#
loop_
_entity.id
_entity.type
_entity.pdbx_description
1 polymer 'DNA (30-MER)'
2 polymer 'Protection of telomeres protein 1, DNA dC-&gt;dU-editing enzyme APOBEC-3G fusion'
3 non-polymer 'PHOSPHATE ION'
4 non-polymer 'ZINC ION'
5 water water
#
loop_
_entity_poly.entity_id
_entity_poly.type
_entity_poly.pdbx_seq_one_letter_code
_entity_poly.pdbx_strand_id
1 'polydeoxyribonucleotide'
;(DA)(DG)(DA)(DA)(DG)(DA)(DC)(DC)(DC)(DA)(DA)(DA)(DG)(DA)(DA)(DG)(DA)(DG)(DG)(DA)
(DA)(DG)(DC)(DA)(DG)(DG)(DT)(DT)(DA)(DC)
;
I,C,D,F
2 'polypeptide(L)'
;MVIDSLQLNELLNAGEYKIGELTFQSIRSSQELQKKNTIVNLFGIVKDFTPSRQSLHGTKDWVTTVYLWDPTCDTSSIGL
QIHLFSKQGNDLPVIKQVGQPLLLHQITLRSYRDRTQGLSKDQFRYALWPDFSSNSKDTLCPQPMPRLMKTGDKEEQFAL
LLNKIWDEQTNHSMDPPTFTFNFNNEPWVRGRHETYLCYEVERMHNDTWVKLNQRRGFLANQAPHKHGFLEGRHAELCFL
DVIPFWKLDLDQDYRVTCFTSWSPCFSCAQEMAKFISKNKHVSLCIKTARIYDDQGRAQEGLRTLAEAGAKISIMTYSEF
KHCWDTFVDHQGAPFQPWDGLDEHSQDLSGRLRAILQNQEN
;
A,B,E,G
#
loop_
_chem_comp.id
_chem_comp.type
_chem_comp.name
_chem_comp.formula
DA DNA linking 2'-DEOXYADENOSINE-5'-MONOPHOSPHATE 'C10 H14 N5 O6 P'
DC DNA linking 2'-DEOXYCYTIDINE-5'-MONOPHOSPHATE 'C9 H14 N3 O7 P'
DG DNA linking 2'-DEOXYGUANOSINE-5'-MONOPHOSPHATE 'C10 H14 N5 O7 P'
DT DNA linking THYMIDINE-5'-MONOPHOSPHATE 'C10 H15 N2 O8 P'
PO4 non-polymer 'PHOSPHATE ION' 'O4 P -3'
ZN non-polymer 'ZINC ION' 'Zn 2'
#
# COMPACT_ATOMS: atom_id res chain seq x y z
N GLN E 7 -25.97 -3.36 6.62
CA GLN E 7 -27.22 -3.52 7.43
C GLN E 7 -28.36 -4.27 6.73
N LEU E 8 -28.42 -4.16 5.40
CA LEU E 8 -29.53 -4.78 4.65
C LEU E 8 -29.26 -6.17 4.10
N ASN E 9 -27.99 -6.46 3.87
CA ASN E 9 -27.53 -7.73 3.27
C ASN E 9 -27.97 -8.99 4.06
N GLU E 10 -27.67 -8.98 5.36
CA GLU E 10 -27.86 -10.08 6.27
C GLU E 10 -29.31 -10.25 6.73
N LEU E 11 -30.15 -9.21 6.60
CA LEU E 11 -31.56 -9.30 6.99
C LEU E 11 -32.30 -10.39 6.23
N LEU E 12 -32.06 -10.43 4.91
CA LEU E 12 -32.82 -11.25 3.98
C LEU E 12 -32.38 -12.72 3.86
N ASN E 13 -31.25 -13.07 4.50
CA ASN E 13 -30.68 -14.41 4.39
C ASN E 13 -31.38 -15.48 5.20
N ALA E 14 -31.53 -15.27 6.52
CA ALA E 14 -32.08 -16.28 7.46
C ALA E 14 -33.55 -16.66 7.23
N GLY E 15 -34.25 -15.83 6.43
CA GLY E 15 -35.66 -16.04 6.04
C GLY E 15 -36.52 -15.02 6.74
N GLU E 16 -36.44 -15.05 8.06
CA GLU E 16 -37.12 -14.08 8.92
C GLU E 16 -36.22 -12.90 9.25
N TYR E 17 -36.77 -11.70 9.20
CA TYR E 17 -36.12 -10.49 9.69
C TYR E 17 -37.17 -9.57 10.30
N LYS E 18 -36.80 -8.86 11.37
CA LYS E 18 -37.78 -8.05 12.11
C LYS E 18 -37.60 -6.61 11.76
N ILE E 19 -38.71 -5.89 11.70
CA ILE E 19 -38.71 -4.42 11.50
C ILE E 19 -39.86 -3.87 12.34
N GLY E 20 -39.62 -2.79 13.09
CA GLY E 20 -40.59 -2.26 14.01
C GLY E 20 -40.76 -3.26 15.13
N GLU E 21 -41.90 -3.93 15.11
CA GLU E 21 -42.16 -5.07 16.03
C GLU E 21 -42.60 -6.31 15.26
N LEU E 22 -42.85 -6.13 13.97
CA LEU E 22 -43.33 -7.20 13.10
C LEU E 22 -42.18 -8.01 12.47
N THR E 23 -42.38 -9.32 12.46
CA THR E 23 -41.40 -10.23 11.89
C THR E 23 -41.83 -10.60 10.47
N PHE E 24 -40.91 -10.33 9.53
CA PHE E 24 -41.19 -10.55 8.11
C PHE E 24 -40.51 -11.80 7.60
N GLN E 25 -41.11 -12.39 6.60
CA GLN E 25 -40.51 -13.50 5.86
C GLN E 25 -40.15 -12.99 4.45
N SER E 26 -38.94 -13.32 3.99
CA SER E 26 -38.50 -12.99 2.63
C SER E 26 -39.38 -13.67 1.56
N ILE E 27 -39.44 -13.07 0.38
CA ILE E 27 -40.33 -13.55 -0.68
C ILE E 27 -39.82 -14.86 -1.26
N ARG E 28 -38.51 -14.95 -1.46
CA ARG E 28 -37.93 -16.22 -1.95
C ARG E 28 -38.24 -17.39 -1.03
N SER E 29 -38.04 -17.18 0.28
CA SER E 29 -38.38 -18.19 1.26
C SER E 29 -39.87 -18.49 1.30
N SER E 30 -40.64 -17.46 1.00
CA SER E 30 -42.11 -17.59 0.94
C SER E 30 -42.59 -18.40 -0.27
N GLN E 31 -41.78 -18.37 -1.31
CA GLN E 31 -42.09 -19.07 -2.56
C GLN E 31 -41.91 -20.60 -2.42
N GLU E 32 -41.36 -21.05 -1.30
CA GLU E 32 -41.40 -22.50 -0.99
C GLU E 32 -42.67 -22.83 -0.23
N LEU E 33 -42.87 -24.11 0.13
CA LEU E 33 -44.07 -24.48 0.87
C LEU E 33 -43.95 -25.60 1.93
N GLN E 34 -44.89 -25.57 2.91
CA GLN E 34 -45.31 -26.77 3.61
C GLN E 34 -46.79 -27.09 3.31
N LYS E 35 -47.16 -28.38 3.42
CA LYS E 35 -48.54 -28.92 3.31
C LYS E 35 -49.65 -28.07 4.05
N LYS E 36 -49.28 -27.47 5.20
CA LYS E 36 -50.16 -26.67 6.04
C LYS E 36 -49.99 -25.19 5.70
N ASN E 37 -51.03 -24.43 6.04
CA ASN E 37 -51.06 -23.01 5.83
C ASN E 37 -50.40 -22.26 6.98
N THR E 38 -49.52 -21.29 6.65
CA THR E 38 -48.77 -20.54 7.66
C THR E 38 -48.84 -19.05 7.37
N ILE E 39 -49.02 -18.22 8.40
CA ILE E 39 -49.44 -16.86 8.26
C ILE E 39 -48.26 -16.00 8.48
N VAL E 40 -47.90 -15.24 7.47
CA VAL E 40 -46.63 -14.45 7.52
C VAL E 40 -46.90 -12.99 7.31
N ASN E 41 -45.91 -12.19 7.67
CA ASN E 41 -45.87 -10.79 7.30
C ASN E 41 -44.94 -10.62 6.16
N LEU E 42 -45.38 -9.80 5.19
CA LEU E 42 -44.60 -9.51 4.02
C LEU E 42 -44.31 -8.02 3.87
N PHE E 43 -43.26 -7.70 3.08
CA PHE E 43 -42.79 -6.33 2.85
C PHE E 43 -41.83 -6.31 1.65
N GLY E 44 -42.29 -5.69 0.57
CA GLY E 44 -41.68 -5.88 -0.73
C GLY E 44 -42.03 -4.75 -1.70
N ILE E 45 -41.85 -5.00 -3.00
CA ILE E 45 -42.21 -4.05 -4.03
C ILE E 45 -43.28 -4.63 -4.96
N VAL E 46 -44.32 -3.87 -5.31
CA VAL E 46 -45.32 -4.26 -6.29
C VAL E 46 -44.72 -4.36 -7.68
N LYS E 47 -44.33 -5.57 -8.08
CA LYS E 47 -43.74 -5.76 -9.38
C LYS E 47 -44.84 -5.80 -10.49
N ASP E 48 -46.02 -6.28 -10.16
CA ASP E 48 -47.22 -6.15 -10.98
C ASP E 48 -48.46 -6.27 -10.06
N PHE E 49 -49.58 -5.70 -10.45
CA PHE E 49 -50.83 -5.78 -9.71
C PHE E 49 -52.04 -5.79 -10.61
N THR E 50 -53.19 -6.15 -10.09
CA THR E 50 -54.48 -6.04 -10.80
C THR E 50 -55.47 -5.35 -9.89
N PRO E 51 -56.06 -4.25 -10.37
CA PRO E 51 -57.11 -3.50 -9.69
C PRO E 51 -58.19 -4.31 -9.07
N SER E 52 -58.75 -3.81 -7.98
CA SER E 52 -59.80 -4.44 -7.22
C SER E 52 -61.11 -4.54 -8.01
N ARG E 53 -61.33 -5.69 -8.62
CA ARG E 53 -62.60 -6.00 -9.24
C ARG E 53 -63.31 -7.02 -8.34
N GLN E 54 -64.63 -7.15 -8.50
CA GLN E 54 -65.36 -8.12 -7.73
C GLN E 54 -65.26 -9.53 -8.42
N SER E 55 -65.06 -10.57 -7.59
CA SER E 55 -65.02 -11.95 -8.00
C SER E 55 -66.36 -12.41 -8.61
N LEU E 56 -66.28 -13.45 -9.45
CA LEU E 56 -67.49 -13.94 -10.09
C LEU E 56 -67.89 -15.28 -9.53
N HIS E 57 -67.10 -15.87 -8.67
CA HIS E 57 -67.46 -17.21 -8.19
C HIS E 57 -67.35 -17.26 -6.66
N GLY E 58 -67.77 -18.36 -6.04
CA GLY E 58 -67.42 -18.65 -4.66
C GLY E 58 -68.16 -17.71 -3.80
N THR E 59 -67.51 -17.08 -2.85
CA THR E 59 -68.20 -16.18 -1.93
C THR E 59 -68.37 -14.82 -2.55
N LYS E 60 -67.81 -14.63 -3.74
CA LYS E 60 -67.86 -13.38 -4.50
C LYS E 60 -67.28 -12.21 -3.70
N ASP E 61 -66.18 -12.41 -3.00
CA ASP E 61 -65.59 -11.25 -2.26
C ASP E 61 -64.78 -10.38 -3.25
N TRP E 62 -64.53 -9.14 -2.91
CA TRP E 62 -63.68 -8.29 -3.75
C TRP E 62 -62.25 -8.74 -3.61
N VAL E 63 -61.46 -8.56 -4.67
CA VAL E 63 -60.08 -9.02 -4.71
C VAL E 63 -59.20 -8.12 -5.52
N THR E 64 -58.02 -7.83 -4.96
CA THR E 64 -56.95 -7.21 -5.71
C THR E 64 -55.78 -8.19 -5.72
N THR E 65 -55.02 -8.19 -6.81
CA THR E 65 -53.90 -9.11 -6.95
C THR E 65 -52.58 -8.35 -6.94
N VAL E 66 -51.58 -8.83 -6.17
CA VAL E 66 -50.27 -8.20 -6.21
C VAL E 66 -49.21 -9.25 -6.46
N TYR E 67 -48.03 -8.84 -6.91
CA TYR E 67 -46.89 -9.71 -7.00
C TYR E 67 -45.79 -8.99 -6.22
N LEU E 68 -45.47 -9.42 -5.04
CA LEU E 68 -44.38 -8.75 -4.33
C LEU E 68 -43.06 -9.35 -4.67
N TRP E 69 -42.09 -8.46 -4.77
CA TRP E 69 -40.71 -8.78 -4.96
C TRP E 69 -39.88 -8.18 -3.84
N ASP E 70 -38.76 -8.80 -3.52
CA ASP E 70 -37.68 -8.25 -2.66
C ASP E 70 -36.34 -8.88 -3.14
N PRO E 71 -35.21 -8.25 -2.74
CA PRO E 71 -33.86 -8.65 -3.21
C PRO E 71 -33.58 -10.15 -3.18
N THR E 72 -34.27 -10.91 -2.34
CA THR E 72 -34.12 -12.36 -2.28
C THR E 72 -34.60 -13.05 -3.58
N CYS E 73 -35.43 -12.36 -4.36
CA CYS E 73 -35.78 -12.75 -5.74
C CYS E 73 -34.84 -12.03 -6.70
N ASP E 74 -34.52 -12.70 -7.82
CA ASP E 74 -33.62 -12.10 -8.80
C ASP E 74 -34.28 -10.91 -9.51
N THR E 75 -33.49 -10.15 -10.28
CA THR E 75 -33.96 -8.99 -11.05
C THR E 75 -35.18 -9.32 -11.93
N SER E 76 -35.02 -10.37 -12.75
CA SER E 76 -36.01 -10.80 -13.75
C SER E 76 -37.28 -11.44 -13.15
N SER E 77 -37.19 -11.90 -11.90
CA SER E 77 -38.31 -12.52 -11.13
C SER E 77 -39.50 -11.57 -10.92
N ILE E 78 -40.70 -12.10 -11.21
CA ILE E 78 -41.91 -11.26 -11.06
C ILE E 78 -42.36 -11.14 -9.60
N GLY E 79 -42.41 -12.24 -8.89
CA GLY E 79 -42.55 -12.18 -7.39
C GLY E 79 -43.62 -13.12 -6.87
N LEU E 80 -44.04 -12.96 -5.61
CA LEU E 80 -45.04 -13.83 -5.00
C LEU E 80 -46.45 -13.39 -5.34
N GLN E 81 -47.25 -14.31 -5.86
CA GLN E 81 -48.64 -14.04 -6.19
C GLN E 81 -49.37 -13.91 -4.90
N ILE E 82 -50.08 -12.78 -4.72
CA ILE E 82 -50.86 -12.65 -3.47
C ILE E 82 -52.22 -12.14 -3.81
N HIS E 83 -53.25 -12.89 -3.43
CA HIS E 83 -54.62 -12.43 -3.58
C HIS E 83 -55.17 -11.76 -2.31
N LEU E 84 -55.49 -10.49 -2.41
CA LEU E 84 -56.05 -9.79 -1.22
C LEU E 84 -57.58 -9.69 -1.34
N PHE E 85 -58.33 -10.32 -0.42
CA PHE E 85 -59.76 -10.38 -0.51
C PHE E 85 -60.39 -9.52 0.63
N SER E 86 -61.65 -9.14 0.46
CA SER E 86 -62.43 -8.30 1.43
C SER E 86 -63.90 -8.28 1.07
N LYS E 87 -64.75 -8.30 2.12
CA LYS E 87 -66.23 -8.20 1.96
C LYS E 87 -66.67 -6.89 1.27
N GLN E 88 -66.28 -5.76 1.88
CA GLN E 88 -66.61 -4.44 1.31
C GLN E 88 -65.87 -4.19 0.01
N GLY E 89 -64.58 -4.29 0.07
CA GLY E 89 -63.80 -4.22 -1.18
C GLY E 89 -63.27 -2.84 -1.46
N ASN E 90 -64.05 -1.88 -0.99
CA ASN E 90 -63.67 -0.45 -1.04
C ASN E 90 -62.65 -0.12 0.03
N ASP E 91 -62.12 -1.15 0.70
CA ASP E 91 -61.05 -0.96 1.67
C ASP E 91 -59.77 -1.61 1.22
N LEU E 92 -59.76 -2.26 0.03
CA LEU E 92 -58.51 -2.88 -0.48
C LEU E 92 -57.51 -1.79 -0.99
N PRO E 93 -56.17 -2.05 -0.91
CA PRO E 93 -55.17 -1.10 -1.29
C PRO E 93 -55.37 -0.55 -2.68
N VAL E 94 -55.26 0.77 -2.80
CA VAL E 94 -55.33 1.40 -4.09
C VAL E 94 -53.90 1.64 -4.55
N ILE E 95 -53.37 0.70 -5.34
CA ILE E 95 -52.11 0.81 -6.04
C ILE E 95 -52.26 1.50 -7.35
N LYS E 96 -51.44 2.50 -7.66
CA LYS E 96 -51.47 3.23 -8.95
C LYS E 96 -50.43 2.79 -9.98
N GLN E 97 -49.26 2.40 -9.54
CA GLN E 97 -48.27 1.91 -10.48
C GLN E 97 -47.28 0.94 -9.88
N VAL E 98 -46.58 0.22 -10.77
CA VAL E 98 -45.61 -0.81 -10.43
C VAL E 98 -44.39 -0.14 -9.81
N GLY E 99 -43.99 -0.56 -8.67
CA GLY E 99 -42.82 0.03 -8.07
C GLY E 99 -43.07 0.55 -6.64
N GLN E 100 -44.33 0.48 -6.19
CA GLN E 100 -44.68 0.97 -4.87
C GLN E 100 -44.24 -0.03 -3.80
N PRO E 101 -43.59 0.42 -2.73
CA PRO E 101 -43.35 -0.41 -1.57
C PRO E 101 -44.64 -0.81 -0.85
N LEU E 102 -44.72 -2.06 -0.38
CA LEU E 102 -45.98 -2.55 0.20
C LEU E 102 -45.69 -3.43 1.41
N LEU E 103 -46.35 -3.09 2.54
CA LEU E 103 -46.23 -3.84 3.77
C LEU E 103 -47.54 -4.58 4.07
N LEU E 104 -47.52 -5.89 4.06
CA LEU E 104 -48.76 -6.65 4.27
C LEU E 104 -48.68 -7.39 5.58
N HIS E 105 -49.76 -7.30 6.33
CA HIS E 105 -49.86 -7.85 7.68
C HIS E 105 -50.86 -8.99 7.80
N GLN E 106 -50.36 -10.16 8.24
CA GLN E 106 -51.14 -11.41 8.32
C GLN E 106 -51.62 -11.91 6.93
N ILE E 107 -50.68 -12.46 6.14
CA ILE E 107 -51.01 -13.16 4.91
C ILE E 107 -50.74 -14.68 4.98
N THR E 108 -51.75 -15.51 4.71
CA THR E 108 -51.62 -17.00 4.69
C THR E 108 -50.89 -17.48 3.44
N LEU E 109 -50.08 -18.51 3.57
CA LEU E 109 -49.28 -19.06 2.46
C LEU E 109 -49.74 -20.46 2.10
N ARG E 110 -50.20 -20.68 0.86
CA ARG E 110 -50.67 -22.04 0.50
C ARG E 110 -50.37 -22.47 -0.94
N SER E 111 -50.46 -23.76 -1.23
CA SER E 111 -50.40 -24.26 -2.61
C SER E 111 -51.66 -24.01 -3.46
N TYR E 112 -51.44 -23.66 -4.73
CA TYR E 112 -52.45 -23.76 -5.75
C TYR E 112 -51.89 -24.26 -7.05
N ARG E 113 -52.15 -25.58 -7.31
CA ARG E 113 -51.72 -26.29 -8.52
C ARG E 113 -50.23 -26.10 -8.71
N ASP E 114 -49.49 -26.38 -7.62
CA ASP E 114 -48.04 -26.25 -7.60
C ASP E 114 -47.46 -24.91 -8.07
N ARG E 115 -47.84 -23.89 -7.34
CA ARG E 115 -47.08 -22.62 -7.24
C ARG E 115 -47.52 -22.10 -5.86
N THR E 116 -46.72 -21.21 -5.28
CA THR E 116 -47.03 -20.80 -3.94
C THR E 116 -47.89 -19.60 -4.13
N GLN E 117 -49.09 -19.53 -3.52
CA GLN E 117 -49.69 -18.19 -3.44
C GLN E 117 -49.87 -17.67 -2.02
N GLY E 118 -50.06 -16.39 -1.89
CA GLY E 118 -50.52 -15.86 -0.58
C GLY E 118 -52.01 -15.51 -0.64
N LEU E 119 -52.76 -15.94 0.36
CA LEU E 119 -54.08 -15.48 0.53
C LEU E 119 -54.19 -14.53 1.79
N SER E 120 -54.89 -13.42 1.65
CA SER E 120 -55.13 -12.50 2.80
C SER E 120 -55.95 -13.10 3.91
N LYS E 121 -55.55 -12.88 5.15
CA LYS E 121 -56.44 -13.19 6.32
C LYS E 121 -57.55 -12.17 6.38
N ASP E 122 -58.59 -12.43 7.14
CA ASP E 122 -59.67 -11.46 7.30
C ASP E 122 -59.19 -10.17 7.88
N GLN E 123 -58.30 -10.25 8.88
CA GLN E 123 -57.74 -9.11 9.62
C GLN E 123 -56.63 -8.39 8.92
N PHE E 124 -56.29 -8.78 7.67
CA PHE E 124 -55.07 -8.37 6.99
C PHE E 124 -55.07 -6.87 6.87
N ARG E 125 -53.88 -6.30 7.12
CA ARG E 125 -53.74 -4.86 7.07
C ARG E 125 -52.58 -4.60 6.18
N TYR E 126 -52.38 -3.33 5.78
CA TYR E 126 -51.36 -3.01 4.79
C TYR E 126 -50.88 -1.60 5.02
N ALA E 127 -49.82 -1.22 4.29
CA ALA E 127 -49.30 0.14 4.29
C ALA E 127 -48.57 0.33 3.00
N LEU E 128 -48.86 1.45 2.35
CA LEU E 128 -48.32 1.73 1.02
C LEU E 128 -47.40 2.94 1.03
N TRP E 129 -46.55 3.01 0.00
CA TRP E 129 -45.59 4.13 -0.16
C TRP E 129 -45.53 4.46 -1.66
N PRO E 130 -45.20 5.73 -1.98
CA PRO E 130 -45.13 6.10 -3.40
C PRO E 130 -43.89 5.49 -4.08
N ASP E 131 -43.92 5.34 -5.42
CA ASP E 131 -42.71 4.92 -6.13
C ASP E 131 -41.72 6.06 -6.07
N PHE E 132 -40.83 6.06 -5.07
CA PHE E 132 -39.98 7.21 -4.79
C PHE E 132 -39.12 7.64 -5.98
N SER E 133 -38.63 6.66 -6.74
CA SER E 133 -37.72 6.94 -7.84
C SER E 133 -38.43 7.03 -9.17
N SER E 134 -39.75 7.26 -9.15
CA SER E 134 -40.54 7.53 -10.35
C SER E 134 -40.41 8.98 -10.74
N ASN E 135 -40.99 9.33 -11.89
CA ASN E 135 -40.99 10.74 -12.31
C ASN E 135 -42.07 11.59 -11.68
N SER E 136 -43.11 10.92 -11.17
CA SER E 136 -44.28 11.58 -10.62
C SER E 136 -44.08 11.67 -9.12
N LYS E 137 -44.75 12.64 -8.47
CA LYS E 137 -44.88 12.56 -7.02
C LYS E 137 -46.02 11.64 -6.61
N ASP E 138 -47.19 11.88 -7.18
CA ASP E 138 -48.45 11.30 -6.74
C ASP E 138 -48.74 9.90 -7.29
N THR E 139 -47.79 9.00 -7.14
CA THR E 139 -48.01 7.58 -7.40
C THR E 139 -48.83 6.98 -6.25
N LEU E 140 -48.74 7.59 -5.06
CA LEU E 140 -49.47 7.16 -3.86
C LEU E 140 -50.66 8.06 -3.61
N CYS E 141 -51.85 7.53 -3.81
CA CYS E 141 -53.08 8.32 -3.58
C CYS E 141 -53.64 7.95 -2.17
N PRO E 142 -54.50 8.84 -1.58
CA PRO E 142 -55.12 8.59 -0.28
C PRO E 142 -55.79 7.20 -0.17
N GLN E 143 -55.32 6.39 0.74
CA GLN E 143 -55.78 4.99 0.85
C GLN E 143 -57.00 4.87 1.77
N PRO E 144 -57.90 3.89 1.49
CA PRO E 144 -59.00 3.55 2.40
C PRO E 144 -58.55 3.33 3.86
N MET E 145 -59.37 3.88 4.79
CA MET E 145 -58.96 3.92 6.17
C MET E 145 -59.05 2.57 7.00
N PRO E 146 -59.98 1.63 6.67
CA PRO E 146 -60.23 0.52 7.63
C PRO E 146 -59.06 -0.40 7.84
N ARG E 147 -58.36 -0.73 6.75
CA ARG E 147 -57.27 -1.70 6.73
C ARG E 147 -55.91 -1.10 6.70
N LEU E 148 -55.84 0.22 6.85
CA LEU E 148 -54.57 0.91 6.68
C LEU E 148 -53.80 0.90 8.02
N MET E 149 -52.48 0.81 7.98
CA MET E 149 -51.64 0.77 9.18
C MET E 149 -50.78 1.99 9.40
N LYS E 150 -50.65 2.43 10.68
CA LYS E 150 -49.85 3.69 10.90
C LYS E 150 -48.43 3.25 11.15
N THR E 151 -47.58 3.48 10.17
CA THR E 151 -46.17 3.14 10.23
C THR E 151 -45.37 4.39 10.56
N GLY E 152 -44.09 4.19 10.91
CA GLY E 152 -43.20 5.29 11.21
C GLY E 152 -42.06 5.54 10.21
N ASP E 153 -41.02 6.19 10.71
CA ASP E 153 -39.78 6.47 9.99
C ASP E 153 -38.88 5.25 9.86
N LYS E 154 -38.91 4.30 10.81
CA LYS E 154 -38.10 3.12 10.73
C LYS E 154 -38.40 2.27 9.47
N GLU E 155 -39.67 1.96 9.22
CA GLU E 155 -40.07 1.29 7.97
C GLU E 155 -40.12 2.24 6.74
N GLU E 156 -39.87 3.50 6.95
CA GLU E 156 -39.58 4.47 5.88
C GLU E 156 -38.26 4.17 5.20
N GLN E 157 -37.21 3.99 6.00
CA GLN E 157 -35.89 3.57 5.53
C GLN E 157 -35.97 2.31 4.72
N PHE E 158 -36.66 1.31 5.26
CA PHE E 158 -36.71 0.01 4.67
C PHE E 158 -37.41 0.04 3.29
N ALA E 159 -38.54 0.79 3.26
CA ALA E 159 -39.37 0.85 2.08
C ALA E 159 -38.62 1.55 0.98
N LEU E 160 -38.03 2.71 1.32
CA LEU E 160 -37.28 3.50 0.36
C LEU E 160 -36.08 2.72 -0.15
N LEU E 161 -35.39 1.99 0.74
CA LEU E 161 -34.27 1.13 0.38
C LEU E 161 -34.66 0.12 -0.68
N LEU E 162 -35.74 -0.64 -0.40
CA LEU E 162 -36.26 -1.62 -1.36
C LEU E 162 -36.57 -0.94 -2.69
N ASN E 163 -37.23 0.26 -2.66
CA ASN E 163 -37.57 1.03 -3.83
C ASN E 163 -36.36 1.41 -4.64
N LYS E 164 -35.34 1.85 -3.92
CA LYS E 164 -34.13 2.34 -4.55
C LYS E 164 -33.44 1.13 -5.27
N ILE E 165 -33.32 0.00 -4.59
CA ILE E 165 -32.74 -1.18 -5.24
C ILE E 165 -33.55 -1.71 -6.44
N TRP E 166 -34.88 -1.66 -6.31
CA TRP E 166 -35.79 -2.05 -7.39
C TRP E 166 -35.56 -1.21 -8.68
N ASP E 167 -35.55 0.11 -8.50
CA ASP E 167 -35.40 1.02 -9.59
C ASP E 167 -34.03 0.91 -10.23
N GLU E 168 -33.02 0.67 -9.38
CA GLU E 168 -31.65 0.55 -9.83
C GLU E 168 -31.40 -0.86 -10.35
N GLN E 169 -32.48 -1.51 -10.80
CA GLN E 169 -32.45 -2.80 -11.50
C GLN E 169 -33.46 -2.84 -12.64
N THR E 170 -34.38 -1.88 -12.63
CA THR E 170 -35.40 -1.76 -13.68
C THR E 170 -35.40 -0.36 -14.36
N ASN E 171 -34.22 0.24 -14.48
CA ASN E 171 -34.04 1.52 -15.13
C ASN E 171 -32.70 1.63 -15.85
N HIS E 172 -32.68 1.16 -17.09
CA HIS E 172 -31.48 1.28 -17.93
C HIS E 172 -31.43 2.60 -18.69
N SER E 173 -32.57 3.13 -19.11
CA SER E 173 -32.60 4.25 -20.04
C SER E 173 -32.42 5.63 -19.39
N MET E 174 -31.69 6.52 -20.07
CA MET E 174 -31.45 7.87 -19.56
C MET E 174 -31.83 8.93 -20.58
N ASP E 175 -32.07 10.12 -20.02
CA ASP E 175 -32.41 11.30 -20.78
C ASP E 175 -31.20 11.77 -21.60
N PRO E 176 -31.33 11.89 -22.95
CA PRO E 176 -30.21 12.27 -23.82
C PRO E 176 -29.51 13.64 -23.52
N PRO E 177 -30.27 14.72 -23.21
CA PRO E 177 -29.54 15.96 -22.81
C PRO E 177 -28.67 15.79 -21.55
N THR E 178 -29.10 14.89 -20.67
CA THR E 178 -28.32 14.56 -19.46
C THR E 178 -26.96 13.98 -19.82
N PHE E 179 -26.96 13.08 -20.81
CA PHE E 179 -25.74 12.33 -21.15
C PHE E 179 -24.70 13.26 -21.71
N THR E 180 -25.16 14.25 -22.54
CA THR E 180 -24.29 15.21 -23.21
C THR E 180 -23.54 16.06 -22.21
N PHE E 181 -24.30 16.52 -21.20
CA PHE E 181 -23.80 17.48 -20.25
C PHE E 181 -22.83 16.83 -19.29
N ASN E 182 -23.22 15.70 -18.70
CA ASN E 182 -22.40 15.03 -17.70
C ASN E 182 -21.16 14.33 -18.25
N PHE E 183 -21.27 13.78 -19.46
CA PHE E 183 -20.15 13.04 -20.01
C PHE E 183 -19.26 13.88 -20.93
N ASN E 184 -19.42 15.21 -20.91
CA ASN E 184 -18.50 16.07 -21.60
C ASN E 184 -17.09 15.94 -21.03
N ASN E 185 -16.18 15.37 -21.82
CA ASN E 185 -14.85 15.01 -21.34
C ASN E 185 -13.79 16.10 -21.39
N GLU E 186 -14.22 17.36 -21.46
CA GLU E 186 -13.27 18.50 -21.27
C GLU E 186 -12.65 18.48 -19.86
N PRO E 187 -11.31 18.50 -19.75
CA PRO E 187 -10.57 18.26 -18.51
C PRO E 187 -11.10 18.88 -17.25
N TRP E 188 -11.41 20.21 -17.30
CA TRP E 188 -12.00 20.92 -16.16
C TRP E 188 -13.33 21.50 -16.64
N VAL E 189 -14.43 21.11 -15.99
CA VAL E 189 -15.75 21.72 -16.35
C VAL E 189 -16.49 22.27 -15.07
N ARG E 190 -17.46 23.17 -15.25
CA ARG E 190 -18.56 23.39 -14.24
C ARG E 190 -19.84 22.93 -14.94
N GLY E 191 -20.89 22.50 -14.26
CA GLY E 191 -21.05 22.50 -12.87
C GLY E 191 -21.75 21.16 -12.70
N ARG E 192 -21.16 20.13 -13.28
CA ARG E 192 -21.57 18.74 -13.19
C ARG E 192 -21.83 18.21 -11.78
N HIS E 193 -21.04 18.58 -10.75
CA HIS E 193 -21.45 18.27 -9.35
C HIS E 193 -21.85 16.82 -8.97
N GLU E 194 -22.42 16.11 -9.90
CA GLU E 194 -22.88 14.79 -9.68
C GLU E 194 -22.05 13.78 -10.52
N THR E 195 -22.07 12.52 -10.11
CA THR E 195 -21.34 11.49 -10.83
C THR E 195 -22.37 10.59 -11.46
N TYR E 196 -22.26 10.43 -12.78
CA TYR E 196 -23.15 9.46 -13.48
C TYR E 196 -22.32 8.24 -13.77
N LEU E 197 -22.91 7.07 -13.49
CA LEU E 197 -22.16 5.84 -13.57
C LEU E 197 -22.96 4.78 -14.31
N CYS E 198 -22.47 4.37 -15.48
CA CYS E 198 -23.14 3.33 -16.29
C CYS E 198 -22.35 2.04 -16.22
N TYR E 199 -22.99 0.95 -15.79
CA TYR E 199 -22.27 -0.30 -15.52
C TYR E 199 -22.75 -1.50 -16.35
N GLU E 200 -21.82 -2.40 -16.64
CA GLU E 200 -22.08 -3.68 -17.25
C GLU E 200 -21.58 -4.81 -16.37
N VAL E 201 -22.22 -5.94 -16.53
CA VAL E 201 -21.85 -7.16 -15.85
C VAL E 201 -21.55 -8.25 -16.91
N GLU E 202 -20.50 -9.03 -16.67
CA GLU E 202 -20.11 -10.11 -17.59
C GLU E 202 -19.88 -11.40 -16.82
N ARG E 203 -20.49 -12.48 -17.30
CA ARG E 203 -20.41 -13.81 -16.71
C ARG E 203 -19.30 -14.65 -17.29
N MET E 204 -18.66 -15.48 -16.46
CA MET E 204 -17.64 -16.42 -16.97
C MET E 204 -18.32 -17.75 -17.37
N HIS E 205 -18.33 -18.01 -18.67
CA HIS E 205 -18.84 -19.24 -19.28
C HIS E 205 -18.17 -19.45 -20.66
N ASN E 206 -17.74 -20.69 -20.94
CA ASN E 206 -17.03 -21.03 -22.19
C ASN E 206 -15.70 -20.26 -22.39
N ASP E 207 -14.97 -20.08 -21.29
CA ASP E 207 -13.63 -19.43 -21.27
C ASP E 207 -13.62 -17.97 -21.79
N THR E 208 -14.80 -17.37 -21.96
CA THR E 208 -14.95 -15.99 -22.48
C THR E 208 -16.18 -15.32 -21.85
N TRP E 209 -16.10 -14.01 -21.67
CA TRP E 209 -17.21 -13.24 -21.11
C TRP E 209 -18.49 -13.34 -21.94
N VAL E 210 -19.56 -13.78 -21.30
CA VAL E 210 -20.89 -13.73 -21.91
C VAL E 210 -21.45 -12.30 -21.79
N LYS E 211 -21.60 -11.64 -22.94
CA LYS E 211 -21.92 -10.20 -23.00
C LYS E 211 -23.34 -10.00 -22.51
N LEU E 212 -23.51 -9.16 -21.48
CA LEU E 212 -24.82 -9.07 -20.79
C LEU E 212 -25.51 -7.71 -20.96
N ASN E 213 -26.49 -7.70 -21.85
CA ASN E 213 -27.18 -6.47 -22.26
C ASN E 213 -28.28 -6.12 -21.22
N GLN E 214 -29.03 -7.15 -20.82
CA GLN E 214 -30.14 -7.02 -19.86
C GLN E 214 -29.65 -6.84 -18.42
N ARG E 215 -28.37 -7.17 -18.19
CA ARG E 215 -27.78 -7.10 -16.85
C ARG E 215 -27.02 -5.77 -16.59
N ARG E 216 -27.26 -4.81 -17.50
CA ARG E 216 -26.73 -3.47 -17.39
C ARG E 216 -27.56 -2.54 -16.47
N GLY E 217 -27.00 -1.39 -16.10
CA GLY E 217 -27.73 -0.34 -15.41
C GLY E 217 -26.92 0.94 -15.30
N PHE E 218 -27.56 2.03 -14.88
CA PHE E 218 -26.87 3.28 -14.60
C PHE E 218 -27.46 3.99 -13.41
N LEU E 219 -26.73 4.87 -12.75
CA LEU E 219 -27.29 5.60 -11.62
C LEU E 219 -26.60 6.92 -11.36
N ALA E 220 -27.24 7.78 -10.55
CA ALA E 220 -26.72 9.14 -10.23
C ALA E 220 -26.86 9.39 -8.74
N ASN E 221 -25.96 10.19 -8.16
CA ASN E 221 -25.82 10.36 -6.69
C ASN E 221 -26.85 11.23 -6.03
N GLN E 222 -26.88 11.21 -4.69
CA GLN E 222 -27.78 12.02 -3.81
C GLN E 222 -27.13 13.35 -3.35
N ALA E 223 -27.72 14.09 -2.41
CA ALA E 223 -27.04 15.25 -1.79
C ALA E 223 -26.97 15.12 -0.24
N PRO E 224 -25.82 15.33 0.41
CA PRO E 224 -24.58 15.88 -0.18
C PRO E 224 -23.50 14.81 -0.44
N ARG E 233 -25.93 9.67 -0.85
CA ARG E 233 -24.48 9.43 -0.69
C ARG E 233 -23.84 9.71 -2.00
N HIS E 234 -22.88 8.88 -2.42
CA HIS E 234 -22.13 9.06 -3.66
C HIS E 234 -22.65 8.06 -4.66
N ALA E 235 -22.40 8.32 -5.94
CA ALA E 235 -22.86 7.38 -6.99
C ALA E 235 -22.10 6.06 -6.92
N GLU E 236 -20.81 6.13 -6.56
CA GLU E 236 -19.92 4.96 -6.42
C GLU E 236 -20.43 4.03 -5.27
N LEU E 237 -20.88 4.62 -4.17
CA LEU E 237 -21.41 3.84 -3.05
C LEU E 237 -22.76 3.23 -3.40
N CYS E 238 -23.62 4.00 -4.06
CA CYS E 238 -24.93 3.49 -4.46
C CYS E 238 -24.80 2.33 -5.43
N PHE E 239 -23.75 2.35 -6.25
CA PHE E 239 -23.44 1.26 -7.15
C PHE E 239 -23.06 -0.02 -6.41
N LEU E 240 -22.30 0.12 -5.32
CA LEU E 240 -21.84 -1.02 -4.51
C LEU E 240 -22.98 -1.68 -3.73
N ASP E 241 -24.05 -0.95 -3.50
CA ASP E 241 -25.19 -1.44 -2.70
C ASP E 241 -26.00 -2.42 -3.45
N VAL E 242 -26.09 -2.29 -4.76
CA VAL E 242 -26.89 -3.19 -5.58
C VAL E 242 -26.17 -4.47 -5.97
N ILE E 243 -24.85 -4.49 -5.79
CA ILE E 243 -24.01 -5.64 -6.10
C ILE E 243 -24.35 -6.90 -5.29
N PRO E 244 -24.45 -6.78 -3.93
CA PRO E 244 -24.80 -7.95 -3.13
C PRO E 244 -26.18 -8.52 -3.47
N PHE E 245 -27.03 -7.72 -4.09
CA PHE E 245 -28.39 -8.11 -4.41
C PHE E 245 -28.51 -8.57 -5.88
N TRP E 246 -27.46 -9.21 -6.38
CA TRP E 246 -27.41 -9.65 -7.76
C TRP E 246 -27.57 -11.15 -7.95
N LYS E 247 -27.56 -11.89 -6.83
CA LYS E 247 -27.70 -13.34 -6.85
C LYS E 247 -26.55 -13.99 -7.67
N LEU E 248 -25.33 -13.44 -7.53
CA LEU E 248 -24.14 -13.89 -8.22
C LEU E 248 -23.69 -15.29 -7.82
N ASP E 249 -23.52 -16.17 -8.80
CA ASP E 249 -22.99 -17.53 -8.55
C ASP E 249 -21.55 -17.47 -7.99
N LEU E 250 -21.36 -18.05 -6.81
CA LEU E 250 -20.13 -17.88 -6.07
C LEU E 250 -18.93 -18.48 -6.75
N ASP E 251 -19.14 -19.60 -7.47
CA ASP E 251 -18.04 -20.26 -8.21
C ASP E 251 -17.61 -19.52 -9.47
N GLN E 252 -18.59 -18.99 -10.20
CA GLN E 252 -18.35 -18.24 -11.44
C GLN E 252 -17.65 -16.92 -11.11
N ASP E 253 -16.65 -16.55 -11.90
CA ASP E 253 -16.00 -15.25 -11.78
C ASP E 253 -16.69 -14.19 -12.64
N TYR E 254 -16.82 -12.99 -12.08
CA TYR E 254 -17.50 -11.88 -12.76
C TYR E 254 -16.62 -10.68 -12.86
N ARG E 255 -16.80 -9.91 -13.92
CA ARG E 255 -16.03 -8.70 -14.12
C ARG E 255 -16.98 -7.54 -14.39
N VAL E 256 -16.95 -6.55 -13.51
CA VAL E 256 -17.77 -5.36 -13.72
C VAL E 256 -16.97 -4.29 -14.47
N THR E 257 -17.55 -3.75 -15.54
CA THR E 257 -17.09 -2.50 -16.14
C THR E 257 -18.17 -1.40 -15.94
N CYS E 258 -17.89 -0.47 -15.04
CA CYS E 258 -18.69 0.79 -14.95
C CYS E 258 -18.07 2.02 -15.66
N PHE E 259 -18.94 2.81 -16.26
CA PHE E 259 -18.54 3.99 -17.02
C PHE E 259 -18.97 5.24 -16.28
N THR E 260 -18.05 5.93 -15.63
CA THR E 260 -18.35 7.14 -14.84
C THR E 260 -18.14 8.45 -15.60
N SER E 261 -18.82 9.50 -15.12
CA SER E 261 -18.61 10.84 -15.66
C SER E 261 -17.44 11.53 -14.98
N TRP E 262 -17.31 11.31 -13.69
CA TRP E 262 -16.13 11.75 -12.96
C TRP E 262 -15.39 10.56 -12.37
N SER E 263 -14.10 10.55 -12.36
CA SER E 263 -13.34 9.47 -11.67
C SER E 263 -13.70 9.49 -10.23
N PRO E 264 -13.79 8.32 -9.56
CA PRO E 264 -14.21 8.36 -8.11
C PRO E 264 -13.23 9.08 -7.24
N CYS E 265 -13.75 9.79 -6.21
CA CYS E 265 -12.94 10.60 -5.27
C CYS E 265 -12.06 9.60 -4.49
N PHE E 266 -11.23 10.14 -3.58
CA PHE E 266 -10.46 9.31 -2.69
C PHE E 266 -11.31 8.40 -1.82
N SER E 267 -12.42 8.90 -1.25
CA SER E 267 -13.22 8.13 -0.27
C SER E 267 -13.89 6.91 -0.93
N CYS E 268 -14.45 7.11 -2.11
CA CYS E 268 -15.14 6.04 -2.83
C CYS E 268 -14.15 5.09 -3.48
N ALA E 269 -12.96 5.57 -3.85
CA ALA E 269 -11.89 4.70 -4.36
C ALA E 269 -11.47 3.68 -3.28
N GLN E 270 -11.47 4.10 -2.01
CA GLN E 270 -11.18 3.21 -0.91
C GLN E 270 -12.24 2.13 -0.74
N GLU E 271 -13.50 2.51 -0.78
CA GLU E 271 -14.62 1.55 -0.72
C GLU E 271 -14.69 0.61 -1.91
N MET E 272 -14.38 1.13 -3.08
CA MET E 272 -14.31 0.28 -4.22
C MET E 272 -13.10 -0.67 -4.15
N ALA E 273 -12.05 -0.26 -3.42
CA ALA E 273 -10.87 -1.09 -3.16
C ALA E 273 -11.17 -2.16 -2.15
N LYS E 274 -11.91 -1.79 -1.10
CA LYS E 274 -12.32 -2.72 -0.04
C LYS E 274 -13.39 -3.66 -0.54
N PHE E 275 -13.92 -3.39 -1.73
CA PHE E 275 -14.83 -4.30 -2.40
C PHE E 275 -14.13 -5.43 -3.08
N ILE E 276 -12.98 -5.18 -3.67
CA ILE E 276 -12.11 -6.19 -4.26
C ILE E 276 -11.58 -7.18 -3.18
N SER E 277 -11.34 -6.69 -1.97
CA SER E 277 -10.95 -7.52 -0.83
C SER E 277 -12.08 -8.36 -0.27
N LYS E 278 -13.30 -7.88 -0.39
CA LYS E 278 -14.46 -8.58 0.17
C LYS E 278 -15.00 -9.60 -0.78
N ASN E 279 -14.91 -9.30 -2.09
CA ASN E 279 -15.39 -10.21 -3.14
C ASN E 279 -14.29 -10.76 -3.97
N LYS E 280 -14.13 -12.06 -3.85
CA LYS E 280 -13.09 -12.88 -4.42
C LYS E 280 -13.47 -13.40 -5.82
N HIS E 281 -14.71 -13.17 -6.23
CA HIS E 281 -15.18 -13.60 -7.52
C HIS E 281 -15.58 -12.42 -8.40
N VAL E 282 -15.22 -11.20 -8.00
CA VAL E 282 -15.62 -9.99 -8.74
C VAL E 282 -14.44 -9.10 -9.10
N SER E 283 -14.24 -8.89 -10.41
CA SER E 283 -13.27 -7.97 -10.92
C SER E 283 -13.91 -6.60 -11.28
N LEU E 284 -13.20 -5.53 -10.98
CA LEU E 284 -13.71 -4.18 -11.17
C LEU E 284 -12.90 -3.39 -12.17
N CYS E 285 -13.59 -2.90 -13.20
CA CYS E 285 -12.94 -2.21 -14.34
C CYS E 285 -13.64 -0.88 -14.63
N ILE E 286 -12.92 0.24 -14.52
CA ILE E 286 -13.53 1.57 -14.54
C ILE E 286 -13.07 2.36 -15.76
N LYS E 287 -14.07 2.87 -16.51
CA LYS E 287 -13.81 3.78 -17.60
C LYS E 287 -14.45 5.12 -17.26
N THR E 288 -13.65 6.19 -17.24
CA THR E 288 -14.13 7.48 -16.81
C THR E 288 -13.99 8.52 -17.90
N ALA E 289 -14.87 9.53 -17.89
CA ALA E 289 -14.86 10.55 -18.95
C ALA E 289 -13.93 11.71 -18.57
N ARG E 290 -14.05 12.16 -17.30
CA ARG E 290 -13.09 13.16 -16.79
C ARG E 290 -12.24 12.57 -15.65
N ILE E 291 -11.04 13.09 -15.47
CA ILE E 291 -10.27 12.78 -14.24
C ILE E 291 -10.59 13.84 -13.12
N TYR E 292 -11.33 13.41 -12.10
CA TYR E 292 -11.53 14.26 -10.95
C TYR E 292 -10.17 14.42 -10.16
N ASP E 293 -9.62 15.63 -10.17
CA ASP E 293 -8.46 15.95 -9.37
C ASP E 293 -8.73 17.09 -8.37
N ASP E 294 -8.91 16.74 -7.11
CA ASP E 294 -9.13 17.78 -6.08
C ASP E 294 -7.84 18.45 -5.75
N GLN E 295 -6.75 17.92 -6.32
CA GLN E 295 -5.38 18.35 -6.05
C GLN E 295 -5.06 18.12 -4.61
N GLY E 296 -5.68 17.08 -4.02
CA GLY E 296 -5.47 16.64 -2.60
C GLY E 296 -5.12 15.17 -2.63
N ARG E 297 -6.04 14.27 -2.31
CA ARG E 297 -5.72 12.85 -2.27
C ARG E 297 -6.40 12.01 -3.38
N ALA E 298 -7.08 12.70 -4.28
CA ALA E 298 -7.73 12.05 -5.42
C ALA E 298 -6.74 11.24 -6.29
N GLN E 299 -5.52 11.77 -6.51
CA GLN E 299 -4.49 11.05 -7.25
C GLN E 299 -4.03 9.75 -6.56
N GLU E 300 -3.93 9.85 -5.23
CA GLU E 300 -3.58 8.71 -4.43
C GLU E 300 -4.69 7.66 -4.49
N GLY E 301 -5.91 8.11 -4.53
CA GLY E 301 -7.10 7.26 -4.61
C GLY E 301 -7.15 6.44 -5.88
N LEU E 302 -6.72 7.03 -6.98
CA LEU E 302 -6.60 6.32 -8.23
C LEU E 302 -5.52 5.22 -8.15
N ARG E 303 -4.39 5.54 -7.52
CA ARG E 303 -3.33 4.58 -7.27
C ARG E 303 -3.80 3.45 -6.31
N THR E 304 -4.39 3.82 -5.20
CA THR E 304 -4.84 2.87 -4.17
C THR E 304 -5.85 1.93 -4.69
N LEU E 305 -6.82 2.44 -5.46
CA LEU E 305 -7.83 1.56 -6.10
C LEU E 305 -7.17 0.62 -7.13
N ALA E 306 -6.20 1.18 -7.88
CA ALA E 306 -5.40 0.56 -8.88
C ALA E 306 -4.56 -0.59 -8.33
N GLU E 307 -3.88 -0.32 -7.21
CA GLU E 307 -2.99 -1.28 -6.56
C GLU E 307 -3.79 -2.37 -5.86
N ALA E 308 -5.12 -2.17 -5.74
CA ALA E 308 -5.97 -3.15 -5.07
C ALA E 308 -6.47 -4.16 -6.05
N GLY E 309 -6.22 -3.92 -7.35
CA GLY E 309 -6.55 -4.88 -8.40
C GLY E 309 -7.41 -4.34 -9.51
N ALA E 310 -8.17 -3.29 -9.19
CA ALA E 310 -9.09 -2.62 -10.08
C ALA E 310 -8.41 -2.02 -11.31
N LYS E 311 -9.11 -2.07 -12.45
CA LYS E 311 -8.57 -1.62 -13.71
C LYS E 311 -9.22 -0.37 -14.28
N ILE E 312 -8.49 0.73 -14.24
CA ILE E 312 -8.98 2.09 -14.60
C ILE E 312 -8.32 2.54 -15.90
N SER E 313 -9.09 3.19 -16.76
CA SER E 313 -8.61 3.85 -17.96
C SER E 313 -9.60 4.92 -18.42
N ILE E 314 -9.15 5.80 -19.32
CA ILE E 314 -9.92 6.92 -19.82
C ILE E 314 -10.85 6.50 -20.96
N MET E 315 -12.09 6.98 -20.92
CA MET E 315 -13.07 6.68 -21.95
C MET E 315 -12.65 7.25 -23.27
N THR E 316 -12.60 6.42 -24.29
CA THR E 316 -12.26 6.84 -25.66
C THR E 316 -13.52 6.78 -26.53
N TYR E 317 -13.38 7.13 -27.81
CA TYR E 317 -14.54 7.15 -28.72
C TYR E 317 -15.35 5.86 -28.78
N SER E 318 -14.64 4.74 -28.61
CA SER E 318 -15.23 3.39 -28.54
C SER E 318 -16.24 3.27 -27.41
N GLU E 319 -15.90 3.83 -26.25
CA GLU E 319 -16.73 3.75 -25.05
C GLU E 319 -17.89 4.70 -25.13
N PHE E 320 -17.62 5.91 -25.66
CA PHE E 320 -18.64 6.93 -25.77
C PHE E 320 -19.75 6.53 -26.71
N LYS E 321 -19.36 5.83 -27.82
CA LYS E 321 -20.34 5.29 -28.74
C LYS E 321 -21.18 4.23 -28.02
N HIS E 322 -20.50 3.30 -27.34
CA HIS E 322 -21.12 2.15 -26.68
C HIS E 322 -22.13 2.57 -25.58
N CYS E 323 -21.76 3.58 -24.76
CA CYS E 323 -22.65 4.11 -23.71
C CYS E 323 -23.89 4.79 -24.31
N TRP E 324 -23.74 5.34 -25.50
CA TRP E 324 -24.88 5.89 -26.22
C TRP E 324 -25.71 4.78 -26.85
N ASP E 325 -25.10 3.66 -27.19
CA ASP E 325 -25.80 2.48 -27.76
C ASP E 325 -26.48 1.64 -26.68
N THR E 326 -26.14 1.90 -25.42
CA THR E 326 -26.63 1.07 -24.32
C THR E 326 -27.52 1.84 -23.36
N PHE E 327 -26.96 2.87 -22.73
CA PHE E 327 -27.59 3.49 -21.56
C PHE E 327 -28.37 4.77 -21.83
N VAL E 328 -28.61 5.10 -23.11
CA VAL E 328 -29.29 6.35 -23.43
C VAL E 328 -30.53 6.08 -24.30
N ASP E 329 -31.59 6.84 -24.03
CA ASP E 329 -32.83 6.78 -24.83
C ASP E 329 -32.71 7.65 -26.06
N HIS E 330 -31.78 7.25 -26.95
CA HIS E 330 -31.48 7.97 -28.19
C HIS E 330 -32.70 8.13 -29.11
N GLN E 331 -33.62 7.16 -29.00
CA GLN E 331 -34.86 7.11 -29.76
C GLN E 331 -34.62 7.16 -31.28
N GLY E 332 -33.48 6.62 -31.72
CA GLY E 332 -33.10 6.57 -33.12
C GLY E 332 -31.94 7.46 -33.55
N ALA E 333 -31.52 8.40 -32.70
CA ALA E 333 -30.41 9.29 -33.05
C ALA E 333 -29.07 8.62 -32.73
N PRO E 334 -28.16 8.50 -33.75
CA PRO E 334 -26.84 7.92 -33.49
C PRO E 334 -26.00 8.88 -32.68
N PHE E 335 -24.90 8.40 -32.09
CA PHE E 335 -24.08 9.22 -31.17
C PHE E 335 -23.39 10.34 -31.92
N GLN E 336 -23.64 11.60 -31.52
CA GLN E 336 -23.06 12.76 -32.24
C GLN E 336 -21.94 13.43 -31.44
N PRO E 337 -20.64 13.11 -31.81
CA PRO E 337 -19.45 13.47 -30.98
C PRO E 337 -19.23 14.98 -30.96
N TRP E 338 -18.58 15.46 -29.91
CA TRP E 338 -18.23 16.87 -29.79
C TRP E 338 -16.78 17.03 -30.26
N ASP E 339 -16.42 18.26 -30.63
CA ASP E 339 -15.06 18.55 -31.11
C ASP E 339 -14.09 18.45 -29.94
N GLY E 340 -13.04 17.67 -30.12
CA GLY E 340 -11.96 17.63 -29.10
C GLY E 340 -12.10 16.50 -28.12
N LEU E 341 -12.97 15.54 -28.43
CA LEU E 341 -13.26 14.39 -27.60
C LEU E 341 -12.08 13.41 -27.50
N ASP E 342 -11.39 13.25 -28.62
CA ASP E 342 -10.21 12.42 -28.75
C ASP E 342 -8.97 13.16 -28.22
N GLU E 343 -9.02 14.47 -28.38
CA GLU E 343 -7.96 15.38 -27.97
C GLU E 343 -7.88 15.39 -26.44
N HIS E 344 -9.04 15.55 -25.81
CA HIS E 344 -9.12 15.56 -24.35
C HIS E 344 -8.85 14.19 -23.77
N SER E 345 -9.34 13.16 -24.45
CA SER E 345 -9.09 11.78 -23.99
C SER E 345 -7.62 11.37 -24.16
N GLN E 346 -6.88 12.08 -24.98
CA GLN E 346 -5.46 11.82 -25.11
C GLN E 346 -4.62 12.43 -23.97
N ASP E 347 -4.86 13.72 -23.70
CA ASP E 347 -4.16 14.44 -22.61
C ASP E 347 -4.47 13.73 -21.29
N LEU E 348 -5.71 13.24 -21.14
CA LEU E 348 -6.16 12.55 -19.94
C LEU E 348 -5.51 11.20 -19.82
N SER E 349 -5.26 10.54 -20.95
CA SER E 349 -4.54 9.27 -20.97
C SER E 349 -3.08 9.49 -20.56
N GLY E 350 -2.51 10.63 -20.97
CA GLY E 350 -1.24 11.07 -20.44
C GLY E 350 -1.29 11.39 -18.96
N ARG E 351 -2.32 12.12 -18.54
CA ARG E 351 -2.51 12.54 -17.14
C ARG E 351 -2.73 11.29 -16.25
N LEU E 352 -3.44 10.27 -16.75
CA LEU E 352 -3.69 9.07 -15.95
C LEU E 352 -2.38 8.33 -15.82
N ARG E 353 -1.66 8.18 -16.93
CA ARG E 353 -0.38 7.46 -16.91
C ARG E 353 0.63 8.08 -15.92
N ALA E 354 0.58 9.40 -15.81
CA ALA E 354 1.42 10.16 -14.89
C ALA E 354 1.06 9.95 -13.41
N ILE E 355 -0.20 9.57 -13.18
CA ILE E 355 -0.70 9.37 -11.83
C ILE E 355 -0.21 8.06 -11.25
N LEU E 356 -0.32 7.00 -12.03
CA LEU E 356 0.11 5.65 -11.58
C LEU E 356 1.68 5.50 -11.41
N GLN E 357 2.41 6.49 -11.96
CA GLN E 357 3.84 6.54 -11.87
C GLN E 357 4.33 7.14 -10.53
N ASN E 358 3.74 8.26 -10.10
CA ASN E 358 4.08 8.92 -8.82
C ASN E 358 3.72 8.16 -7.54
N GLN F 7 18.06 -5.55 -11.10
CA GLN F 7 19.32 -6.27 -11.42
C GLN F 7 19.28 -6.56 -12.95
N LEU F 8 18.21 -7.23 -13.41
CA LEU F 8 18.10 -7.57 -14.79
C LEU F 8 17.15 -6.68 -15.58
N ASN F 9 16.08 -6.22 -14.90
CA ASN F 9 14.94 -5.57 -15.56
C ASN F 9 15.28 -4.31 -16.33
N GLU F 10 15.96 -3.37 -15.65
CA GLU F 10 16.32 -2.07 -16.26
C GLU F 10 17.47 -2.09 -17.22
N LEU F 11 18.27 -3.15 -17.21
CA LEU F 11 19.39 -3.32 -18.17
C LEU F 11 18.94 -3.22 -19.62
N LEU F 12 17.85 -3.92 -19.92
CA LEU F 12 17.28 -3.96 -21.28
C LEU F 12 16.37 -2.74 -21.62
N ASN F 13 16.06 -1.90 -20.63
CA ASN F 13 15.30 -0.69 -20.84
C ASN F 13 16.14 0.47 -21.43
N ALA F 14 17.22 0.87 -20.73
CA ALA F 14 17.96 2.12 -21.06
C ALA F 14 18.76 2.06 -22.38
N GLY F 15 18.90 0.85 -22.92
CA GLY F 15 19.38 0.63 -24.30
C GLY F 15 20.70 -0.07 -24.22
N GLU F 16 21.64 0.64 -23.59
CA GLU F 16 23.00 0.12 -23.38
C GLU F 16 23.13 -0.50 -22.00
N TYR F 17 23.74 -1.69 -21.94
CA TYR F 17 24.01 -2.39 -20.67
C TYR F 17 25.31 -3.16 -20.74
N LYS F 18 26.04 -3.22 -19.62
CA LYS F 18 27.27 -3.98 -19.53
C LYS F 18 27.07 -5.39 -19.04
N ILE F 19 27.78 -6.32 -19.66
CA ILE F 19 27.96 -7.69 -19.12
C ILE F 19 29.41 -8.12 -19.33
N GLY F 20 30.01 -8.69 -18.30
CA GLY F 20 31.39 -9.12 -18.38
C GLY F 20 32.19 -7.83 -18.39
N GLU F 21 32.80 -7.56 -19.56
CA GLU F 21 33.47 -6.29 -19.81
C GLU F 21 32.97 -5.63 -21.12
N LEU F 22 32.11 -6.37 -21.83
CA LEU F 22 31.52 -5.86 -23.08
C LEU F 22 30.19 -5.10 -22.83
N THR F 23 30.03 -3.96 -23.47
CA THR F 23 28.81 -3.18 -23.42
C THR F 23 27.89 -3.47 -24.60
N PHE F 24 26.69 -3.89 -24.29
CA PHE F 24 25.72 -4.33 -25.31
C PHE F 24 24.62 -3.31 -25.56
N GLN F 25 24.02 -3.41 -26.73
CA GLN F 25 22.82 -2.67 -27.06
C GLN F 25 21.64 -3.63 -27.24
N SER F 26 20.46 -3.29 -26.66
CA SER F 26 19.26 -4.08 -26.94
C SER F 26 18.85 -4.00 -28.42
N ILE F 27 18.16 -5.06 -28.87
CA ILE F 27 17.83 -5.20 -30.29
C ILE F 27 16.81 -4.13 -30.74
N ARG F 28 15.82 -3.90 -29.89
CA ARG F 28 14.79 -2.91 -30.20
C ARG F 28 15.38 -1.53 -30.39
N SER F 29 16.24 -1.11 -29.44
CA SER F 29 16.91 0.17 -29.52
C SER F 29 17.84 0.22 -30.70
N SER F 30 18.41 -0.95 -31.04
CA SER F 30 19.33 -1.08 -32.16
C SER F 30 18.64 -0.90 -33.49
N GLN F 31 17.34 -1.19 -33.55
CA GLN F 31 16.63 -0.99 -34.83
C GLN F 31 16.38 0.50 -35.20
N GLU F 32 16.72 1.39 -34.27
CA GLU F 32 16.88 2.82 -34.59
C GLU F 32 18.28 3.12 -35.14
N LEU F 33 18.57 4.35 -35.52
CA LEU F 33 19.84 4.68 -36.15
C LEU F 33 20.35 6.13 -35.96
N GLN F 34 21.65 6.34 -36.17
CA GLN F 34 22.14 7.64 -36.64
C GLN F 34 22.84 7.43 -38.03
N LYS F 35 22.92 8.49 -38.83
CA LYS F 35 23.30 8.40 -40.26
C LYS F 35 24.64 7.69 -40.56
N LYS F 36 25.61 7.83 -39.64
CA LYS F 36 26.98 7.27 -39.80
C LYS F 36 26.97 5.88 -39.18
N ASN F 37 27.98 5.08 -39.48
CA ASN F 37 28.02 3.71 -39.03
C ASN F 37 28.43 3.55 -37.57
N THR F 38 27.61 2.76 -36.85
CA THR F 38 27.88 2.53 -35.43
C THR F 38 28.06 1.07 -35.17
N ILE F 39 29.12 0.74 -34.43
CA ILE F 39 29.58 -0.65 -34.33
C ILE F 39 29.20 -1.06 -32.94
N VAL F 40 28.29 -2.04 -32.84
CA VAL F 40 27.67 -2.34 -31.55
C VAL F 40 27.88 -3.78 -31.18
N ASN F 41 27.69 -4.06 -29.90
CA ASN F 41 27.70 -5.43 -29.45
C ASN F 41 26.31 -5.90 -29.20
N LEU F 42 26.08 -7.13 -29.63
CA LEU F 42 24.77 -7.73 -29.52
C LEU F 42 24.78 -8.99 -28.72
N PHE F 43 23.61 -9.40 -28.19
CA PHE F 43 23.46 -10.62 -27.36
C PHE F 43 21.98 -10.93 -27.26
N GLY F 44 21.58 -12.06 -27.86
CA GLY F 44 20.17 -12.38 -28.06
C GLY F 44 19.96 -13.86 -28.35
N ILE F 45 18.82 -14.16 -28.99
CA ILE F 45 18.46 -15.55 -29.34
C ILE F 45 18.29 -15.69 -30.87
N VAL F 46 18.83 -16.76 -31.46
CA VAL F 46 18.58 -17.08 -32.87
C VAL F 46 17.08 -17.40 -33.15
N LYS F 47 16.37 -16.40 -33.67
CA LYS F 47 14.96 -16.65 -34.01
C LYS F 47 14.84 -17.46 -35.33
N ASP F 48 15.78 -17.21 -36.25
CA ASP F 48 15.95 -17.99 -37.47
C ASP F 48 17.38 -17.73 -37.97
N PHE F 49 17.94 -18.71 -38.71
CA PHE F 49 19.29 -18.60 -39.27
C PHE F 49 19.38 -19.21 -40.65
N THR F 50 20.45 -18.92 -41.37
CA THR F 50 20.71 -19.50 -42.70
C THR F 50 22.08 -20.11 -42.70
N PRO F 51 22.21 -21.38 -43.08
CA PRO F 51 23.50 -22.10 -43.12
C PRO F 51 24.55 -21.34 -43.90
N SER F 52 25.81 -21.58 -43.52
CA SER F 52 26.96 -20.93 -44.08
C SER F 52 27.21 -21.41 -45.50
N ARG F 53 26.80 -20.60 -46.47
CA ARG F 53 27.12 -20.86 -47.85
C ARG F 53 28.06 -19.82 -48.37
N GLN F 54 28.81 -20.13 -49.41
CA GLN F 54 29.76 -19.19 -50.00
C GLN F 54 29.04 -18.23 -50.93
N SER F 55 29.39 -16.96 -50.87
CA SER F 55 28.81 -15.94 -51.76
C SER F 55 29.27 -16.14 -53.18
N LEU F 56 28.45 -15.69 -54.15
CA LEU F 56 28.73 -15.88 -55.53
C LEU F 56 29.19 -14.64 -56.18
N HIS F 57 29.01 -13.50 -55.55
CA HIS F 57 29.45 -12.23 -56.19
C HIS F 57 30.35 -11.35 -55.31
N GLY F 58 30.90 -10.32 -55.88
CA GLY F 58 31.69 -9.32 -55.16
C GLY F 58 32.96 -9.96 -54.67
N THR F 59 33.28 -9.79 -53.40
CA THR F 59 34.51 -10.38 -52.89
C THR F 59 34.31 -11.86 -52.56
N LYS F 60 33.09 -12.36 -52.72
CA LYS F 60 32.78 -13.77 -52.60
C LYS F 60 33.14 -14.40 -51.27
N ASP F 61 32.91 -13.65 -50.19
CA ASP F 61 33.15 -14.09 -48.80
C ASP F 61 32.07 -15.12 -48.38
N TRP F 62 32.41 -15.97 -47.41
CA TRP F 62 31.39 -16.86 -46.84
C TRP F 62 30.48 -16.05 -45.96
N VAL F 63 29.19 -16.46 -45.90
CA VAL F 63 28.16 -15.73 -45.17
C VAL F 63 27.16 -16.62 -44.51
N THR F 64 26.84 -16.31 -43.23
CA THR F 64 25.73 -16.89 -42.53
C THR F 64 24.84 -15.76 -42.11
N THR F 65 23.54 -15.96 -42.15
CA THR F 65 22.57 -14.85 -41.91
C THR F 65 21.73 -15.24 -40.67
N VAL F 66 21.60 -14.30 -39.72
CA VAL F 66 20.85 -14.55 -38.51
C VAL F 66 19.74 -13.51 -38.28
N TYR F 67 18.77 -13.87 -37.45
CA TYR F 67 17.81 -12.93 -36.91
C TYR F 67 17.86 -12.93 -35.39
N LEU F 68 18.45 -11.95 -34.80
CA LEU F 68 18.52 -11.91 -33.34
C LEU F 68 17.28 -11.33 -32.74
N TRP F 69 16.91 -11.95 -31.63
CA TRP F 69 15.76 -11.49 -30.89
C TRP F 69 16.19 -11.36 -29.43
N ASP F 70 15.57 -10.45 -28.69
CA ASP F 70 15.64 -10.35 -27.23
C ASP F 70 14.31 -9.73 -26.72
N PRO F 71 14.00 -9.87 -25.42
CA PRO F 71 12.72 -9.45 -24.83
C PRO F 71 12.19 -8.12 -25.31
N THR F 72 13.11 -7.20 -25.67
CA THR F 72 12.80 -5.83 -26.07
C THR F 72 12.07 -5.84 -27.40
N CYS F 73 12.25 -6.90 -28.24
CA CYS F 73 11.40 -7.14 -29.43
C CYS F 73 10.13 -7.88 -29.06
N ASP F 74 9.03 -7.48 -29.69
CA ASP F 74 7.75 -8.17 -29.39
C ASP F 74 7.75 -9.59 -29.96
N THR F 75 6.73 -10.36 -29.56
CA THR F 75 6.54 -11.77 -29.98
C THR F 75 6.47 -11.88 -31.51
N SER F 76 5.61 -11.04 -32.13
CA SER F 76 5.36 -11.06 -33.56
C SER F 76 6.53 -10.54 -34.43
N SER F 77 7.47 -9.80 -33.83
CA SER F 77 8.66 -9.26 -34.52
C SER F 77 9.58 -10.39 -35.04
N ILE F 78 10.04 -10.19 -36.25
CA ILE F 78 10.97 -11.08 -36.98
C ILE F 78 12.36 -11.18 -36.28
N GLY F 79 12.85 -10.03 -35.76
CA GLY F 79 14.19 -9.89 -35.25
C GLY F 79 15.10 -9.03 -36.14
N LEU F 80 16.34 -8.80 -35.70
CA LEU F 80 17.28 -8.00 -36.45
C LEU F 80 18.07 -8.85 -37.43
N GLN F 81 18.08 -8.41 -38.67
CA GLN F 81 18.69 -9.17 -39.76
C GLN F 81 20.16 -8.87 -39.64
N ILE F 82 21.00 -9.92 -39.60
CA ILE F 82 22.43 -9.71 -39.54
C ILE F 82 23.17 -10.58 -40.53
N HIS F 83 24.00 -9.97 -41.36
CA HIS F 83 24.85 -10.80 -42.24
C HIS F 83 26.26 -11.02 -41.64
N LEU F 84 26.63 -12.24 -41.37
CA LEU F 84 27.99 -12.50 -40.83
C LEU F 84 28.92 -12.99 -41.99
N PHE F 85 29.99 -12.20 -42.27
CA PHE F 85 30.87 -12.53 -43.35
C PHE F 85 32.25 -12.97 -42.83
N SER F 86 33.00 -13.71 -43.67
CA SER F 86 34.38 -14.14 -43.36
C SER F 86 35.11 -14.58 -44.60
N LYS F 87 36.43 -14.37 -44.64
CA LYS F 87 37.30 -14.94 -45.69
C LYS F 87 37.22 -16.49 -45.78
N GLN F 88 37.59 -17.12 -44.67
CA GLN F 88 37.75 -18.57 -44.57
C GLN F 88 36.41 -19.26 -44.66
N GLY F 89 35.50 -18.86 -43.80
CA GLY F 89 34.13 -19.30 -43.82
C GLY F 89 33.88 -20.45 -42.94
N ASN F 90 34.93 -21.29 -42.77
CA ASN F 90 34.84 -22.38 -41.79
C ASN F 90 35.22 -21.81 -40.43
N ASP F 91 35.21 -20.52 -40.24
CA ASP F 91 35.25 -19.89 -38.94
C ASP F 91 33.90 -19.20 -38.56
N LEU F 92 32.90 -19.30 -39.43
CA LEU F 92 31.57 -18.78 -39.06
C LEU F 92 30.82 -19.69 -38.07
N PRO F 93 29.96 -19.12 -37.19
CA PRO F 93 29.28 -19.91 -36.17
C PRO F 93 28.48 -21.01 -36.80
N VAL F 94 28.57 -22.20 -36.24
CA VAL F 94 27.78 -23.33 -36.73
C VAL F 94 26.62 -23.49 -35.82
N ILE F 95 25.49 -22.88 -36.20
CA ILE F 95 24.24 -22.87 -35.41
C ILE F 95 23.42 -24.03 -35.87
N LYS F 96 22.90 -24.88 -34.99
CA LYS F 96 22.13 -26.07 -35.39
C LYS F 96 20.63 -26.02 -35.28
N GLN F 97 20.13 -25.25 -34.34
CA GLN F 97 18.70 -24.94 -34.33
C GLN F 97 18.37 -23.57 -33.73
N VAL F 98 17.14 -23.13 -34.02
CA VAL F 98 16.52 -21.93 -33.54
C VAL F 98 16.32 -21.99 -32.06
N GLY F 99 16.85 -21.00 -31.36
CA GLY F 99 16.73 -21.01 -29.89
C GLY F 99 18.09 -20.90 -29.20
N GLN F 100 19.17 -20.97 -29.97
CA GLN F 100 20.50 -20.88 -29.37
C GLN F 100 20.83 -19.44 -28.99
N PRO F 101 21.34 -19.23 -27.75
CA PRO F 101 21.86 -17.94 -27.34
C PRO F 101 23.11 -17.57 -28.14
N LEU F 102 23.22 -16.29 -28.53
CA LEU F 102 24.30 -15.86 -29.40
C LEU F 102 24.83 -14.49 -28.97
N LEU F 103 26.18 -14.42 -28.76
CA LEU F 103 26.85 -13.20 -28.38
C LEU F 103 27.68 -12.67 -29.52
N LEU F 104 27.34 -11.52 -30.08
CA LEU F 104 28.08 -10.99 -31.25
C LEU F 104 28.90 -9.82 -30.85
N HIS F 105 30.15 -9.81 -31.27
CA HIS F 105 31.11 -8.78 -30.91
C HIS F 105 31.56 -7.90 -32.11
N GLN F 106 31.27 -6.60 -32.03
CA GLN F 106 31.48 -5.69 -33.15
C GLN F 106 30.67 -5.99 -34.44
N ILE F 107 29.38 -5.69 -34.36
CA ILE F 107 28.47 -5.68 -35.52
C ILE F 107 28.07 -4.26 -35.97
N THR F 108 28.35 -3.88 -37.22
CA THR F 108 28.00 -2.53 -37.75
C THR F 108 26.53 -2.43 -38.03
N LEU F 109 25.92 -1.28 -37.72
CA LEU F 109 24.48 -1.08 -37.84
C LEU F 109 24.22 -0.02 -38.87
N ARG F 110 23.40 -0.34 -39.88
CA ARG F 110 23.11 0.64 -40.94
C ARG F 110 21.76 0.38 -41.57
N SER F 111 21.24 1.32 -42.36
CA SER F 111 19.92 1.10 -42.97
C SER F 111 20.04 0.31 -44.28
N TYR F 112 19.05 -0.54 -44.52
CA TYR F 112 18.82 -1.14 -45.80
C TYR F 112 17.32 -1.15 -46.07
N ARG F 113 16.90 -0.22 -46.96
CA ARG F 113 15.52 -0.18 -47.44
C ARG F 113 14.65 0.13 -46.28
N ASP F 114 15.03 1.17 -45.52
CA ASP F 114 14.27 1.63 -44.31
C ASP F 114 13.92 0.48 -43.31
N ARG F 115 14.96 -0.16 -42.86
CA ARG F 115 14.98 -1.06 -41.71
C ARG F 115 16.44 -1.09 -41.33
N THR F 116 16.76 -1.50 -40.13
CA THR F 116 18.14 -1.54 -39.72
C THR F 116 18.56 -2.95 -40.13
N GLN F 117 19.72 -3.08 -40.72
CA GLN F 117 20.38 -4.42 -40.55
C GLN F 117 21.77 -4.31 -39.91
N GLY F 118 22.25 -5.44 -39.42
CA GLY F 118 23.66 -5.50 -39.10
C GLY F 118 24.55 -6.18 -40.12
N LEU F 119 25.70 -5.54 -40.32
CA LEU F 119 26.78 -6.25 -41.04
C LEU F 119 27.96 -6.57 -40.04
N SER F 120 28.50 -7.76 -40.10
CA SER F 120 29.74 -8.15 -39.32
C SER F 120 30.95 -7.39 -39.72
N LYS F 121 31.71 -6.86 -38.75
CA LYS F 121 33.03 -6.24 -39.05
C LYS F 121 34.00 -7.37 -39.28
N ASP F 122 35.16 -7.11 -39.86
CA ASP F 122 36.11 -8.16 -40.16
C ASP F 122 36.51 -8.87 -38.84
N GLN F 123 36.75 -8.04 -37.77
CA GLN F 123 37.30 -8.51 -36.54
C GLN F 123 36.29 -9.25 -35.62
N PHE F 124 35.06 -9.44 -36.11
CA PHE F 124 33.92 -9.73 -35.26
C PHE F 124 34.13 -11.07 -34.66
N ARG F 125 33.71 -11.17 -33.38
CA ARG F 125 33.78 -12.41 -32.60
C ARG F 125 32.41 -12.79 -32.21
N TYR F 126 32.26 -14.03 -31.73
CA TYR F 126 30.94 -14.53 -31.33
C TYR F 126 31.14 -15.51 -30.22
N ALA F 127 30.05 -15.99 -29.64
CA ALA F 127 30.06 -17.10 -28.67
C ALA F 127 28.68 -17.70 -28.69
N LEU F 128 28.64 -19.04 -28.80
CA LEU F 128 27.41 -19.78 -28.89
C LEU F 128 27.14 -20.60 -27.62
N TRP F 129 25.86 -20.95 -27.46
CA TRP F 129 25.36 -21.76 -26.35
C TRP F 129 24.27 -22.68 -26.87
N PRO F 130 24.11 -23.86 -26.23
CA PRO F 130 23.06 -24.81 -26.65
C PRO F 130 21.66 -24.32 -26.27
N ASP F 131 20.63 -24.76 -27.00
CA ASP F 131 19.25 -24.41 -26.66
C ASP F 131 18.90 -25.16 -25.39
N PHE F 132 19.09 -24.51 -24.25
CA PHE F 132 19.01 -25.21 -22.96
C PHE F 132 17.63 -25.89 -22.72
N SER F 133 16.57 -25.25 -23.19
CA SER F 133 15.22 -25.73 -22.98
C SER F 133 14.68 -26.51 -24.19
N SER F 134 15.59 -27.07 -24.97
CA SER F 134 15.17 -27.97 -26.06
C SER F 134 15.01 -29.36 -25.56
N ASN F 135 14.59 -30.30 -26.41
CA ASN F 135 14.56 -31.72 -25.97
C ASN F 135 15.90 -32.44 -26.03
N SER F 136 16.79 -31.90 -26.88
CA SER F 136 18.13 -32.42 -27.08
C SER F 136 19.07 -31.70 -26.15
N LYS F 137 20.15 -32.40 -25.77
CA LYS F 137 21.24 -31.76 -25.04
C LYS F 137 22.16 -31.00 -26.00
N ASP F 138 22.63 -31.71 -27.02
CA ASP F 138 23.66 -31.26 -27.92
C ASP F 138 23.02 -30.52 -29.12
N THR F 139 22.33 -29.42 -28.84
CA THR F 139 21.97 -28.51 -29.92
C THR F 139 23.17 -27.69 -30.41
N LEU F 140 24.19 -27.60 -29.57
CA LEU F 140 25.48 -26.93 -29.82
C LEU F 140 26.53 -27.92 -30.26
N CYS F 141 26.94 -27.83 -31.51
CA CYS F 141 28.06 -28.68 -32.00
C CYS F 141 29.41 -27.94 -31.90
N PRO F 142 30.56 -28.69 -31.87
CA PRO F 142 31.90 -28.12 -31.76
C PRO F 142 32.17 -26.95 -32.76
N GLN F 143 32.39 -25.76 -32.23
CA GLN F 143 32.51 -24.52 -33.02
C GLN F 143 33.96 -24.32 -33.53
N PRO F 144 34.11 -23.65 -34.72
CA PRO F 144 35.41 -23.17 -35.21
C PRO F 144 36.17 -22.32 -34.17
N MET F 145 37.47 -22.54 -34.06
CA MET F 145 38.27 -21.90 -33.03
C MET F 145 38.63 -20.40 -33.22
N PRO F 146 38.85 -19.93 -34.51
CA PRO F 146 39.46 -18.59 -34.68
C PRO F 146 38.59 -17.43 -34.18
N ARG F 147 37.28 -17.52 -34.44
CA ARG F 147 36.37 -16.43 -34.07
C ARG F 147 35.63 -16.61 -32.75
N LEU F 148 35.92 -17.71 -32.08
CA LEU F 148 35.21 -18.05 -30.88
C LEU F 148 35.80 -17.28 -29.68
N MET F 149 34.96 -16.92 -28.70
CA MET F 149 35.43 -16.25 -27.48
C MET F 149 35.37 -17.14 -26.23
N LYS F 150 36.42 -17.07 -25.36
CA LYS F 150 36.29 -17.55 -23.96
C LYS F 150 35.45 -16.54 -23.16
N THR F 151 34.28 -17.04 -22.81
CA THR F 151 33.29 -16.33 -22.01
C THR F 151 33.40 -16.90 -20.59
N GLY F 152 32.72 -16.26 -19.65
CA GLY F 152 32.75 -16.66 -18.26
C GLY F 152 31.41 -17.08 -17.69
N ASP F 153 31.25 -16.87 -16.38
CA ASP F 153 30.05 -17.25 -15.65
C ASP F 153 28.90 -16.28 -15.91
N LYS F 154 29.20 -14.98 -15.92
CA LYS F 154 28.16 -13.94 -16.05
C LYS F 154 27.39 -14.07 -17.37
N GLU F 155 28.08 -14.19 -18.52
CA GLU F 155 27.44 -14.36 -19.81
C GLU F 155 26.81 -15.75 -20.02
N GLU F 156 27.12 -16.72 -19.16
CA GLU F 156 26.37 -17.97 -19.12
C GLU F 156 25.00 -17.72 -18.46
N GLN F 157 24.97 -17.04 -17.32
CA GLN F 157 23.72 -16.78 -16.61
C GLN F 157 22.82 -15.92 -17.47
N PHE F 158 23.40 -14.91 -18.14
CA PHE F 158 22.65 -14.06 -19.03
C PHE F 158 22.09 -14.84 -20.24
N ALA F 159 22.86 -15.74 -20.79
CA ALA F 159 22.47 -16.49 -21.97
C ALA F 159 21.36 -17.43 -21.62
N LEU F 160 21.51 -18.15 -20.50
CA LEU F 160 20.49 -19.08 -20.03
C LEU F 160 19.20 -18.32 -19.68
N LEU F 161 19.32 -17.13 -19.08
CA LEU F 161 18.20 -16.23 -18.84
C LEU F 161 17.47 -15.90 -20.11
N LEU F 162 18.16 -15.42 -21.12
CA LEU F 162 17.54 -15.15 -22.44
C LEU F 162 16.85 -16.39 -23.01
N ASN F 163 17.50 -17.56 -22.94
CA ASN F 163 16.93 -18.84 -23.42
C ASN F 163 15.66 -19.19 -22.67
N LYS F 164 15.69 -18.97 -21.37
CA LYS F 164 14.60 -19.28 -20.47
C LYS F 164 13.39 -18.38 -20.87
N ILE F 165 13.62 -17.09 -21.02
CA ILE F 165 12.60 -16.14 -21.47
C ILE F 165 12.03 -16.50 -22.86
N TRP F 166 12.90 -16.90 -23.79
CA TRP F 166 12.52 -17.27 -25.14
C TRP F 166 11.60 -18.46 -25.17
N ASP F 167 11.98 -19.52 -24.49
CA ASP F 167 11.21 -20.76 -24.51
C ASP F 167 9.88 -20.56 -23.83
N GLU F 168 9.88 -19.77 -22.77
CA GLU F 168 8.68 -19.50 -21.98
C GLU F 168 7.85 -18.42 -22.71
N GLN F 169 8.00 -18.35 -24.04
CA GLN F 169 7.30 -17.43 -24.92
C GLN F 169 7.08 -18.11 -26.27
N THR F 170 7.85 -19.13 -26.58
CA THR F 170 7.72 -19.81 -27.86
C THR F 170 7.52 -21.33 -27.74
N ASN F 171 7.01 -21.81 -26.60
CA ASN F 171 6.75 -23.25 -26.45
C ASN F 171 5.49 -23.48 -25.63
N HIS F 172 4.37 -23.57 -26.35
CA HIS F 172 3.04 -23.60 -25.76
C HIS F 172 2.61 -24.98 -25.36
N SER F 173 2.98 -25.99 -26.14
CA SER F 173 2.66 -27.39 -25.93
C SER F 173 3.37 -28.08 -24.75
N MET F 174 2.64 -28.95 -24.05
CA MET F 174 3.23 -29.82 -23.03
C MET F 174 2.87 -31.27 -23.26
N ASP F 175 3.70 -32.12 -22.67
CA ASP F 175 3.59 -33.56 -22.73
C ASP F 175 2.29 -34.04 -22.03
N PRO F 176 1.43 -34.79 -22.77
CA PRO F 176 0.18 -35.31 -22.21
C PRO F 176 0.33 -36.24 -20.95
N PRO F 177 1.31 -37.19 -20.91
CA PRO F 177 1.40 -37.94 -19.63
C PRO F 177 1.83 -37.07 -18.44
N THR F 178 2.58 -36.01 -18.73
CA THR F 178 2.97 -35.03 -17.73
C THR F 178 1.75 -34.26 -17.25
N PHE F 179 0.86 -33.89 -18.17
CA PHE F 179 -0.38 -33.19 -17.86
C PHE F 179 -1.28 -34.00 -16.97
N THR F 180 -1.37 -35.29 -17.22
CA THR F 180 -2.30 -36.19 -16.44
C THR F 180 -1.82 -36.31 -15.03
N PHE F 181 -0.50 -36.47 -14.87
CA PHE F 181 0.08 -36.77 -13.59
C PHE F 181 0.05 -35.58 -12.66
N ASN F 182 0.51 -34.41 -13.16
CA ASN F 182 0.60 -33.21 -12.33
C ASN F 182 -0.73 -32.52 -12.12
N PHE F 183 -1.65 -32.64 -13.08
CA PHE F 183 -2.96 -32.00 -12.91
C PHE F 183 -4.03 -32.90 -12.28
N ASN F 184 -3.61 -34.02 -11.70
CA ASN F 184 -4.50 -34.91 -11.01
C ASN F 184 -5.05 -34.20 -9.81
N ASN F 185 -6.35 -33.90 -9.82
CA ASN F 185 -6.97 -33.06 -8.75
C ASN F 185 -7.45 -33.81 -7.52
N GLU F 186 -6.85 -34.98 -7.26
CA GLU F 186 -7.17 -35.67 -6.00
C GLU F 186 -6.55 -34.93 -4.84
N PRO F 187 -7.32 -34.60 -3.78
CA PRO F 187 -6.90 -33.86 -2.61
C PRO F 187 -5.50 -34.24 -2.06
N TRP F 188 -5.25 -35.53 -1.86
CA TRP F 188 -3.94 -35.98 -1.41
C TRP F 188 -3.23 -36.92 -2.39
N VAL F 189 -2.14 -36.44 -2.99
CA VAL F 189 -1.38 -37.29 -3.93
C VAL F 189 0.12 -37.49 -3.60
N ARG F 190 0.76 -38.56 -4.08
CA ARG F 190 2.26 -38.67 -4.07
C ARG F 190 2.88 -38.51 -5.45
N GLY F 191 4.00 -37.79 -5.56
CA GLY F 191 4.73 -37.82 -6.75
C GLY F 191 4.79 -36.44 -7.39
N ARG F 192 4.08 -35.47 -6.77
CA ARG F 192 3.92 -34.19 -7.42
C ARG F 192 4.90 -33.14 -6.92
N HIS F 193 6.19 -33.43 -7.07
CA HIS F 193 7.32 -32.68 -6.47
C HIS F 193 7.52 -31.38 -7.27
N GLU F 194 6.72 -31.16 -8.33
CA GLU F 194 6.80 -29.92 -9.01
C GLU F 194 5.49 -29.09 -8.96
N THR F 195 5.52 -27.82 -9.31
CA THR F 195 4.24 -27.12 -9.53
C THR F 195 4.18 -26.77 -11.00
N TYR F 196 3.10 -27.16 -11.66
CA TYR F 196 2.90 -26.79 -13.08
C TYR F 196 1.93 -25.63 -13.17
N LEU F 197 2.32 -24.64 -13.96
CA LEU F 197 1.59 -23.44 -14.06
C LEU F 197 1.50 -23.00 -15.53
N CYS F 198 0.25 -23.05 -16.04
CA CYS F 198 -0.02 -22.67 -17.45
C CYS F 198 -0.76 -21.35 -17.45
N TYR F 199 -0.20 -20.33 -18.14
CA TYR F 199 -0.74 -19.00 -18.06
C TYR F 199 -1.22 -18.42 -19.39
N GLU F 200 -2.29 -17.61 -19.33
CA GLU F 200 -2.77 -16.90 -20.51
C GLU F 200 -2.88 -15.44 -20.21
N VAL F 201 -2.72 -14.63 -21.24
CA VAL F 201 -2.78 -13.20 -21.08
C VAL F 201 -3.87 -12.64 -22.02
N GLU F 202 -4.62 -11.65 -21.54
CA GLU F 202 -5.78 -11.13 -22.26
C GLU F 202 -5.67 -9.61 -22.36
N ARG F 203 -5.80 -9.08 -23.58
CA ARG F 203 -5.52 -7.65 -23.86
C ARG F 203 -6.81 -6.84 -23.88
N MET F 204 -6.75 -5.58 -23.44
CA MET F 204 -7.93 -4.71 -23.42
C MET F 204 -8.10 -3.94 -24.73
N HIS F 205 -9.10 -4.32 -25.52
CA HIS F 205 -9.43 -3.60 -26.77
C HIS F 205 -10.90 -3.91 -27.16
N ASN F 206 -11.64 -2.91 -27.64
CA ASN F 206 -13.09 -3.05 -27.91
C ASN F 206 -13.93 -3.41 -26.68
N ASP F 207 -13.57 -2.81 -25.53
CA ASP F 207 -14.31 -2.98 -24.25
C ASP F 207 -14.43 -4.46 -23.75
N THR F 208 -13.65 -5.36 -24.36
CA THR F 208 -13.63 -6.80 -24.02
C THR F 208 -12.24 -7.37 -24.31
N TRP F 209 -11.83 -8.38 -23.55
CA TRP F 209 -10.54 -9.05 -23.76
C TRP F 209 -10.38 -9.63 -25.16
N VAL F 210 -9.31 -9.22 -25.83
CA VAL F 210 -8.81 -9.86 -27.04
C VAL F 210 -8.08 -11.14 -26.63
N LYS F 211 -8.61 -12.29 -27.04
CA LYS F 211 -8.03 -13.61 -26.75
C LYS F 211 -6.60 -13.71 -27.27
N LEU F 212 -5.64 -13.95 -26.37
CA LEU F 212 -4.23 -13.96 -26.81
C LEU F 212 -3.58 -15.34 -26.78
N ASN F 213 -3.53 -15.95 -27.97
CA ASN F 213 -3.09 -17.31 -28.20
C ASN F 213 -1.55 -17.35 -28.27
N GLN F 214 -0.98 -16.36 -28.95
CA GLN F 214 0.47 -16.17 -29.13
C GLN F 214 1.18 -15.76 -27.82
N ARG F 215 0.40 -15.21 -26.87
CA ARG F 215 0.89 -14.66 -25.62
C ARG F 215 0.66 -15.65 -24.48
N ARG F 216 0.49 -16.93 -24.81
CA ARG F 216 0.42 -17.99 -23.82
C ARG F 216 1.83 -18.53 -23.43
N GLY F 217 1.90 -19.23 -22.31
CA GLY F 217 3.13 -19.96 -21.92
C GLY F 217 2.87 -20.84 -20.69
N PHE F 218 3.81 -21.73 -20.40
CA PHE F 218 3.74 -22.58 -19.22
C PHE F 218 5.11 -22.86 -18.63
N LEU F 219 5.18 -23.20 -17.36
CA LEU F 219 6.46 -23.52 -16.71
C LEU F 219 6.36 -24.39 -15.48
N ALA F 220 7.44 -24.94 -15.00
CA ALA F 220 7.49 -25.88 -13.86
C ALA F 220 8.64 -25.41 -12.90
N ASN F 221 8.57 -25.76 -11.63
CA ASN F 221 9.42 -25.10 -10.62
C ASN F 221 10.94 -25.31 -10.64
N GLN F 222 11.36 -26.56 -10.60
CA GLN F 222 12.79 -26.99 -10.63
C GLN F 222 13.81 -26.06 -11.40
N ALA F 223 15.05 -26.05 -10.92
CA ALA F 223 16.14 -25.35 -11.65
C ALA F 223 16.58 -26.13 -12.93
N PRO F 224 16.58 -25.49 -14.11
CA PRO F 224 16.78 -26.18 -15.39
C PRO F 224 18.16 -25.99 -16.02
N GLU F 231 19.23 -21.69 -9.58
CA GLU F 231 17.76 -21.69 -9.50
C GLU F 231 17.28 -22.77 -8.51
N GLY F 232 16.04 -23.24 -8.69
CA GLY F 232 15.51 -24.26 -7.82
C GLY F 232 14.47 -23.63 -6.88
N ARG F 233 13.97 -22.48 -7.28
CA ARG F 233 12.82 -21.87 -6.67
C ARG F 233 11.56 -22.50 -7.25
N HIS F 234 10.48 -22.11 -6.64
CA HIS F 234 9.14 -22.57 -6.97
C HIS F 234 8.64 -21.91 -8.26
N ALA F 235 7.70 -22.59 -8.89
CA ALA F 235 7.10 -22.19 -10.14
C ALA F 235 6.34 -20.87 -10.05
N GLU F 236 5.76 -20.55 -8.88
CA GLU F 236 5.11 -19.22 -8.68
C GLU F 236 6.11 -18.05 -8.87
N LEU F 237 7.33 -18.24 -8.34
CA LEU F 237 8.38 -17.27 -8.45
C LEU F 237 8.90 -17.17 -9.86
N CYS F 238 9.11 -18.30 -10.50
CA CYS F 238 9.65 -18.31 -11.89
C CYS F 238 8.68 -17.65 -12.83
N PHE F 239 7.39 -17.76 -12.54
CA PHE F 239 6.38 -17.10 -13.37
C PHE F 239 6.43 -15.61 -13.18
N LEU F 240 6.65 -15.13 -11.93
CA LEU F 240 6.70 -13.69 -11.69
C LEU F 240 7.98 -13.03 -12.24
N ASP F 241 9.01 -13.82 -12.48
CA ASP F 241 10.26 -13.30 -13.01
C ASP F 241 10.17 -12.88 -14.43
N VAL F 242 9.39 -13.62 -15.21
CA VAL F 242 9.27 -13.42 -16.66
C VAL F 242 8.21 -12.41 -17.02
N ILE F 243 7.38 -12.02 -16.05
CA ILE F 243 6.33 -10.99 -16.26
C ILE F 243 6.85 -9.61 -16.73
N PRO F 244 7.91 -9.05 -16.09
CA PRO F 244 8.41 -7.77 -16.57
C PRO F 244 8.93 -7.80 -18.00
N PHE F 245 9.20 -9.00 -18.52
CA PHE F 245 9.72 -9.14 -19.87
C PHE F 245 8.63 -9.42 -20.90
N TRP F 246 7.45 -8.84 -20.69
CA TRP F 246 6.31 -9.20 -21.55
C TRP F 246 5.92 -8.19 -22.59
N LYS F 247 6.55 -7.02 -22.54
CA LYS F 247 6.26 -5.96 -23.53
C LYS F 247 4.79 -5.51 -23.44
N LEU F 248 4.26 -5.45 -22.21
CA LEU F 248 2.85 -5.07 -22.03
C LEU F 248 2.76 -3.55 -22.10
N ASP F 249 1.82 -3.05 -22.90
CA ASP F 249 1.53 -1.60 -22.98
C ASP F 249 1.06 -1.09 -21.62
N LEU F 250 1.71 -0.06 -21.12
CA LEU F 250 1.41 0.51 -19.81
C LEU F 250 -0.01 1.07 -19.71
N ASP F 251 -0.54 1.58 -20.81
CA ASP F 251 -1.90 2.12 -20.88
C ASP F 251 -2.95 0.99 -20.93
N GLN F 252 -2.70 -0.06 -21.71
CA GLN F 252 -3.53 -1.26 -21.72
C GLN F 252 -3.54 -1.98 -20.36
N ASP F 253 -4.73 -2.35 -19.91
CA ASP F 253 -4.85 -3.16 -18.68
C ASP F 253 -4.95 -4.62 -19.09
N TYR F 254 -4.29 -5.52 -18.38
CA TYR F 254 -4.27 -6.95 -18.70
C TYR F 254 -4.67 -7.76 -17.49
N ARG F 255 -5.28 -8.92 -17.79
CA ARG F 255 -5.62 -9.88 -16.75
C ARG F 255 -4.99 -11.24 -17.06
N VAL F 256 -4.10 -11.67 -16.18
CA VAL F 256 -3.36 -12.90 -16.33
C VAL F 256 -4.09 -14.01 -15.62
N THR F 257 -4.37 -15.10 -16.34
CA THR F 257 -4.99 -16.28 -15.71
C THR F 257 -4.00 -17.43 -15.87
N CYS F 258 -3.34 -17.79 -14.75
CA CYS F 258 -2.49 -18.97 -14.70
C CYS F 258 -3.12 -20.19 -14.04
N PHE F 259 -2.91 -21.37 -14.61
CA PHE F 259 -3.53 -22.57 -14.15
C PHE F 259 -2.47 -23.44 -13.49
N THR F 260 -2.51 -23.56 -12.16
CA THR F 260 -1.51 -24.25 -11.37
C THR F 260 -1.93 -25.64 -10.99
N SER F 261 -0.94 -26.50 -10.68
CA SER F 261 -1.19 -27.83 -10.17
C SER F 261 -1.25 -27.76 -8.70
N TRP F 262 -0.45 -26.99 -8.04
CA TRP F 262 -0.59 -26.78 -6.58
C TRP F 262 -0.88 -25.29 -6.29
N SER F 263 -1.77 -25.05 -5.39
CA SER F 263 -2.00 -23.67 -4.87
C SER F 263 -0.70 -23.29 -4.17
N PRO F 264 -0.39 -21.96 -4.11
CA PRO F 264 0.99 -21.58 -3.76
C PRO F 264 1.37 -21.93 -2.31
N CYS F 265 2.63 -21.99 -1.97
CA CYS F 265 2.92 -22.00 -0.48
C CYS F 265 2.57 -20.63 0.10
N PHE F 266 2.71 -20.49 1.40
CA PHE F 266 2.54 -19.18 2.01
C PHE F 266 3.58 -18.14 1.47
N SER F 267 4.86 -18.53 1.28
CA SER F 267 5.87 -17.53 0.85
C SER F 267 5.67 -17.02 -0.59
N CYS F 268 5.25 -17.90 -1.50
CA CYS F 268 4.91 -17.50 -2.87
C CYS F 268 3.64 -16.64 -2.96
N ALA F 269 2.70 -16.93 -2.08
CA ALA F 269 1.44 -16.16 -1.98
C ALA F 269 1.71 -14.73 -1.54
N GLN F 270 2.72 -14.52 -0.70
CA GLN F 270 3.16 -13.19 -0.28
C GLN F 270 3.74 -12.37 -1.46
N GLU F 271 4.56 -13.04 -2.26
CA GLU F 271 5.14 -12.40 -3.44
C GLU F 271 4.13 -12.08 -4.50
N MET F 272 3.19 -13.00 -4.69
CA MET F 272 2.16 -12.76 -5.66
C MET F 272 1.23 -11.64 -5.16
N ALA F 273 1.11 -11.46 -3.81
CA ALA F 273 0.32 -10.40 -3.22
C ALA F 273 1.00 -9.08 -3.37
N LYS F 274 2.31 -9.07 -3.12
CA LYS F 274 3.14 -7.86 -3.20
C LYS F 274 3.26 -7.43 -4.67
N PHE F 275 2.94 -8.34 -5.58
CA PHE F 275 3.09 -8.07 -6.99
C PHE F 275 1.96 -7.28 -7.58
N ILE F 276 0.73 -7.62 -7.17
CA ILE F 276 -0.47 -6.84 -7.57
C ILE F 276 -0.49 -5.44 -6.92
N SER F 277 0.12 -5.30 -5.73
CA SER F 277 0.31 -3.98 -5.10
C SER F 277 1.34 -3.10 -5.79
N LYS F 278 2.32 -3.73 -6.46
CA LYS F 278 3.41 -3.00 -7.06
C LYS F 278 3.04 -2.59 -8.47
N ASN F 279 2.27 -3.44 -9.15
CA ASN F 279 1.93 -3.19 -10.56
C ASN F 279 0.44 -3.03 -10.72
N LYS F 280 0.06 -1.86 -11.18
CA LYS F 280 -1.28 -1.69 -11.76
C LYS F 280 -1.39 -2.36 -13.11
N HIS F 281 -2.48 -2.21 -13.88
CA HIS F 281 -2.62 -2.66 -15.24
C HIS F 281 -2.19 -4.11 -15.44
N VAL F 282 -2.04 -4.85 -14.35
CA VAL F 282 -1.74 -6.29 -14.38
C VAL F 282 -2.58 -7.00 -13.31
N SER F 283 -3.47 -7.87 -13.81
CA SER F 283 -4.47 -8.48 -12.92
C SER F 283 -4.14 -9.97 -12.89
N LEU F 284 -4.20 -10.60 -11.70
CA LEU F 284 -3.85 -12.00 -11.57
C LEU F 284 -5.02 -12.82 -11.12
N CYS F 285 -5.33 -13.87 -11.90
CA CYS F 285 -6.36 -14.84 -11.61
C CYS F 285 -5.81 -16.28 -11.64
N ILE F 286 -5.98 -17.03 -10.56
CA ILE F 286 -5.40 -18.38 -10.44
C ILE F 286 -6.48 -19.46 -10.40
N LYS F 287 -6.31 -20.46 -11.24
CA LYS F 287 -7.14 -21.67 -11.20
C LYS F 287 -6.24 -22.84 -10.87
N THR F 288 -6.55 -23.55 -9.78
CA THR F 288 -5.69 -24.56 -9.27
C THR F 288 -6.41 -25.92 -9.18
N ALA F 289 -5.66 -27.00 -9.28
CA ALA F 289 -6.23 -28.35 -9.32
C ALA F 289 -6.27 -28.93 -7.95
N ARG F 290 -5.19 -28.77 -7.17
CA ARG F 290 -5.17 -29.24 -5.74
C ARG F 290 -4.96 -28.02 -4.82
N ILE F 291 -5.45 -28.11 -3.58
CA ILE F 291 -5.11 -27.11 -2.55
C ILE F 291 -3.88 -27.54 -1.74
N TYR F 292 -2.74 -26.90 -1.92
CA TYR F 292 -1.58 -27.26 -1.07
C TYR F 292 -1.83 -26.68 0.34
N ASP F 293 -2.04 -27.52 1.35
CA ASP F 293 -2.26 -27.03 2.70
C ASP F 293 -1.20 -27.67 3.61
N ASP F 294 -0.22 -26.87 4.07
CA ASP F 294 0.80 -27.36 4.97
C ASP F 294 0.22 -27.57 6.34
N GLN F 295 -1.02 -27.06 6.54
CA GLN F 295 -1.66 -27.00 7.84
C GLN F 295 -0.77 -26.25 8.86
N GLY F 296 -0.14 -25.24 8.33
CA GLY F 296 0.50 -24.12 9.06
C GLY F 296 -0.14 -22.79 8.60
N ARG F 297 0.46 -22.11 7.67
CA ARG F 297 0.07 -20.78 7.26
C ARG F 297 -0.37 -20.71 5.79
N ALA F 298 -0.36 -21.85 5.09
CA ALA F 298 -0.82 -21.86 3.72
C ALA F 298 -2.25 -21.26 3.46
N GLN F 299 -3.18 -21.49 4.37
CA GLN F 299 -4.54 -20.87 4.28
C GLN F 299 -4.50 -19.37 4.50
N GLU F 300 -3.60 -18.91 5.35
CA GLU F 300 -3.37 -17.49 5.58
C GLU F 300 -2.84 -16.87 4.28
N GLY F 301 -2.00 -17.59 3.55
CA GLY F 301 -1.40 -17.08 2.35
C GLY F 301 -2.44 -16.90 1.25
N LEU F 302 -3.38 -17.85 1.17
CA LEU F 302 -4.47 -17.74 0.21
C LEU F 302 -5.37 -16.56 0.51
N ARG F 303 -5.68 -16.31 1.77
CA ARG F 303 -6.48 -15.13 2.13
C ARG F 303 -5.70 -13.83 1.87
N THR F 304 -4.41 -13.77 2.28
CA THR F 304 -3.56 -12.61 1.99
C THR F 304 -3.57 -12.27 0.51
N LEU F 305 -3.47 -13.32 -0.33
CA LEU F 305 -3.45 -13.19 -1.76
C LEU F 305 -4.78 -12.63 -2.28
N ALA F 306 -5.87 -13.20 -1.77
CA ALA F 306 -7.24 -12.82 -2.22
C ALA F 306 -7.62 -11.43 -1.73
N GLU F 307 -7.21 -11.09 -0.52
CA GLU F 307 -7.51 -9.72 0.00
C GLU F 307 -6.53 -8.70 -0.54
N ALA F 308 -5.58 -9.14 -1.32
CA ALA F 308 -4.65 -8.21 -2.04
C ALA F 308 -5.16 -7.94 -3.42
N GLY F 309 -6.24 -8.61 -3.80
CA GLY F 309 -6.92 -8.33 -5.07
C GLY F 309 -7.04 -9.45 -6.06
N ALA F 310 -6.25 -10.47 -5.85
CA ALA F 310 -6.25 -11.66 -6.72
C ALA F 310 -7.58 -12.42 -6.64
N LYS F 311 -7.91 -13.12 -7.71
CA LYS F 311 -9.02 -14.06 -7.66
C LYS F 311 -8.52 -15.50 -7.85
N ILE F 312 -8.74 -16.29 -6.83
CA ILE F 312 -8.38 -17.73 -6.75
C ILE F 312 -9.66 -18.57 -6.85
N SER F 313 -9.53 -19.74 -7.47
CA SER F 313 -10.63 -20.71 -7.54
C SER F 313 -10.12 -22.05 -8.01
N ILE F 314 -10.89 -23.10 -7.76
CA ILE F 314 -10.60 -24.47 -8.11
C ILE F 314 -10.97 -24.73 -9.60
N MET F 315 -10.09 -25.46 -10.26
CA MET F 315 -10.26 -25.88 -11.61
C MET F 315 -11.38 -26.85 -11.69
N THR F 316 -12.35 -26.56 -12.59
CA THR F 316 -13.48 -27.49 -12.84
C THR F 316 -13.30 -28.06 -14.23
N TYR F 317 -14.27 -28.89 -14.66
CA TYR F 317 -14.20 -29.54 -15.97
C TYR F 317 -14.00 -28.60 -17.15
N SER F 318 -14.53 -27.38 -17.03
CA SER F 318 -14.37 -26.32 -18.05
C SER F 318 -12.89 -25.97 -18.26
N GLU F 319 -12.14 -25.88 -17.14
CA GLU F 319 -10.74 -25.49 -17.15
C GLU F 319 -9.88 -26.64 -17.59
N PHE F 320 -10.20 -27.84 -17.14
CA PHE F 320 -9.43 -29.03 -17.49
C PHE F 320 -9.53 -29.35 -18.97
N LYS F 321 -10.71 -29.11 -19.56
CA LYS F 321 -10.90 -29.26 -21.00
C LYS F 321 -10.08 -28.20 -21.74
N HIS F 322 -10.19 -26.95 -21.27
CA HIS F 322 -9.53 -25.81 -21.84
C HIS F 322 -7.98 -25.94 -21.82
N CYS F 323 -7.41 -26.37 -20.70
CA CYS F 323 -5.97 -26.55 -20.57
C CYS F 323 -5.45 -27.69 -21.43
N TRP F 324 -6.32 -28.67 -21.71
CA TRP F 324 -5.98 -29.72 -22.66
C TRP F 324 -6.04 -29.17 -24.09
N ASP F 325 -6.95 -28.21 -24.34
CA ASP F 325 -7.12 -27.68 -25.70
C ASP F 325 -6.11 -26.56 -25.98
N THR F 326 -5.40 -26.12 -24.95
CA THR F 326 -4.48 -24.98 -25.07
C THR F 326 -3.04 -25.38 -24.88
N PHE F 327 -2.72 -25.98 -23.73
CA PHE F 327 -1.36 -26.29 -23.37
C PHE F 327 -0.93 -27.73 -23.56
N VAL F 328 -1.68 -28.51 -24.34
CA VAL F 328 -1.35 -29.96 -24.43
C VAL F 328 -1.13 -30.40 -25.85
N ASP F 329 -0.09 -31.20 -26.05
CA ASP F 329 0.24 -31.96 -27.33
C ASP F 329 -0.78 -33.10 -27.57
N HIS F 330 -2.04 -32.72 -27.73
CA HIS F 330 -3.12 -33.71 -27.83
C HIS F 330 -3.07 -34.49 -29.13
N GLN F 331 -2.52 -33.84 -30.16
CA GLN F 331 -2.38 -34.40 -31.52
C GLN F 331 -3.74 -34.88 -32.10
N GLY F 332 -4.83 -34.19 -31.72
CA GLY F 332 -6.17 -34.52 -32.17
C GLY F 332 -7.07 -35.33 -31.22
N ALA F 333 -6.58 -35.65 -30.03
CA ALA F 333 -7.38 -36.37 -29.05
C ALA F 333 -8.14 -35.34 -28.23
N PRO F 334 -9.48 -35.48 -28.08
CA PRO F 334 -10.20 -34.61 -27.13
C PRO F 334 -9.86 -35.02 -25.69
N PHE F 335 -10.15 -34.14 -24.74
CA PHE F 335 -9.79 -34.39 -23.33
C PHE F 335 -10.60 -35.57 -22.74
N GLN F 336 -9.86 -36.59 -22.28
CA GLN F 336 -10.46 -37.82 -21.75
C GLN F 336 -10.30 -37.82 -20.23
N PRO F 337 -11.42 -37.62 -19.48
CA PRO F 337 -11.47 -37.54 -17.99
C PRO F 337 -10.84 -38.72 -17.29
N TRP F 338 -10.21 -38.43 -16.13
CA TRP F 338 -9.78 -39.52 -15.21
C TRP F 338 -10.92 -39.88 -14.28
N ASP F 339 -10.92 -41.08 -13.74
CA ASP F 339 -12.01 -41.63 -12.90
C ASP F 339 -12.61 -40.67 -11.88
N GLY F 340 -13.90 -40.38 -12.05
CA GLY F 340 -14.57 -39.32 -11.24
C GLY F 340 -15.73 -38.49 -11.80
N LEU F 341 -15.47 -37.31 -12.33
CA LEU F 341 -14.22 -36.52 -12.11
C LEU F 341 -14.49 -35.32 -11.21
N ASP F 342 -15.74 -34.83 -11.22
CA ASP F 342 -16.15 -33.62 -10.57
C ASP F 342 -16.24 -33.76 -9.08
N GLU F 343 -16.11 -34.99 -8.58
CA GLU F 343 -16.18 -35.38 -7.19
C GLU F 343 -15.11 -34.67 -6.40
N HIS F 344 -13.87 -34.79 -6.89
CA HIS F 344 -12.74 -34.17 -6.18
C HIS F 344 -12.80 -32.66 -6.34
N SER F 345 -13.19 -32.20 -7.52
CA SER F 345 -13.31 -30.78 -7.82
C SER F 345 -14.37 -30.07 -6.97
N GLN F 346 -15.35 -30.86 -6.51
CA GLN F 346 -16.40 -30.27 -5.71
C GLN F 346 -16.02 -30.16 -4.24
N ASP F 347 -15.44 -31.24 -3.68
CA ASP F 347 -14.90 -31.25 -2.30
C ASP F 347 -13.93 -30.03 -2.12
N LEU F 348 -13.12 -29.79 -3.16
CA LEU F 348 -12.15 -28.74 -3.14
C LEU F 348 -12.75 -27.36 -3.17
N SER F 349 -13.84 -27.28 -3.93
CA SER F 349 -14.60 -26.02 -4.09
C SER F 349 -15.25 -25.63 -2.75
N GLY F 350 -15.79 -26.64 -2.05
CA GLY F 350 -16.30 -26.40 -0.73
C GLY F 350 -15.21 -26.01 0.28
N ARG F 351 -14.12 -26.75 0.27
CA ARG F 351 -13.04 -26.47 1.25
C ARG F 351 -12.34 -25.13 0.94
N LEU F 352 -12.25 -24.77 -0.34
CA LEU F 352 -11.69 -23.44 -0.67
C LEU F 352 -12.53 -22.31 -0.16
N ARG F 353 -13.87 -22.48 -0.32
CA ARG F 353 -14.85 -21.52 0.09
C ARG F 353 -14.72 -21.24 1.59
N ALA F 354 -14.38 -22.24 2.39
CA ALA F 354 -14.20 -22.05 3.83
C ALA F 354 -12.94 -21.24 4.18
N ILE F 355 -11.99 -21.25 3.28
CA ILE F 355 -10.69 -20.60 3.49
C ILE F 355 -10.86 -19.09 3.26
N LEU F 356 -11.48 -18.74 2.13
CA LEU F 356 -11.63 -17.35 1.72
C LEU F 356 -12.84 -16.64 2.40
N GLN F 357 -13.50 -17.34 3.33
CA GLN F 357 -14.56 -16.80 4.15
C GLN F 357 -14.00 -15.92 5.28
N ASN F 358 -13.02 -16.41 6.04
CA ASN F 358 -12.50 -15.61 7.20
C ASN F 358 -11.49 -14.61 6.75
N GLN G 7 9.04 34.88 25.21
CA GLN G 7 10.37 34.83 24.45
C GLN G 7 10.12 34.90 22.95
N LEU G 8 9.13 34.14 22.48
CA LEU G 8 8.80 34.04 21.05
C LEU G 8 7.76 35.05 20.57
N ASN G 9 6.89 35.50 21.47
CA ASN G 9 5.89 36.52 21.20
C ASN G 9 6.43 37.85 20.68
N GLU G 10 7.40 38.42 21.37
CA GLU G 10 7.96 39.74 20.97
C GLU G 10 8.94 39.68 19.79
N LEU G 11 9.51 38.51 19.52
CA LEU G 11 10.47 38.30 18.44
C LEU G 11 9.85 38.63 17.09
N LEU G 12 8.65 38.11 16.86
CA LEU G 12 8.02 38.20 15.54
C LEU G 12 7.17 39.46 15.28
N ASN G 13 7.09 40.35 16.26
CA ASN G 13 6.39 41.64 16.10
C ASN G 13 7.25 42.69 15.35
N ALA G 14 8.44 43.01 15.88
CA ALA G 14 9.18 44.22 15.50
C ALA G 14 9.80 44.15 14.08
N GLY G 15 9.87 42.93 13.53
CA GLY G 15 10.40 42.68 12.19
C GLY G 15 11.76 42.00 12.27
N GLU G 16 12.66 42.70 12.96
CA GLU G 16 13.97 42.19 13.31
C GLU G 16 13.98 41.48 14.67
N TYR G 17 14.62 40.32 14.71
CA TYR G 17 14.88 39.59 15.95
C TYR G 17 16.21 38.85 15.83
N LYS G 18 16.94 38.79 16.95
CA LYS G 18 18.22 38.08 16.99
C LYS G 18 18.06 36.67 17.52
N ILE G 19 18.82 35.78 16.92
CA ILE G 19 19.01 34.41 17.43
C ILE G 19 20.48 34.04 17.28
N GLY G 20 21.06 33.47 18.33
CA GLY G 20 22.48 33.18 18.38
C GLY G 20 23.23 34.49 18.29
N GLU G 21 23.79 34.77 17.12
CA GLU G 21 24.45 36.03 16.86
C GLU G 21 23.94 36.64 15.57
N LEU G 22 23.17 35.88 14.81
CA LEU G 22 22.54 36.41 13.56
C LEU G 22 21.22 37.15 13.81
N THR G 23 21.09 38.27 13.10
CA THR G 23 19.86 39.09 13.17
C THR G 23 18.98 38.75 11.98
N PHE G 24 17.76 38.34 12.30
CA PHE G 24 16.77 37.90 11.31
C PHE G 24 15.71 38.95 11.03
N GLN G 25 15.21 38.93 9.82
CA GLN G 25 13.98 39.60 9.42
C GLN G 25 12.85 38.57 9.17
N SER G 26 11.68 38.83 9.77
CA SER G 26 10.48 38.03 9.54
C SER G 26 10.06 38.03 8.04
N ILE G 27 9.36 36.97 7.65
CA ILE G 27 8.94 36.83 6.25
C ILE G 27 7.91 37.86 5.83
N ARG G 28 6.95 38.11 6.70
CA ARG G 28 5.92 39.12 6.34
C ARG G 28 6.52 40.49 6.13
N SER G 29 7.42 40.90 7.04
CA SER G 29 8.10 42.17 6.90
C SER G 29 9.01 42.18 5.68
N SER G 30 9.52 41.00 5.35
CA SER G 30 10.38 40.83 4.18
C SER G 30 9.61 40.94 2.88
N GLN G 31 8.32 40.61 2.91
CA GLN G 31 7.50 40.68 1.71
C GLN G 31 7.19 42.11 1.26
N GLU G 32 7.50 43.07 2.13
CA GLU G 32 7.44 44.50 1.76
C GLU G 32 8.81 44.86 1.19
N LEU G 33 9.00 46.11 0.78
CA LEU G 33 10.31 46.49 0.25
C LEU G 33 10.70 47.94 0.51
N GLN G 34 11.99 48.21 0.43
CA GLN G 34 12.50 49.56 0.21
C GLN G 34 13.02 49.62 -1.23
N LYS G 35 13.17 50.83 -1.83
CA LYS G 35 13.69 50.96 -3.21
C LYS G 35 15.04 50.19 -3.52
N LYS G 36 15.86 50.06 -2.47
CA LYS G 36 17.14 49.39 -2.49
C LYS G 36 17.03 47.91 -2.15
N ASN G 37 18.02 47.18 -2.61
CA ASN G 37 18.24 45.80 -2.23
C ASN G 37 18.90 45.74 -0.81
N THR G 38 18.34 44.85 0.03
CA THR G 38 18.89 44.59 1.34
C THR G 38 19.23 43.13 1.53
N ILE G 39 20.32 42.89 2.28
CA ILE G 39 20.89 41.56 2.49
C ILE G 39 20.45 41.11 3.84
N VAL G 40 19.61 40.10 3.89
CA VAL G 40 18.92 39.72 5.11
C VAL G 40 19.11 38.29 5.45
N ASN G 41 18.87 37.97 6.73
CA ASN G 41 18.87 36.61 7.20
C ASN G 41 17.47 36.21 7.43
N LEU G 42 17.17 34.98 6.98
CA LEU G 42 15.82 34.44 7.07
C LEU G 42 15.85 33.15 7.84
N PHE G 43 14.69 32.72 8.36
CA PHE G 43 14.54 31.48 9.16
C PHE G 43 13.09 31.14 9.26
N GLY G 44 12.72 30.03 8.63
CA GLY G 44 11.30 29.70 8.43
C GLY G 44 11.06 28.24 8.07
N ILE G 45 9.89 27.96 7.49
CA ILE G 45 9.51 26.58 7.13
C ILE G 45 9.25 26.41 5.63
N VAL G 46 9.76 25.34 5.01
CA VAL G 46 9.61 25.10 3.58
C VAL G 46 8.18 24.74 3.21
N LYS G 47 7.42 25.77 2.76
CA LYS G 47 6.01 25.53 2.44
C LYS G 47 5.86 24.79 1.08
N ASP G 48 6.77 25.09 0.15
CA ASP G 48 6.92 24.40 -1.12
C ASP G 48 8.36 24.64 -1.62
N PHE G 49 8.90 23.65 -2.36
CA PHE G 49 10.21 23.81 -2.98
C PHE G 49 10.32 23.21 -4.36
N THR G 50 11.34 23.63 -5.09
CA THR G 50 11.65 23.02 -6.42
C THR G 50 13.13 22.56 -6.40
N PRO G 51 13.33 21.27 -6.69
CA PRO G 51 14.64 20.62 -6.40
C PRO G 51 15.71 21.26 -7.25
N SER G 52 16.95 21.08 -6.84
CA SER G 52 18.13 21.60 -7.49
C SER G 52 18.31 21.05 -8.89
N ARG G 53 17.91 21.82 -9.88
CA ARG G 53 18.23 21.51 -11.26
C ARG G 53 19.21 22.53 -11.77
N GLN G 54 19.97 22.17 -12.80
CA GLN G 54 20.94 23.09 -13.38
C GLN G 54 20.21 24.05 -14.38
N SER G 55 20.56 25.33 -14.32
CA SER G 55 20.01 26.36 -15.18
C SER G 55 20.31 26.10 -16.68
N LEU G 56 19.48 26.68 -17.54
CA LEU G 56 19.51 26.39 -18.93
C LEU G 56 20.22 27.45 -19.74
N HIS G 57 20.27 28.65 -19.19
CA HIS G 57 20.80 29.81 -19.88
C HIS G 57 21.81 30.57 -19.03
N GLY G 58 22.41 31.62 -19.60
CA GLY G 58 23.18 32.58 -18.81
C GLY G 58 24.39 31.92 -18.30
N THR G 59 24.66 32.08 -17.00
CA THR G 59 25.92 31.54 -16.46
C THR G 59 25.79 30.05 -16.18
N LYS G 60 24.56 29.55 -16.34
CA LYS G 60 24.26 28.13 -16.07
C LYS G 60 24.58 27.70 -14.65
N ASP G 61 24.37 28.55 -13.65
CA ASP G 61 24.57 28.13 -12.24
C ASP G 61 23.42 27.21 -11.75
N TRP G 62 23.70 26.35 -10.79
CA TRP G 62 22.68 25.50 -10.22
C TRP G 62 21.76 26.33 -9.35
N VAL G 63 20.49 25.89 -9.29
CA VAL G 63 19.45 26.61 -8.56
C VAL G 63 18.46 25.70 -7.92
N THR G 64 18.14 26.02 -6.66
CA THR G 64 16.99 25.44 -5.98
C THR G 64 16.06 26.59 -5.62
N THR G 65 14.77 26.36 -5.64
CA THR G 65 13.80 27.37 -5.21
C THR G 65 13.08 26.93 -3.91
N VAL G 66 12.95 27.85 -2.97
CA VAL G 66 12.14 27.60 -1.80
C VAL G 66 11.03 28.64 -1.64
N TYR G 67 10.04 28.32 -0.84
CA TYR G 67 9.08 29.28 -0.35
C TYR G 67 9.16 29.19 1.17
N LEU G 68 9.78 30.18 1.81
CA LEU G 68 9.80 30.12 3.26
C LEU G 68 8.60 30.79 3.79
N TRP G 69 8.08 30.21 4.88
CA TRP G 69 6.92 30.74 5.52
C TRP G 69 7.27 30.81 7.00
N ASP G 70 6.64 31.75 7.72
CA ASP G 70 6.66 31.79 9.19
C ASP G 70 5.36 32.40 9.72
N PRO G 71 5.05 32.18 11.02
CA PRO G 71 3.77 32.62 11.63
C PRO G 71 3.31 34.02 11.30
N THR G 72 4.24 34.90 10.93
CA THR G 72 3.92 36.29 10.56
C THR G 72 3.11 36.33 9.25
N CYS G 73 3.19 35.27 8.44
CA CYS G 73 2.32 35.09 7.25
C CYS G 73 1.09 34.31 7.65
N ASP G 74 -0.04 34.60 7.01
CA ASP G 74 -1.28 33.86 7.29
C ASP G 74 -1.21 32.40 6.80
N THR G 75 -2.20 31.59 7.20
CA THR G 75 -2.29 30.18 6.81
C THR G 75 -2.28 29.97 5.29
N SER G 76 -3.12 30.73 4.58
CA SER G 76 -3.27 30.61 3.13
C SER G 76 -2.04 31.14 2.31
N SER G 77 -1.23 31.99 2.94
CA SER G 77 -0.04 32.59 2.29
C SER G 77 1.05 31.57 1.97
N ILE G 78 1.58 31.60 0.75
CA ILE G 78 2.58 30.57 0.34
C ILE G 78 3.97 30.91 0.93
N GLY G 79 4.32 32.18 0.98
CA GLY G 79 5.56 32.55 1.65
C GLY G 79 6.49 33.35 0.74
N LEU G 80 7.77 33.47 1.10
CA LEU G 80 8.66 34.26 0.27
C LEU G 80 9.38 33.39 -0.75
N GLN G 81 9.31 33.81 -1.98
CA GLN G 81 9.85 33.01 -3.10
C GLN G 81 11.33 33.29 -3.08
N ILE G 82 12.16 32.25 -3.05
CA ILE G 82 13.61 32.49 -2.88
C ILE G 82 14.43 31.59 -3.79
N HIS G 83 15.24 32.20 -4.64
CA HIS G 83 16.08 31.50 -5.56
C HIS G 83 17.52 31.33 -5.04
N LEU G 84 17.91 30.08 -4.80
CA LEU G 84 19.23 29.86 -4.20
C LEU G 84 20.20 29.37 -5.30
N PHE G 85 21.27 30.16 -5.56
CA PHE G 85 22.15 29.85 -6.65
C PHE G 85 23.52 29.41 -6.15
N SER G 86 24.22 28.62 -6.96
CA SER G 86 25.61 28.17 -6.67
C SER G 86 26.28 27.67 -7.93
N LYS G 87 27.58 27.93 -8.06
CA LYS G 87 28.37 27.46 -9.22
C LYS G 87 28.40 25.90 -9.33
N GLN G 88 28.88 25.27 -8.27
CA GLN G 88 29.01 23.82 -8.16
C GLN G 88 27.64 23.18 -8.09
N GLY G 89 26.83 23.61 -7.15
CA GLY G 89 25.44 23.19 -7.13
C GLY G 89 25.18 22.01 -6.25
N ASN G 90 26.23 21.20 -6.09
CA ASN G 90 26.17 20.08 -5.14
C ASN G 90 26.48 20.59 -3.76
N ASP G 91 26.46 21.90 -3.56
CA ASP G 91 26.56 22.52 -2.26
C ASP G 91 25.25 23.24 -1.88
N LEU G 92 24.25 23.21 -2.75
CA LEU G 92 22.90 23.67 -2.39
C LEU G 92 22.19 22.72 -1.42
N PRO G 93 21.28 23.25 -0.53
CA PRO G 93 20.55 22.44 0.41
C PRO G 93 19.83 21.31 -0.25
N VAL G 94 19.96 20.09 0.30
CA VAL G 94 19.22 18.98 -0.22
C VAL G 94 18.00 18.78 0.60
N ILE G 95 16.87 19.33 0.10
CA ILE G 95 15.59 19.25 0.81
C ILE G 95 14.87 18.00 0.40
N LYS G 96 14.34 17.23 1.38
CA LYS G 96 13.56 16.01 1.07
C LYS G 96 12.06 16.16 1.08
N GLN G 97 11.52 16.99 1.94
CA GLN G 97 10.08 17.22 1.98
C GLN G 97 9.68 18.55 2.65
N VAL G 98 8.44 18.94 2.39
CA VAL G 98 7.83 20.18 2.82
C VAL G 98 7.61 20.14 4.33
N GLY G 99 8.10 21.13 5.02
CA GLY G 99 7.90 21.16 6.45
C GLY G 99 9.23 21.29 7.21
N GLN G 100 10.36 21.21 6.51
CA GLN G 100 11.65 21.22 7.14
C GLN G 100 11.98 22.69 7.51
N PRO G 101 12.51 22.88 8.72
CA PRO G 101 13.06 24.15 9.12
C PRO G 101 14.27 24.57 8.31
N LEU G 102 14.37 25.84 7.91
CA LEU G 102 15.45 26.30 7.07
C LEU G 102 15.97 27.67 7.50
N LEU G 103 17.31 27.74 7.74
CA LEU G 103 17.99 28.94 8.14
C LEU G 103 18.84 29.50 7.03
N LEU G 104 18.47 30.66 6.46
CA LEU G 104 19.17 31.18 5.29
C LEU G 104 20.00 32.36 5.64
N HIS G 105 21.23 32.37 5.14
CA HIS G 105 22.19 33.41 5.58
C HIS G 105 22.67 34.27 4.40
N GLN G 106 22.42 35.58 4.52
CA GLN G 106 22.71 36.55 3.44
C GLN G 106 21.92 36.29 2.14
N ILE G 107 20.63 36.59 2.19
CA ILE G 107 19.71 36.58 1.06
C ILE G 107 19.32 38.00 0.64
N THR G 108 19.54 38.40 -0.62
CA THR G 108 19.13 39.73 -1.17
C THR G 108 17.66 39.78 -1.45
N LEU G 109 17.04 40.93 -1.11
CA LEU G 109 15.57 41.09 -1.26
C LEU G 109 15.18 42.09 -2.28
N ARG G 110 14.53 41.72 -3.37
CA ARG G 110 14.23 42.71 -4.46
C ARG G 110 12.91 42.49 -5.15
N SER G 111 12.38 43.49 -5.84
CA SER G 111 11.11 43.27 -6.63
C SER G 111 11.33 42.53 -7.98
N TYR G 112 10.40 41.63 -8.25
CA TYR G 112 10.20 41.07 -9.59
C TYR G 112 8.69 41.03 -9.92
N ARG G 113 8.27 41.98 -10.74
CA ARG G 113 6.89 42.05 -11.24
C ARG G 113 5.91 42.03 -10.06
N ASP G 114 6.25 43.00 -9.20
CA ASP G 114 5.50 43.46 -8.01
C ASP G 114 5.09 42.30 -7.09
N ARG G 115 6.14 41.73 -6.55
CA ARG G 115 6.19 40.82 -5.38
C ARG G 115 7.66 40.89 -4.98
N THR G 116 7.96 40.61 -3.73
CA THR G 116 9.33 40.59 -3.29
C THR G 116 9.80 39.17 -3.62
N GLN G 117 10.95 39.03 -4.26
CA GLN G 117 11.62 37.73 -4.21
C GLN G 117 13.02 37.80 -3.59
N GLY G 118 13.52 36.65 -3.19
CA GLY G 118 14.84 36.67 -2.52
C GLY G 118 15.82 35.98 -3.45
N LEU G 119 16.98 36.61 -3.71
CA LEU G 119 17.99 35.94 -4.44
C LEU G 119 19.22 35.71 -3.49
N SER G 120 19.79 34.51 -3.54
CA SER G 120 20.97 34.18 -2.62
C SER G 120 22.16 34.94 -3.01
N LYS G 121 22.88 35.53 -2.02
CA LYS G 121 24.21 36.19 -2.32
C LYS G 121 25.20 35.05 -2.53
N ASP G 122 26.31 35.26 -3.20
CA ASP G 122 27.15 34.09 -3.51
C ASP G 122 27.70 33.45 -2.26
N GLN G 123 28.05 34.23 -1.22
CA GLN G 123 28.60 33.74 0.03
C GLN G 123 27.58 33.07 1.02
N PHE G 124 26.38 32.87 0.55
CA PHE G 124 25.25 32.56 1.40
C PHE G 124 25.49 31.21 2.04
N ARG G 125 25.05 31.11 3.30
CA ARG G 125 25.15 29.85 4.06
C ARG G 125 23.76 29.44 4.48
N TYR G 126 23.61 28.20 4.98
CA TYR G 126 22.26 27.71 5.39
C TYR G 126 22.38 26.69 6.49
N ALA G 127 21.25 26.24 7.03
CA ALA G 127 21.15 25.13 7.97
C ALA G 127 19.81 24.52 7.88
N LEU G 128 19.72 23.20 7.77
CA LEU G 128 18.46 22.44 7.62
C LEU G 128 18.18 21.58 8.84
N TRP G 129 16.91 21.26 9.01
CA TRP G 129 16.47 20.39 10.16
C TRP G 129 15.40 19.43 9.64
N PRO G 130 15.25 18.27 10.26
CA PRO G 130 14.21 17.32 9.81
C PRO G 130 12.79 17.80 10.14
N ASP G 131 11.77 17.37 9.37
CA ASP G 131 10.40 17.78 9.67
C ASP G 131 9.99 17.04 10.92
N PHE G 132 10.12 17.68 12.08
CA PHE G 132 9.97 16.97 13.35
C PHE G 132 8.62 16.31 13.53
N SER G 133 7.57 16.94 13.02
CA SER G 133 6.21 16.44 13.17
C SER G 133 5.72 15.62 12.01
N SER G 134 6.67 15.08 11.23
CA SER G 134 6.38 14.17 10.13
C SER G 134 6.27 12.76 10.68
N ASN G 135 5.76 11.84 9.83
CA ASN G 135 5.71 10.42 10.20
C ASN G 135 7.03 9.67 10.05
N SER G 136 7.86 10.19 9.14
CA SER G 136 9.20 9.66 8.92
C SER G 136 10.20 10.18 9.93
N LYS G 137 11.15 9.29 10.22
CA LYS G 137 12.37 9.57 10.97
C LYS G 137 13.38 10.26 10.08
N ASP G 138 13.67 9.70 8.89
CA ASP G 138 14.80 10.21 8.10
C ASP G 138 14.45 11.33 7.16
N THR G 139 13.78 12.38 7.62
CA THR G 139 13.37 13.42 6.64
C THR G 139 14.55 14.29 6.22
N LEU G 140 15.59 14.32 7.07
CA LEU G 140 16.77 15.16 6.83
C LEU G 140 17.91 14.24 6.37
N CYS G 141 18.30 14.37 5.10
CA CYS G 141 19.33 13.50 4.53
C CYS G 141 20.66 14.27 4.54
N PRO G 142 21.84 13.56 4.33
CA PRO G 142 23.17 14.10 4.31
C PRO G 142 23.34 15.42 3.62
N GLN G 143 23.64 16.52 4.36
CA GLN G 143 23.76 17.84 3.70
C GLN G 143 25.16 18.12 3.17
N PRO G 144 25.28 18.81 2.02
CA PRO G 144 26.59 19.30 1.53
C PRO G 144 27.33 20.17 2.58
N MET G 145 28.63 19.94 2.70
CA MET G 145 29.43 20.54 3.72
C MET G 145 29.80 22.06 3.53
N PRO G 146 30.00 22.56 2.25
CA PRO G 146 30.62 23.90 2.11
C PRO G 146 29.83 25.06 2.66
N ARG G 147 28.50 25.00 2.47
CA ARG G 147 27.60 26.09 2.79
C ARG G 147 26.86 25.91 4.10
N LEU G 148 27.20 24.85 4.85
CA LEU G 148 26.40 24.55 6.02
C LEU G 148 26.99 25.31 7.19
N MET G 149 26.19 25.70 8.19
CA MET G 149 26.69 26.41 9.37
C MET G 149 26.70 25.54 10.66
N LYS G 150 27.69 25.72 11.56
CA LYS G 150 27.64 25.16 12.92
C LYS G 150 26.56 25.89 13.76
N THR G 151 25.48 25.15 13.99
CA THR G 151 24.40 25.59 14.80
C THR G 151 24.50 25.00 16.19
N GLY G 152 23.84 25.71 17.13
CA GLY G 152 23.87 25.34 18.55
C GLY G 152 22.51 25.01 19.12
N ASP G 153 22.29 25.40 20.37
CA ASP G 153 21.07 25.12 21.12
C ASP G 153 19.95 26.06 20.66
N LYS G 154 20.26 27.35 20.53
CA LYS G 154 19.24 28.39 20.33
C LYS G 154 18.45 28.17 19.01
N GLU G 155 19.16 28.00 17.90
CA GLU G 155 18.56 27.75 16.59
C GLU G 155 17.92 26.33 16.46
N GLU G 156 18.24 25.45 17.39
CA GLU G 156 17.56 24.16 17.52
C GLU G 156 16.19 24.36 18.08
N GLN G 157 16.10 25.11 19.21
CA GLN G 157 14.82 25.40 19.86
C GLN G 157 13.91 26.12 18.88
N PHE G 158 14.49 27.13 18.20
CA PHE G 158 13.71 27.99 17.36
C PHE G 158 13.09 27.24 16.16
N ALA G 159 13.92 26.37 15.58
CA ALA G 159 13.54 25.57 14.44
C ALA G 159 12.35 24.66 14.75
N LEU G 160 12.47 23.96 15.87
CA LEU G 160 11.42 23.05 16.33
C LEU G 160 10.14 23.78 16.61
N LEU G 161 10.24 24.96 17.22
CA LEU G 161 9.05 25.78 17.56
C LEU G 161 8.33 26.16 16.28
N LEU G 162 9.09 26.69 15.29
CA LEU G 162 8.56 26.97 13.96
C LEU G 162 7.85 25.74 13.36
N ASN G 163 8.49 24.57 13.43
CA ASN G 163 7.95 23.31 12.91
C ASN G 163 6.64 22.93 13.57
N LYS G 164 6.64 23.11 14.88
CA LYS G 164 5.48 22.76 15.68
C LYS G 164 4.28 23.68 15.26
N ILE G 165 4.52 24.97 15.17
CA ILE G 165 3.53 25.93 14.69
C ILE G 165 3.03 25.65 13.26
N TRP G 166 3.93 25.28 12.37
CA TRP G 166 3.53 24.90 10.98
C TRP G 166 2.59 23.71 10.92
N ASP G 167 2.96 22.65 11.64
CA ASP G 167 2.18 21.42 11.58
C ASP G 167 0.79 21.62 12.20
N GLU G 168 0.74 22.47 13.23
CA GLU G 168 -0.51 22.73 13.93
C GLU G 168 -1.32 23.75 13.13
N GLN G 169 -1.06 23.82 11.82
CA GLN G 169 -1.75 24.69 10.87
C GLN G 169 -1.89 23.98 9.52
N THR G 170 -1.14 22.92 9.31
CA THR G 170 -1.26 22.14 8.07
C THR G 170 -1.59 20.65 8.29
N ASN G 171 -2.17 20.31 9.43
CA ASN G 171 -2.51 18.92 9.74
C ASN G 171 -3.80 18.76 10.54
N HIS G 172 -4.90 18.79 9.79
CA HIS G 172 -6.25 18.83 10.37
C HIS G 172 -6.81 17.44 10.65
N SER G 173 -6.48 16.47 9.80
CA SER G 173 -7.05 15.13 9.89
C SER G 173 -6.31 14.27 10.93
N MET G 174 -7.06 13.40 11.60
CA MET G 174 -6.48 12.51 12.60
C MET G 174 -6.82 11.08 12.34
N ASP G 175 -5.96 10.22 12.90
CA ASP G 175 -6.11 8.77 12.87
C ASP G 175 -7.43 8.34 13.58
N PRO G 176 -8.31 7.62 12.84
CA PRO G 176 -9.62 7.19 13.42
C PRO G 176 -9.53 6.27 14.69
N PRO G 177 -8.60 5.25 14.71
CA PRO G 177 -8.46 4.51 15.98
C PRO G 177 -7.99 5.34 17.16
N THR G 178 -7.26 6.41 16.88
CA THR G 178 -6.85 7.37 17.94
C THR G 178 -8.07 8.05 18.55
N PHE G 179 -9.00 8.45 17.67
CA PHE G 179 -10.22 9.16 18.02
C PHE G 179 -11.08 8.31 18.90
N THR G 180 -11.19 7.01 18.59
CA THR G 180 -12.04 6.06 19.33
C THR G 180 -11.53 5.89 20.74
N PHE G 181 -10.21 5.73 20.86
CA PHE G 181 -9.60 5.35 22.10
C PHE G 181 -9.56 6.53 23.05
N ASN G 182 -9.09 7.68 22.61
CA ASN G 182 -9.02 8.85 23.48
C ASN G 182 -10.32 9.54 23.77
N PHE G 183 -11.25 9.49 22.85
CA PHE G 183 -12.56 10.08 23.04
C PHE G 183 -13.61 9.13 23.61
N ASN G 184 -13.17 7.99 24.13
CA ASN G 184 -13.99 7.07 24.88
C ASN G 184 -14.48 7.82 26.11
N ASN G 185 -15.81 8.06 26.13
CA ASN G 185 -16.39 8.97 27.13
C ASN G 185 -16.83 8.26 28.41
N GLU G 186 -16.31 7.03 28.65
CA GLU G 186 -16.46 6.36 29.93
C GLU G 186 -15.86 7.12 31.06
N PRO G 187 -16.66 7.41 32.12
CA PRO G 187 -16.21 8.32 33.21
C PRO G 187 -14.78 8.04 33.74
N TRP G 188 -14.46 6.77 34.04
CA TRP G 188 -13.15 6.39 34.52
C TRP G 188 -12.46 5.43 33.55
N VAL G 189 -11.34 5.83 32.96
CA VAL G 189 -10.64 4.93 32.03
C VAL G 189 -9.12 4.72 32.35
N ARG G 190 -8.51 3.63 31.84
CA ARG G 190 -7.03 3.50 31.83
C ARG G 190 -6.39 3.43 30.45
N GLY G 191 -5.29 4.14 30.19
CA GLY G 191 -4.65 5.04 31.12
C GLY G 191 -4.68 6.40 30.45
N ARG G 192 -4.60 6.38 29.10
CA ARG G 192 -4.66 7.58 28.28
C ARG G 192 -3.38 8.36 28.40
N HIS G 193 -3.13 8.99 29.54
CA HIS G 193 -1.87 9.78 29.75
C HIS G 193 -1.60 10.92 28.74
N GLU G 194 -2.43 11.08 27.73
CA GLU G 194 -2.47 12.28 26.96
C GLU G 194 -3.90 12.92 26.86
N THR G 195 -3.89 14.19 26.49
CA THR G 195 -5.16 14.91 26.28
C THR G 195 -5.23 15.28 24.83
N TYR G 196 -6.30 14.91 24.17
CA TYR G 196 -6.50 15.29 22.74
C TYR G 196 -7.46 16.43 22.66
N LEU G 197 -7.13 17.40 21.85
CA LEU G 197 -7.90 18.62 21.76
C LEU G 197 -8.10 19.04 20.31
N CYS G 198 -9.37 19.04 19.86
CA CYS G 198 -9.71 19.47 18.48
C CYS G 198 -10.45 20.79 18.55
N TYR G 199 -9.92 21.81 17.87
CA TYR G 199 -10.47 23.17 17.97
C TYR G 199 -11.04 23.75 16.68
N GLU G 200 -12.04 24.60 16.80
CA GLU G 200 -12.64 25.30 15.67
C GLU G 200 -12.59 26.80 15.93
N VAL G 201 -12.50 27.54 14.84
CA VAL G 201 -12.46 28.98 14.91
C VAL G 201 -13.58 29.58 14.07
N GLU G 202 -14.30 30.57 14.58
CA GLU G 202 -15.41 31.18 13.85
C GLU G 202 -15.27 32.70 13.79
N ARG G 203 -15.36 33.25 12.58
CA ARG G 203 -15.09 34.67 12.30
C ARG G 203 -16.43 35.46 12.26
N MET G 204 -16.37 36.72 12.68
CA MET G 204 -17.47 37.64 12.54
C MET G 204 -17.57 38.28 11.18
N HIS G 205 -18.59 37.89 10.41
CA HIS G 205 -18.89 38.48 9.08
C HIS G 205 -20.34 38.14 8.70
N ASN G 206 -21.07 39.07 8.09
CA ASN G 206 -22.50 38.91 7.79
C ASN G 206 -23.36 38.75 9.05
N ASP G 207 -23.03 39.48 10.11
CA ASP G 207 -23.82 39.54 11.36
C ASP G 207 -23.99 38.18 12.09
N THR G 208 -23.27 37.15 11.63
CA THR G 208 -23.42 35.75 12.09
C THR G 208 -22.08 35.03 11.88
N TRP G 209 -21.82 33.99 12.66
CA TRP G 209 -20.58 33.20 12.52
C TRP G 209 -20.41 32.59 11.11
N VAL G 210 -19.32 32.95 10.43
CA VAL G 210 -18.95 32.25 9.22
C VAL G 210 -18.12 31.04 9.67
N LYS G 211 -18.61 29.82 9.42
CA LYS G 211 -17.88 28.61 9.81
C LYS G 211 -16.56 28.53 9.04
N LEU G 212 -15.47 28.40 9.78
CA LEU G 212 -14.14 28.37 9.12
C LEU G 212 -13.48 26.99 9.22
N ASN G 213 -13.53 26.30 8.09
CA ASN G 213 -13.17 24.88 7.98
C ASN G 213 -11.64 24.73 7.87
N GLN G 214 -11.03 25.61 7.07
CA GLN G 214 -9.58 25.69 6.85
C GLN G 214 -8.82 26.21 8.07
N ARG G 215 -9.53 26.85 8.99
CA ARG G 215 -8.96 27.47 10.19
C ARG G 215 -9.06 26.54 11.41
N ARG G 216 -9.35 25.27 11.15
CA ARG G 216 -9.39 24.25 12.17
C ARG G 216 -7.99 23.65 12.49
N GLY G 217 -7.91 22.92 13.58
CA GLY G 217 -6.73 22.15 13.96
C GLY G 217 -6.98 21.28 15.17
N PHE G 218 -6.00 20.42 15.46
CA PHE G 218 -6.05 19.55 16.62
C PHE G 218 -4.63 19.27 17.12
N LEU G 219 -4.50 18.90 18.40
CA LEU G 219 -3.21 18.61 18.98
C LEU G 219 -3.31 17.72 20.20
N ALA G 220 -2.17 17.14 20.60
CA ALA G 220 -2.03 16.31 21.81
C ALA G 220 -0.85 16.81 22.63
N ASN G 221 -0.79 16.55 23.92
CA ASN G 221 0.35 17.06 24.77
C ASN G 221 1.64 16.28 24.58
N GLN G 222 2.75 16.77 25.12
CA GLN G 222 4.07 16.07 24.97
C GLN G 222 4.33 15.07 26.14
N ALA G 223 5.48 14.38 26.11
CA ALA G 223 5.84 13.46 27.20
C ALA G 223 7.09 13.94 27.98
N PRO G 224 7.10 13.95 29.32
CA PRO G 224 5.98 13.51 30.18
C PRO G 224 5.09 14.66 30.72
N GLU G 231 9.41 19.72 27.59
CA GLU G 231 8.69 18.48 27.89
C GLU G 231 7.34 18.67 28.58
N GLY G 232 6.43 17.71 28.34
CA GLY G 232 5.01 17.91 28.66
C GLY G 232 4.44 19.08 27.86
N ARG G 233 3.56 19.88 28.43
CA ARG G 233 3.29 19.86 29.83
C ARG G 233 1.81 19.55 30.07
N HIS G 234 0.96 20.14 29.25
CA HIS G 234 -0.46 19.86 29.15
C HIS G 234 -0.96 20.30 27.75
N ALA G 235 -2.02 19.67 27.30
CA ALA G 235 -2.51 19.93 25.95
C ALA G 235 -3.14 21.32 25.82
N GLU G 236 -3.81 21.75 26.92
CA GLU G 236 -4.52 23.04 26.96
C GLU G 236 -3.56 24.23 26.82
N LEU G 237 -2.38 24.09 27.39
CA LEU G 237 -1.35 25.14 27.34
C LEU G 237 -0.79 25.27 25.89
N CYS G 238 -0.51 24.10 25.29
CA CYS G 238 -0.02 24.02 23.94
C CYS G 238 -1.00 24.61 22.94
N PHE G 239 -2.28 24.46 23.24
CA PHE G 239 -3.32 25.08 22.41
C PHE G 239 -3.27 26.60 22.46
N LEU G 240 -3.02 27.16 23.65
CA LEU G 240 -3.01 28.63 23.81
C LEU G 240 -1.77 29.29 23.20
N ASP G 241 -0.72 28.48 22.96
CA ASP G 241 0.52 28.98 22.38
C ASP G 241 0.36 29.35 20.93
N VAL G 242 -0.48 28.62 20.21
CA VAL G 242 -0.63 28.83 18.76
C VAL G 242 -1.64 29.91 18.39
N ILE G 243 -2.43 30.33 19.40
CA ILE G 243 -3.44 31.35 19.22
C ILE G 243 -2.90 32.73 18.78
N PRO G 244 -1.82 33.25 19.41
CA PRO G 244 -1.26 34.53 18.96
C PRO G 244 -0.76 34.50 17.52
N PHE G 245 -0.54 33.32 16.97
CA PHE G 245 -0.01 33.21 15.61
C PHE G 245 -1.11 33.00 14.58
N TRP G 246 -2.28 33.56 14.83
CA TRP G 246 -3.46 33.32 13.99
C TRP G 246 -3.86 34.56 13.18
N LYS G 247 -3.15 35.67 13.39
CA LYS G 247 -3.35 36.90 12.61
C LYS G 247 -4.78 37.43 12.82
N LEU G 248 -5.28 37.31 14.04
CA LEU G 248 -6.66 37.70 14.40
C LEU G 248 -6.87 39.22 14.40
N ASP G 249 -7.87 39.65 13.62
CA ASP G 249 -8.23 41.07 13.50
C ASP G 249 -8.82 41.55 14.84
N LEU G 250 -8.24 42.61 15.39
CA LEU G 250 -8.58 43.11 16.71
C LEU G 250 -10.06 43.55 16.79
N ASP G 251 -10.59 44.13 15.70
CA ASP G 251 -11.97 44.57 15.70
C ASP G 251 -12.99 43.45 15.51
N GLN G 252 -12.66 42.47 14.66
CA GLN G 252 -13.55 41.27 14.52
C GLN G 252 -13.53 40.42 15.79
N ASP G 253 -14.69 39.98 16.23
CA ASP G 253 -14.81 39.12 17.41
C ASP G 253 -14.84 37.66 16.95
N TYR G 254 -14.17 36.78 17.70
CA TYR G 254 -14.04 35.37 17.34
C TYR G 254 -14.45 34.47 18.46
N ARG G 255 -14.96 33.30 18.13
CA ARG G 255 -15.37 32.31 19.10
C ARG G 255 -14.72 30.96 18.86
N VAL G 256 -13.86 30.55 19.77
CA VAL G 256 -13.18 29.27 19.67
C VAL G 256 -13.94 28.18 20.42
N THR G 257 -14.23 27.09 19.73
CA THR G 257 -14.72 25.87 20.38
C THR G 257 -13.67 24.75 20.22
N CYS G 258 -12.98 24.43 21.33
CA CYS G 258 -12.13 23.22 21.36
C CYS G 258 -12.76 21.98 22.00
N PHE G 259 -12.51 20.83 21.40
CA PHE G 259 -13.08 19.55 21.80
C PHE G 259 -12.00 18.69 22.44
N THR G 260 -12.00 18.59 23.77
CA THR G 260 -10.97 17.84 24.50
C THR G 260 -11.43 16.45 24.91
N SER G 261 -10.42 15.57 25.11
CA SER G 261 -10.68 14.21 25.56
C SER G 261 -10.73 14.15 27.05
N TRP G 262 -9.93 14.95 27.71
CA TRP G 262 -10.05 15.19 29.16
C TRP G 262 -10.35 16.65 29.43
N SER G 263 -11.24 16.97 30.31
CA SER G 263 -11.44 18.35 30.79
C SER G 263 -10.16 18.91 31.36
N PRO G 264 -9.90 20.22 31.20
CA PRO G 264 -8.63 20.79 31.76
C PRO G 264 -8.47 20.66 33.27
N CYS G 265 -7.22 20.44 33.70
CA CYS G 265 -6.85 20.39 35.13
C CYS G 265 -7.10 21.77 35.77
N PHE G 266 -6.77 21.90 37.05
CA PHE G 266 -6.87 23.20 37.71
C PHE G 266 -5.97 24.26 37.06
N SER G 267 -4.72 23.89 36.71
CA SER G 267 -3.72 24.88 36.22
C SER G 267 -4.10 25.48 34.87
N CYS G 268 -4.60 24.62 33.96
CA CYS G 268 -4.93 25.07 32.60
C CYS G 268 -6.25 25.82 32.59
N ALA G 269 -7.15 25.51 33.52
CA ALA G 269 -8.39 26.29 33.66
C ALA G 269 -8.10 27.77 34.02
N GLN G 270 -7.06 27.98 34.80
CA GLN G 270 -6.61 29.33 35.16
C GLN G 270 -6.02 30.08 34.00
N GLU G 271 -5.16 29.38 33.22
CA GLU G 271 -4.59 29.93 31.99
C GLU G 271 -5.65 30.23 30.93
N MET G 272 -6.62 29.35 30.81
CA MET G 272 -7.69 29.56 29.90
C MET G 272 -8.57 30.76 30.37
N ALA G 273 -8.61 30.99 31.69
CA ALA G 273 -9.34 32.12 32.29
C ALA G 273 -8.58 33.41 32.10
N LYS G 274 -7.26 33.33 32.27
CA LYS G 274 -6.37 34.48 32.11
C LYS G 274 -6.27 34.88 30.62
N PHE G 275 -6.70 33.97 29.76
CA PHE G 275 -6.71 34.20 28.33
C PHE G 275 -7.88 35.08 27.93
N ILE G 276 -9.06 34.78 28.50
CA ILE G 276 -10.26 35.58 28.21
C ILE G 276 -10.21 36.98 28.84
N SER G 277 -9.49 37.10 29.95
CA SER G 277 -9.21 38.43 30.58
C SER G 277 -8.18 39.26 29.79
N LYS G 278 -7.29 38.59 29.10
CA LYS G 278 -6.25 39.27 28.34
C LYS G 278 -6.72 39.61 26.94
N ASN G 279 -7.57 38.76 26.38
CA ASN G 279 -8.03 38.85 24.99
C ASN G 279 -9.49 39.15 24.87
N LYS G 280 -9.75 40.34 24.36
CA LYS G 280 -11.08 40.96 24.46
C LYS G 280 -11.96 40.69 23.22
N HIS G 281 -11.36 40.09 22.22
CA HIS G 281 -12.07 39.78 20.98
C HIS G 281 -12.13 38.29 20.71
N VAL G 282 -11.76 37.47 21.70
CA VAL G 282 -11.75 36.02 21.51
C VAL G 282 -12.60 35.30 22.59
N SER G 283 -13.60 34.56 22.12
CA SER G 283 -14.50 33.82 22.95
C SER G 283 -14.13 32.33 23.01
N LEU G 284 -14.19 31.74 24.20
CA LEU G 284 -13.67 30.38 24.37
C LEU G 284 -14.75 29.45 24.90
N CYS G 285 -14.97 28.36 24.18
CA CYS G 285 -16.04 27.42 24.45
C CYS G 285 -15.49 25.98 24.44
N ILE G 286 -15.67 25.25 25.53
CA ILE G 286 -15.06 23.91 25.67
C ILE G 286 -16.09 22.80 25.68
N LYS G 287 -15.89 21.83 24.79
CA LYS G 287 -16.65 20.58 24.82
C LYS G 287 -15.72 19.42 25.12
N THR G 288 -16.01 18.70 26.19
CA THR G 288 -15.13 17.66 26.66
C THR G 288 -15.80 16.29 26.68
N ALA G 289 -15.00 15.23 26.48
CA ALA G 289 -15.49 13.87 26.43
C ALA G 289 -15.52 13.24 27.78
N ARG G 290 -14.45 13.39 28.57
CA ARG G 290 -14.43 12.91 29.99
C ARG G 290 -14.23 14.08 30.95
N ILE G 291 -14.70 13.96 32.17
CA ILE G 291 -14.36 14.97 33.22
C ILE G 291 -13.07 14.57 34.01
N TYR G 292 -11.96 15.23 33.73
CA TYR G 292 -10.77 15.03 34.53
C TYR G 292 -10.95 15.65 35.96
N ASP G 293 -11.10 14.80 36.98
CA ASP G 293 -11.28 15.25 38.33
C ASP G 293 -10.17 14.61 39.19
N ASP G 294 -9.20 15.44 39.63
CA ASP G 294 -8.11 14.98 40.44
C ASP G 294 -8.59 14.71 41.82
N GLN G 295 -9.84 15.13 42.10
CA GLN G 295 -10.40 15.04 43.48
C GLN G 295 -9.56 15.87 44.45
N GLY G 296 -8.95 16.92 43.92
CA GLY G 296 -8.34 18.04 44.64
C GLY G 296 -9.05 19.36 44.31
N ARG G 297 -8.46 20.13 43.39
CA ARG G 297 -8.89 21.48 43.05
C ARG G 297 -9.53 21.61 41.66
N ALA G 298 -9.60 20.49 40.96
CA ALA G 298 -10.07 20.48 39.56
C ALA G 298 -11.47 21.07 39.39
N GLN G 299 -12.38 20.78 40.34
CA GLN G 299 -13.77 21.29 40.31
C GLN G 299 -13.80 22.80 40.53
N GLU G 300 -12.90 23.30 41.37
CA GLU G 300 -12.79 24.73 41.61
C GLU G 300 -12.32 25.43 40.36
N GLY G 301 -11.39 24.76 39.65
CA GLY G 301 -10.83 25.31 38.40
C GLY G 301 -11.91 25.47 37.32
N LEU G 302 -12.80 24.50 37.25
CA LEU G 302 -13.87 24.53 36.29
C LEU G 302 -14.84 25.65 36.54
N ARG G 303 -15.17 25.88 37.81
CA ARG G 303 -16.05 27.02 38.16
C ARG G 303 -15.34 28.37 37.93
N THR G 304 -14.06 28.49 38.36
CA THR G 304 -13.26 29.70 38.11
C THR G 304 -13.23 30.04 36.63
N LEU G 305 -13.09 29.01 35.79
CA LEU G 305 -13.04 29.13 34.35
C LEU G 305 -14.37 29.62 33.83
N ALA G 306 -15.47 29.04 34.30
CA ALA G 306 -16.84 29.39 33.86
C ALA G 306 -17.24 30.79 34.35
N GLU G 307 -16.86 31.14 35.58
CA GLU G 307 -17.09 32.47 36.15
C GLU G 307 -16.18 33.53 35.53
N ALA G 308 -15.25 33.12 34.68
CA ALA G 308 -14.39 34.05 33.96
C ALA G 308 -14.92 34.31 32.62
N GLY G 309 -15.99 33.61 32.23
CA GLY G 309 -16.66 33.87 30.94
C GLY G 309 -16.72 32.74 29.95
N ALA G 310 -15.92 31.73 30.21
CA ALA G 310 -15.89 30.50 29.38
C ALA G 310 -17.22 29.75 29.42
N LYS G 311 -17.52 29.07 28.32
CA LYS G 311 -18.67 28.18 28.26
C LYS G 311 -18.26 26.72 28.11
N ILE G 312 -18.45 25.96 29.19
CA ILE G 312 -18.00 24.54 29.30
C ILE G 312 -19.22 23.64 29.26
N SER G 313 -19.11 22.51 28.57
CA SER G 313 -20.16 21.49 28.58
C SER G 313 -19.63 20.15 28.11
N ILE G 314 -20.38 19.08 28.38
CA ILE G 314 -20.07 17.72 28.00
C ILE G 314 -20.45 17.47 26.54
N MET G 315 -19.56 16.77 25.85
CA MET G 315 -19.79 16.37 24.47
C MET G 315 -20.91 15.38 24.45
N THR G 316 -21.92 15.65 23.61
CA THR G 316 -23.04 14.72 23.45
C THR G 316 -22.94 14.11 22.06
N TYR G 317 -23.92 13.27 21.69
CA TYR G 317 -23.90 12.61 20.37
C TYR G 317 -23.74 13.56 19.18
N SER G 318 -24.28 14.79 19.33
CA SER G 318 -24.19 15.84 18.32
C SER G 318 -22.74 16.23 18.06
N GLU G 319 -21.93 16.32 19.13
CA GLU G 319 -20.53 16.74 19.03
C GLU G 319 -19.66 15.63 18.55
N PHE G 320 -19.95 14.42 19.02
CA PHE G 320 -19.20 13.23 18.60
C PHE G 320 -19.37 12.96 17.11
N LYS G 321 -20.58 13.20 16.59
CA LYS G 321 -20.88 13.11 15.18
C LYS G 321 -20.06 14.18 14.41
N HIS G 322 -20.13 15.41 14.91
CA HIS G 322 -19.51 16.57 14.30
C HIS G 322 -17.97 16.46 14.26
N CYS G 323 -17.34 16.02 15.36
CA CYS G 323 -15.89 15.80 15.40
C CYS G 323 -15.43 14.68 14.51
N TRP G 324 -16.32 13.73 14.23
CA TRP G 324 -16.05 12.71 13.23
C TRP G 324 -16.17 13.27 11.82
N ASP G 325 -17.03 14.27 11.63
CA ASP G 325 -17.20 14.90 10.30
C ASP G 325 -16.15 15.99 10.07
N THR G 326 -15.38 16.32 11.10
CA THR G 326 -14.43 17.43 11.01
C THR G 326 -12.98 16.98 11.13
N PHE G 327 -12.65 16.38 12.27
CA PHE G 327 -11.23 16.08 12.57
C PHE G 327 -10.83 14.61 12.39
N VAL G 328 -11.63 13.87 11.63
CA VAL G 328 -11.42 12.43 11.47
C VAL G 328 -11.32 12.05 10.02
N ASP G 329 -10.32 11.22 9.70
CA ASP G 329 -10.12 10.64 8.36
C ASP G 329 -11.05 9.44 8.16
N HIS G 330 -12.36 9.75 8.10
CA HIS G 330 -13.39 8.71 8.00
C HIS G 330 -13.29 7.95 6.68
N GLN G 331 -12.84 8.64 5.64
CA GLN G 331 -12.72 8.12 4.28
C GLN G 331 -14.02 7.53 3.74
N GLY G 332 -15.16 8.08 4.19
CA GLY G 332 -16.50 7.60 3.81
C GLY G 332 -17.23 6.63 4.74
N ALA G 333 -16.67 6.42 5.93
CA ALA G 333 -17.44 5.77 7.02
C ALA G 333 -18.15 6.85 7.80
N PRO G 334 -19.51 6.78 7.94
CA PRO G 334 -20.20 7.72 8.85
C PRO G 334 -19.90 7.33 10.30
N PHE G 335 -20.18 8.22 11.25
CA PHE G 335 -19.80 7.97 12.66
C PHE G 335 -20.61 6.81 13.28
N GLN G 336 -19.88 5.77 13.72
CA GLN G 336 -20.49 4.60 14.37
C GLN G 336 -20.25 4.68 15.89
N PRO G 337 -21.35 4.97 16.66
CA PRO G 337 -21.29 5.13 18.14
C PRO G 337 -20.82 3.87 18.86
N TRP G 338 -20.20 4.06 20.03
CA TRP G 338 -19.80 2.94 20.90
C TRP G 338 -20.94 2.66 21.89
N ASP G 339 -20.90 1.46 22.49
CA ASP G 339 -21.81 0.97 23.51
C ASP G 339 -22.11 1.97 24.64
N GLY G 340 -23.37 2.35 24.76
CA GLY G 340 -23.83 3.33 25.78
C GLY G 340 -23.03 4.66 25.90
N LEU G 341 -23.02 5.39 24.80
CA LEU G 341 -22.33 6.67 24.68
C LEU G 341 -23.12 7.80 25.37
N ASP G 342 -24.43 7.74 25.30
CA ASP G 342 -25.28 8.81 25.84
C ASP G 342 -25.53 8.61 27.31
N GLU G 343 -25.44 7.34 27.76
CA GLU G 343 -25.57 6.97 29.16
C GLU G 343 -24.44 7.56 29.99
N HIS G 344 -23.23 7.39 29.45
CA HIS G 344 -22.01 7.94 30.07
C HIS G 344 -22.00 9.46 29.95
N SER G 345 -22.47 9.96 28.81
CA SER G 345 -22.58 11.39 28.57
C SER G 345 -23.63 12.08 29.47
N GLN G 346 -24.56 11.30 29.99
CA GLN G 346 -25.56 11.82 30.89
C GLN G 346 -25.08 11.92 32.33
N ASP G 347 -24.40 10.86 32.81
CA ASP G 347 -23.74 10.81 34.11
C ASP G 347 -22.81 12.06 34.25
N LEU G 348 -22.11 12.35 33.18
CA LEU G 348 -21.14 13.44 33.13
C LEU G 348 -21.83 14.78 33.11
N SER G 349 -22.96 14.83 32.42
CA SER G 349 -23.77 16.05 32.28
C SER G 349 -24.36 16.43 33.62
N GLY G 350 -24.82 15.42 34.38
CA GLY G 350 -25.34 15.66 35.70
C GLY G 350 -24.22 16.07 36.65
N ARG G 351 -23.08 15.36 36.57
CA ARG G 351 -21.94 15.61 37.47
C ARG G 351 -21.36 17.03 37.17
N LEU G 352 -21.31 17.41 35.89
CA LEU G 352 -20.79 18.72 35.51
C LEU G 352 -21.73 19.81 36.00
N ARG G 353 -23.04 19.58 35.84
CA ARG G 353 -24.04 20.57 36.20
C ARG G 353 -24.02 20.86 37.67
N ALA G 354 -23.66 19.88 38.49
CA ALA G 354 -23.51 20.09 39.95
C ALA G 354 -22.31 20.97 40.29
N ILE G 355 -21.31 20.95 39.42
CA ILE G 355 -20.06 21.65 39.64
C ILE G 355 -20.27 23.12 39.31
N LEU G 356 -20.84 23.42 38.14
CA LEU G 356 -21.07 24.81 37.75
C LEU G 356 -22.22 25.54 38.43
N GLN G 357 -22.91 24.86 39.36
CA GLN G 357 -23.99 25.49 40.13
C GLN G 357 -23.42 26.40 41.25
N ASN G 358 -22.48 25.85 42.05
CA ASN G 358 -22.01 26.63 43.24
C ASN G 358 -20.82 27.45 42.81
N GLN H 7 24.98 -8.70 30.53
CA GLN H 7 23.53 -8.61 30.84
C GLN H 7 22.65 -9.43 29.88
N LEU H 8 23.05 -9.50 28.60
CA LEU H 8 22.18 -10.16 27.61
C LEU H 8 22.72 -11.53 27.21
N ASN H 9 24.05 -11.69 27.17
CA ASN H 9 24.63 -12.85 26.43
C ASN H 9 24.24 -14.23 27.00
N GLU H 10 24.47 -14.37 28.31
CA GLU H 10 24.26 -15.66 28.99
C GLU H 10 22.83 -15.97 29.36
N LEU H 11 21.95 -14.95 29.32
CA LEU H 11 20.52 -15.14 29.60
C LEU H 11 19.87 -16.27 28.76
N LEU H 12 20.21 -16.26 27.47
CA LEU H 12 19.55 -17.04 26.45
C LEU H 12 20.08 -18.46 26.27
N ASN H 13 21.14 -18.84 26.99
CA ASN H 13 21.79 -20.15 26.77
C ASN H 13 21.03 -21.34 27.36
N ALA H 14 20.80 -21.33 28.67
CA ALA H 14 20.17 -22.49 29.37
C ALA H 14 18.65 -22.64 29.06
N GLY H 15 18.06 -21.62 28.45
CA GLY H 15 16.65 -21.61 28.12
C GLY H 15 15.90 -20.63 28.96
N GLU H 16 16.06 -20.76 30.28
CA GLU H 16 15.34 -19.91 31.22
C GLU H 16 16.13 -18.66 31.63
N TYR H 17 15.47 -17.52 31.64
CA TYR H 17 16.06 -16.29 32.19
C TYR H 17 14.98 -15.42 32.83
N LYS H 18 15.35 -14.77 33.92
CA LYS H 18 14.41 -13.94 34.68
C LYS H 18 14.56 -12.48 34.34
N ILE H 19 13.44 -11.79 34.18
CA ILE H 19 13.42 -10.34 34.01
C ILE H 19 12.27 -9.77 34.82
N GLY H 20 12.54 -8.70 35.58
CA GLY H 20 11.61 -8.18 36.58
C GLY H 20 11.45 -9.24 37.64
N GLU H 21 10.32 -9.92 37.62
CA GLU H 21 10.05 -11.06 38.53
C GLU H 21 9.60 -12.29 37.72
N LEU H 22 9.31 -12.06 36.45
CA LEU H 22 8.83 -13.10 35.55
C LEU H 22 9.94 -13.89 34.88
N THR H 23 9.75 -15.21 34.83
CA THR H 23 10.69 -16.15 34.25
C THR H 23 10.32 -16.42 32.81
N PHE H 24 11.26 -16.11 31.91
CA PHE H 24 10.96 -16.31 30.49
C PHE H 24 11.68 -17.55 29.98
N GLN H 25 11.09 -18.15 28.96
CA GLN H 25 11.75 -19.23 28.27
C GLN H 25 12.18 -18.75 26.89
N SER H 26 13.41 -19.03 26.48
CA SER H 26 13.89 -18.68 25.13
C SER H 26 13.05 -19.38 24.07
N ILE H 27 12.95 -18.76 22.90
CA ILE H 27 12.00 -19.25 21.89
C ILE H 27 12.52 -20.57 21.29
N ARG H 28 13.82 -20.64 21.06
CA ARG H 28 14.44 -21.87 20.57
C ARG H 28 14.20 -23.05 21.48
N SER H 29 14.45 -22.86 22.77
CA SER H 29 14.20 -23.91 23.76
C SER H 29 12.74 -24.23 23.87
N SER H 30 11.88 -23.22 23.60
CA SER H 30 10.43 -23.40 23.59
C SER H 30 9.98 -24.23 22.41
N GLN H 31 10.70 -24.17 21.31
CA GLN H 31 10.36 -24.95 20.12
C GLN H 31 10.60 -26.48 20.30
N GLU H 32 11.30 -26.82 21.36
CA GLU H 32 11.52 -28.20 21.80
C GLU H 32 10.35 -28.63 22.67
N LEU H 33 10.36 -29.87 23.18
CA LEU H 33 9.12 -30.43 23.71
C LEU H 33 9.12 -31.37 24.92
N GLN H 34 8.03 -31.30 25.69
CA GLN H 34 7.53 -32.48 26.43
C GLN H 34 6.08 -32.79 25.99
N LYS H 35 5.67 -34.05 26.09
CA LYS H 35 4.29 -34.52 25.73
C LYS H 35 3.13 -33.73 26.39
N LYS H 36 3.35 -33.16 27.58
CA LYS H 36 2.24 -32.51 28.33
C LYS H 36 2.43 -31.01 28.17
N ASN H 37 1.39 -30.28 28.55
CA ASN H 37 1.30 -28.86 28.46
C ASN H 37 2.00 -28.21 29.65
N THR H 38 2.84 -27.20 29.38
CA THR H 38 3.39 -26.32 30.40
C THR H 38 3.19 -24.87 30.00
N ILE H 39 2.98 -24.00 30.98
CA ILE H 39 2.62 -22.62 30.78
C ILE H 39 3.88 -21.81 30.97
N VAL H 40 4.28 -21.12 29.92
CA VAL H 40 5.53 -20.36 29.90
C VAL H 40 5.27 -18.90 29.59
N ASN H 41 6.26 -18.08 29.92
CA ASN H 41 6.25 -16.70 29.54
C ASN H 41 7.24 -16.53 28.45
N LEU H 42 6.87 -15.71 27.49
CA LEU H 42 7.70 -15.45 26.31
C LEU H 42 7.91 -13.94 26.20
N PHE H 43 8.94 -13.52 25.44
CA PHE H 43 9.34 -12.11 25.27
C PHE H 43 10.28 -12.04 24.08
N GLY H 44 9.83 -11.42 22.99
CA GLY H 44 10.52 -11.51 21.72
C GLY H 44 10.11 -10.40 20.76
N ILE H 45 10.34 -10.68 19.47
CA ILE H 45 9.98 -9.75 18.40
C ILE H 45 8.97 -10.38 17.45
N VAL H 46 7.93 -9.62 17.08
CA VAL H 46 6.97 -10.05 16.07
C VAL H 46 7.63 -10.14 14.68
N LYS H 47 8.03 -11.35 14.29
CA LYS H 47 8.64 -11.56 13.00
C LYS H 47 7.57 -11.52 11.87
N ASP H 48 6.38 -12.01 12.20
CA ASP H 48 5.21 -11.96 11.32
C ASP H 48 4.00 -12.13 12.23
N PHE H 49 2.84 -11.59 11.80
CA PHE H 49 1.62 -11.66 12.60
C PHE H 49 0.43 -11.79 11.72
N THR H 50 -0.71 -12.17 12.29
CA THR H 50 -1.98 -12.20 11.54
C THR H 50 -3.01 -11.38 12.25
N PRO H 51 -3.61 -10.40 11.57
CA PRO H 51 -4.79 -9.63 12.04
C PRO H 51 -5.80 -10.44 12.78
N SER H 52 -6.45 -9.76 13.73
CA SER H 52 -7.45 -10.39 14.58
C SER H 52 -8.72 -10.67 13.81
N ARG H 53 -8.88 -11.92 13.41
CA ARG H 53 -10.12 -12.36 12.78
C ARG H 53 -10.82 -13.32 13.73
N GLN H 54 -12.12 -13.49 13.56
CA GLN H 54 -12.91 -14.38 14.40
C GLN H 54 -12.79 -15.78 13.83
N SER H 55 -12.68 -16.77 14.72
CA SER H 55 -12.71 -18.20 14.35
C SER H 55 -14.05 -18.58 13.67
N LEU H 56 -14.02 -19.62 12.87
CA LEU H 56 -15.18 -20.00 12.11
C LEU H 56 -15.88 -21.17 12.69
N HIS H 57 -15.17 -21.95 13.51
CA HIS H 57 -15.75 -23.15 14.10
C HIS H 57 -15.54 -23.15 15.63
N GLY H 58 -16.02 -24.18 16.30
CA GLY H 58 -15.73 -24.44 17.69
C GLY H 58 -16.39 -23.40 18.49
N THR H 59 -15.65 -22.82 19.43
CA THR H 59 -16.21 -21.86 20.36
C THR H 59 -16.27 -20.48 19.67
N LYS H 60 -15.71 -20.36 18.47
CA LYS H 60 -15.72 -19.08 17.78
C LYS H 60 -15.08 -17.91 18.50
N ASP H 61 -14.02 -18.14 19.25
CA ASP H 61 -13.30 -17.03 19.92
C ASP H 61 -12.47 -16.19 18.91
N TRP H 62 -12.19 -14.95 19.24
CA TRP H 62 -11.29 -14.14 18.42
C TRP H 62 -9.88 -14.60 18.55
N VAL H 63 -9.10 -14.47 17.46
CA VAL H 63 -7.69 -14.93 17.46
C VAL H 63 -6.78 -14.05 16.64
N THR H 64 -5.61 -13.76 17.21
CA THR H 64 -4.52 -13.15 16.51
C THR H 64 -3.38 -14.13 16.58
N THR H 65 -2.60 -14.22 15.50
CA THR H 65 -1.47 -15.15 15.51
C THR H 65 -0.16 -14.34 15.53
N VAL H 66 0.78 -14.75 16.35
CA VAL H 66 2.12 -14.14 16.32
C VAL H 66 3.17 -15.19 16.07
N TYR H 67 4.32 -14.74 15.57
CA TYR H 67 5.50 -15.62 15.47
C TYR H 67 6.59 -14.91 16.25
N LEU H 68 6.89 -15.36 17.45
CA LEU H 68 7.91 -14.65 18.21
C LEU H 68 9.28 -15.17 17.90
N TRP H 69 10.20 -14.22 17.86
CA TRP H 69 11.59 -14.46 17.62
C TRP H 69 12.39 -13.80 18.72
N ASP H 70 13.54 -14.38 19.05
CA ASP H 70 14.59 -13.81 19.90
C ASP H 70 15.95 -14.43 19.44
N PRO H 71 17.08 -13.81 19.82
CA PRO H 71 18.39 -14.23 19.32
C PRO H 71 18.68 -15.71 19.35
N THR H 72 18.00 -16.47 20.21
CA THR H 72 18.19 -17.93 20.26
C THR H 72 17.69 -18.61 18.98
N CYS H 73 16.84 -17.93 18.21
CA CYS H 73 16.43 -18.41 16.87
C CYS H 73 17.34 -17.81 15.83
N ASP H 74 17.62 -18.56 14.77
CA ASP H 74 18.47 -18.02 13.70
C ASP H 74 17.81 -16.88 12.94
N THR H 75 18.60 -16.16 12.14
CA THR H 75 18.13 -15.04 11.31
C THR H 75 16.96 -15.45 10.41
N SER H 76 17.12 -16.54 9.66
CA SER H 76 16.14 -17.02 8.69
C SER H 76 14.88 -17.63 9.32
N SER H 77 14.96 -18.07 10.58
CA SER H 77 13.83 -18.73 11.29
C SER H 77 12.64 -17.80 11.47
N ILE H 78 11.46 -18.32 11.21
CA ILE H 78 10.20 -17.57 11.39
C ILE H 78 9.86 -17.39 12.91
N GLY H 79 10.07 -18.44 13.69
CA GLY H 79 9.96 -18.34 15.15
C GLY H 79 8.87 -19.28 15.69
N LEU H 80 8.32 -18.96 16.87
CA LEU H 80 7.33 -19.83 17.45
C LEU H 80 5.97 -19.37 17.08
N GLN H 81 5.14 -20.28 16.58
CA GLN H 81 3.76 -19.98 16.26
C GLN H 81 3.03 -19.87 17.54
N ILE H 82 2.34 -18.77 17.76
CA ILE H 82 1.51 -18.65 18.97
C ILE H 82 0.14 -18.16 18.57
N HIS H 83 -0.88 -18.88 18.99
CA HIS H 83 -2.24 -18.39 18.81
C HIS H 83 -2.76 -17.65 20.05
N LEU H 84 -3.08 -16.38 19.90
CA LEU H 84 -3.66 -15.63 21.02
C LEU H 84 -5.20 -15.55 20.90
N PHE H 85 -5.95 -16.15 21.83
CA PHE H 85 -7.39 -16.20 21.71
C PHE H 85 -8.01 -15.31 22.79
N SER H 86 -9.24 -14.87 22.59
CA SER H 86 -10.04 -14.12 23.55
C SER H 86 -11.52 -14.20 23.21
N LYS H 87 -12.34 -14.28 24.26
CA LYS H 87 -13.82 -14.32 24.10
C LYS H 87 -14.35 -13.04 23.45
N GLN H 88 -14.02 -11.90 24.06
CA GLN H 88 -14.37 -10.55 23.67
C GLN H 88 -13.77 -10.23 22.31
N GLY H 89 -12.46 -10.28 22.25
CA GLY H 89 -11.75 -10.14 20.98
C GLY H 89 -11.26 -8.73 20.80
N ASN H 90 -12.04 -7.80 21.36
CA ASN H 90 -11.67 -6.39 21.30
C ASN H 90 -10.59 -6.07 22.34
N ASP H 91 -10.03 -7.12 22.94
CA ASP H 91 -8.93 -6.95 23.87
C ASP H 91 -7.65 -7.59 23.36
N LEU H 92 -7.67 -8.17 22.15
CA LEU H 92 -6.38 -8.67 21.59
C LEU H 92 -5.41 -7.57 21.15
N PRO H 93 -4.07 -7.80 21.27
CA PRO H 93 -3.08 -6.81 20.90
C PRO H 93 -3.31 -6.32 19.44
N VAL H 94 -3.19 -5.01 19.31
CA VAL H 94 -3.24 -4.37 18.01
C VAL H 94 -1.83 -4.17 17.56
N ILE H 95 -1.36 -5.10 16.72
CA ILE H 95 -0.03 -5.04 16.09
C ILE H 95 -0.17 -4.31 14.76
N LYS H 96 0.71 -3.34 14.51
CA LYS H 96 0.77 -2.55 13.27
C LYS H 96 1.78 -3.03 12.26
N GLN H 97 2.96 -3.45 12.73
CA GLN H 97 3.98 -3.88 11.81
C GLN H 97 4.99 -4.84 12.46
N VAL H 98 5.72 -5.54 11.57
CA VAL H 98 6.68 -6.54 11.92
C VAL H 98 7.89 -5.87 12.55
N GLY H 99 8.28 -6.31 13.71
CA GLY H 99 9.42 -5.69 14.38
C GLY H 99 9.08 -5.23 15.81
N GLN H 100 7.81 -5.26 16.18
CA GLN H 100 7.43 -4.75 17.49
C GLN H 100 7.79 -5.76 18.61
N PRO H 101 8.43 -5.28 19.70
CA PRO H 101 8.71 -6.09 20.84
C PRO H 101 7.43 -6.51 21.58
N LEU H 102 7.35 -7.75 22.07
CA LEU H 102 6.15 -8.29 22.65
C LEU H 102 6.47 -9.16 23.85
N LEU H 103 5.80 -8.90 24.97
CA LEU H 103 5.94 -9.66 26.20
C LEU H 103 4.65 -10.44 26.45
N LEU H 104 4.72 -11.77 26.40
CA LEU H 104 3.51 -12.58 26.58
C LEU H 104 3.55 -13.30 27.90
N HIS H 105 2.45 -13.16 28.65
CA HIS H 105 2.35 -13.71 30.00
C HIS H 105 1.32 -14.88 30.12
N GLN H 106 1.83 -16.04 30.51
CA GLN H 106 1.03 -17.25 30.56
C GLN H 106 0.56 -17.75 29.13
N ILE H 107 1.51 -18.32 28.39
CA ILE H 107 1.27 -19.05 27.17
C ILE H 107 1.54 -20.58 27.29
N THR H 108 0.55 -21.41 27.04
CA THR H 108 0.69 -22.90 27.09
C THR H 108 1.42 -23.44 25.86
N LEU H 109 2.26 -24.43 26.07
CA LEU H 109 3.10 -24.99 25.00
C LEU H 109 2.70 -26.39 24.66
N ARG H 110 2.38 -26.66 23.39
CA ARG H 110 1.94 -28.03 23.06
C ARG H 110 2.42 -28.47 21.69
N SER H 111 2.36 -29.75 21.38
CA SER H 111 2.62 -30.22 20.02
C SER H 111 1.41 -30.01 19.09
N TYR H 112 1.70 -29.66 17.84
CA TYR H 112 0.76 -29.75 16.79
C TYR H 112 1.44 -30.23 15.52
N ARG H 113 1.31 -31.51 15.19
CA ARG H 113 1.80 -32.05 13.92
C ARG H 113 3.28 -31.86 13.77
N ASP H 114 4.05 -32.39 14.73
CA ASP H 114 5.55 -32.28 14.70
C ASP H 114 6.05 -30.85 14.61
N ARG H 115 5.55 -29.98 15.48
CA ARG H 115 6.06 -28.65 15.69
C ARG H 115 5.52 -28.26 17.05
N THR H 116 6.18 -27.34 17.73
CA THR H 116 5.61 -26.81 18.94
C THR H 116 4.74 -25.66 18.48
N GLN H 117 3.52 -25.57 18.99
CA GLN H 117 2.93 -24.19 19.03
C GLN H 117 2.67 -23.68 20.46
N GLY H 118 2.46 -22.40 20.61
CA GLY H 118 1.83 -21.97 21.83
C GLY H 118 0.37 -21.61 21.67
N LEU H 119 -0.41 -21.99 22.69
CA LEU H 119 -1.75 -21.48 22.79
C LEU H 119 -1.85 -20.51 24.03
N SER H 120 -2.45 -19.35 23.85
CA SER H 120 -2.75 -18.41 24.98
C SER H 120 -3.70 -18.99 26.01
N LYS H 121 -3.37 -18.81 27.28
CA LYS H 121 -4.28 -19.10 28.41
C LYS H 121 -5.37 -18.06 28.45
N ASP H 122 -6.42 -18.28 29.18
CA ASP H 122 -7.49 -17.31 29.31
C ASP H 122 -6.99 -16.04 29.93
N GLN H 123 -6.18 -16.15 30.98
CA GLN H 123 -5.68 -14.98 31.74
C GLN H 123 -4.43 -14.34 31.12
N PHE H 124 -4.10 -14.70 29.89
CA PHE H 124 -2.87 -14.29 29.24
C PHE H 124 -2.87 -12.79 29.12
N ARG H 125 -1.69 -12.22 29.39
CA ARG H 125 -1.53 -10.78 29.33
C ARG H 125 -0.41 -10.53 28.38
N TYR H 126 -0.30 -9.28 27.91
CA TYR H 126 0.71 -8.92 26.93
C TYR H 126 1.21 -7.56 27.23
N ALA H 127 2.25 -7.15 26.55
CA ALA H 127 2.77 -5.78 26.66
C ALA H 127 3.54 -5.52 25.40
N LEU H 128 3.19 -4.43 24.74
CA LEU H 128 3.75 -4.08 23.44
C LEU H 128 4.65 -2.87 23.53
N TRP H 129 5.53 -2.76 22.52
CA TRP H 129 6.46 -1.64 22.38
C TRP H 129 6.52 -1.25 20.92
N PRO H 130 6.85 0.03 20.64
CA PRO H 130 6.96 0.46 19.22
C PRO H 130 8.20 -0.11 18.57
N ASP H 131 8.20 -0.30 17.24
CA ASP H 131 9.41 -0.73 16.52
C ASP H 131 10.39 0.43 16.60
N PHE H 132 11.26 0.43 17.62
CA PHE H 132 12.08 1.62 17.91
C PHE H 132 12.98 2.04 16.72
N SER H 133 13.48 1.05 15.96
CA SER H 133 14.37 1.32 14.86
C SER H 133 13.64 1.39 13.51
N SER H 134 12.35 1.64 13.55
CA SER H 134 11.58 1.85 12.32
C SER H 134 11.66 3.27 11.86
N ASN H 135 11.24 3.50 10.63
CA ASN H 135 11.19 4.90 10.10
C ASN H 135 9.93 5.63 10.45
N SER H 136 8.89 4.91 10.83
CA SER H 136 7.63 5.48 11.32
C SER H 136 7.68 5.74 12.80
N LYS H 137 6.92 6.76 13.21
CA LYS H 137 6.70 7.09 14.61
C LYS H 137 5.67 6.19 15.27
N ASP H 138 4.52 6.05 14.62
CA ASP H 138 3.35 5.42 15.29
C ASP H 138 3.24 3.98 14.96
N THR H 139 4.31 3.22 15.23
CA THR H 139 4.21 1.75 15.07
C THR H 139 3.43 1.19 16.26
N LEU H 140 3.46 1.90 17.41
CA LEU H 140 2.73 1.45 18.61
C LEU H 140 1.51 2.33 18.77
N CYS H 141 0.31 1.80 18.55
CA CYS H 141 -0.91 2.57 18.83
C CYS H 141 -1.43 2.25 20.26
N PRO H 142 -2.27 3.14 20.87
CA PRO H 142 -3.11 2.82 22.02
C PRO H 142 -3.80 1.41 21.95
N GLN H 143 -3.40 0.52 22.85
CA GLN H 143 -3.85 -0.85 22.88
C GLN H 143 -5.13 -0.97 23.75
N PRO H 144 -5.97 -2.03 23.50
CA PRO H 144 -7.07 -2.35 24.42
C PRO H 144 -6.64 -2.49 25.87
N MET H 145 -7.46 -1.95 26.80
CA MET H 145 -7.04 -1.80 28.17
C MET H 145 -7.02 -3.10 29.06
N PRO H 146 -7.94 -4.11 28.83
CA PRO H 146 -8.08 -5.21 29.80
C PRO H 146 -6.82 -6.06 30.00
N ARG H 147 -6.11 -6.36 28.90
CA ARG H 147 -5.05 -7.33 28.87
C ARG H 147 -3.63 -6.82 29.00
N LEU H 148 -3.50 -5.59 29.42
CA LEU H 148 -2.18 -4.98 29.49
C LEU H 148 -1.42 -5.35 30.79
N MET H 149 -0.10 -5.42 30.70
CA MET H 149 0.77 -5.46 31.89
C MET H 149 1.51 -4.15 32.21
N LYS H 150 1.55 -3.74 33.49
CA LYS H 150 2.37 -2.58 33.91
C LYS H 150 3.82 -3.03 33.95
N THR H 151 4.59 -2.52 33.00
CA THR H 151 5.98 -2.87 32.87
C THR H 151 6.85 -1.78 33.49
N GLY H 152 8.05 -2.17 33.87
CA GLY H 152 8.96 -1.32 34.61
C GLY H 152 10.27 -0.98 33.93
N ASP H 153 11.32 -0.90 34.77
CA ASP H 153 12.63 -0.35 34.40
C ASP H 153 13.41 -1.38 33.57
N LYS H 154 13.45 -2.63 34.04
CA LYS H 154 14.22 -3.67 33.37
C LYS H 154 13.69 -3.99 31.95
N GLU H 155 12.37 -4.20 31.83
CA GLU H 155 11.78 -4.64 30.53
C GLU H 155 11.73 -3.55 29.43
N GLU H 156 12.04 -2.33 29.81
CA GLU H 156 12.36 -1.26 28.84
C GLU H 156 13.66 -1.53 28.14
N GLN H 157 14.71 -1.75 28.94
CA GLN H 157 16.07 -2.10 28.44
C GLN H 157 15.97 -3.32 27.50
N PHE H 158 15.28 -4.35 27.98
CA PHE H 158 15.28 -5.63 27.34
C PHE H 158 14.55 -5.58 26.00
N ALA H 159 13.43 -4.86 25.96
CA ALA H 159 12.67 -4.82 24.70
C ALA H 159 13.41 -4.04 23.65
N LEU H 160 13.99 -2.91 24.04
CA LEU H 160 14.78 -2.11 23.12
C LEU H 160 16.01 -2.89 22.62
N LEU H 161 16.65 -3.66 23.51
CA LEU H 161 17.74 -4.57 23.18
C LEU H 161 17.34 -5.56 22.12
N LEU H 162 16.26 -6.30 22.35
CA LEU H 162 15.70 -7.21 21.35
C LEU H 162 15.46 -6.53 20.00
N ASN H 163 14.84 -5.34 20.05
CA ASN H 163 14.54 -4.53 18.85
C ASN H 163 15.82 -4.18 18.08
N LYS H 164 16.83 -3.79 18.85
CA LYS H 164 18.09 -3.38 18.29
C LYS H 164 18.74 -4.56 17.57
N ILE H 165 18.81 -5.70 18.26
CA ILE H 165 19.33 -6.95 17.66
C ILE H 165 18.55 -7.39 16.41
N TRP H 166 17.23 -7.25 16.43
CA TRP H 166 16.41 -7.63 15.27
C TRP H 166 16.70 -6.78 14.05
N ASP H 167 16.70 -5.47 14.24
CA ASP H 167 16.88 -4.54 13.14
C ASP H 167 18.25 -4.66 12.53
N GLU H 168 19.24 -4.96 13.37
CA GLU H 168 20.62 -5.12 12.92
C GLU H 168 20.83 -6.49 12.29
N GLN H 169 19.71 -7.07 11.81
CA GLN H 169 19.67 -8.35 11.08
C GLN H 169 18.67 -8.29 9.94
N THR H 170 17.78 -7.33 10.01
CA THR H 170 16.74 -7.10 8.98
C THR H 170 16.77 -5.65 8.40
N ASN H 171 17.96 -5.11 8.28
CA ASN H 171 18.19 -3.79 7.68
C ASN H 171 19.55 -3.76 6.97
N HIS H 172 19.54 -4.23 5.72
CA HIS H 172 20.78 -4.38 4.95
C HIS H 172 21.06 -3.11 4.16
N SER H 173 20.01 -2.52 3.59
CA SER H 173 20.11 -1.43 2.64
C SER H 173 20.26 -0.08 3.34
N MET H 174 21.03 0.83 2.73
CA MET H 174 21.16 2.18 3.27
C MET H 174 20.85 3.20 2.17
N ASP H 175 20.48 4.38 2.63
CA ASP H 175 20.14 5.51 1.83
C ASP H 175 21.38 5.95 0.98
N PRO H 176 21.20 6.10 -0.34
CA PRO H 176 22.30 6.55 -1.23
C PRO H 176 22.95 7.93 -0.89
N PRO H 177 22.17 8.98 -0.54
CA PRO H 177 22.87 10.21 -0.08
C PRO H 177 23.71 10.03 1.19
N THR H 178 23.26 9.12 2.06
CA THR H 178 23.95 8.75 3.31
C THR H 178 25.33 8.15 2.94
N PHE H 179 25.35 7.29 1.90
CA PHE H 179 26.56 6.62 1.52
C PHE H 179 27.61 7.57 0.98
N THR H 180 27.16 8.56 0.22
CA THR H 180 28.04 9.57 -0.42
C THR H 180 28.74 10.39 0.64
N PHE H 181 27.98 10.79 1.66
CA PHE H 181 28.49 11.77 2.61
C PHE H 181 29.45 11.10 3.58
N ASN H 182 29.04 9.94 4.16
CA ASN H 182 29.80 9.30 5.20
C ASN H 182 31.07 8.57 4.67
N PHE H 183 30.94 8.04 3.44
CA PHE H 183 32.01 7.32 2.85
C PHE H 183 32.98 8.12 2.01
N ASN H 184 32.82 9.44 2.00
CA ASN H 184 33.74 10.31 1.29
C ASN H 184 35.17 10.19 1.89
N ASN H 185 36.08 9.63 1.12
CA ASN H 185 37.43 9.36 1.52
C ASN H 185 38.44 10.46 1.41
N GLU H 186 37.98 11.72 1.30
CA GLU H 186 38.93 12.86 1.40
C GLU H 186 39.49 12.93 2.84
N PRO H 187 40.80 12.98 3.01
CA PRO H 187 41.48 12.70 4.29
C PRO H 187 40.89 13.39 5.53
N TRP H 188 40.59 14.68 5.45
CA TRP H 188 40.03 15.43 6.60
C TRP H 188 38.75 16.08 6.20
N VAL H 189 37.65 15.66 6.81
CA VAL H 189 36.30 16.27 6.49
C VAL H 189 35.56 16.74 7.78
N ARG H 190 34.63 17.67 7.64
CA ARG H 190 33.56 17.94 8.65
C ARG H 190 32.19 17.53 8.03
N GLY H 191 31.19 17.08 8.76
CA GLY H 191 31.16 17.10 10.17
C GLY H 191 30.57 15.77 10.50
N ARG H 192 31.02 14.68 9.85
CA ARG H 192 30.52 13.35 9.97
C ARG H 192 30.08 12.85 11.38
N HIS H 193 30.81 13.13 12.46
CA HIS H 193 30.34 12.72 13.82
C HIS H 193 30.04 11.21 14.04
N GLU H 194 29.06 10.73 13.29
CA GLU H 194 28.80 9.31 13.33
C GLU H 194 29.96 8.50 12.71
N THR H 195 30.02 7.22 12.97
CA THR H 195 30.80 6.26 12.20
C THR H 195 29.79 5.29 11.61
N TYR H 196 29.92 5.04 10.29
CA TYR H 196 29.15 4.01 9.64
C TYR H 196 30.01 2.78 9.46
N LEU H 197 29.44 1.64 9.74
CA LEU H 197 30.13 0.40 9.59
C LEU H 197 29.29 -0.64 8.87
N CYS H 198 29.74 -1.07 7.70
CA CYS H 198 29.04 -2.13 6.92
C CYS H 198 29.81 -3.42 7.01
N TYR H 199 29.18 -4.49 7.50
CA TYR H 199 29.93 -5.72 7.76
C TYR H 199 29.42 -6.93 6.96
N GLU H 200 30.35 -7.82 6.62
CA GLU H 200 30.03 -9.06 5.94
C GLU H 200 30.59 -10.21 6.77
N VAL H 201 29.88 -11.33 6.73
CA VAL H 201 30.35 -12.48 7.45
C VAL H 201 30.44 -13.69 6.51
N GLU H 202 31.54 -14.45 6.60
CA GLU H 202 31.82 -15.55 5.71
C GLU H 202 32.01 -16.86 6.48
N ARG H 203 31.30 -17.89 6.02
CA ARG H 203 31.27 -19.22 6.64
C ARG H 203 32.27 -20.17 6.02
N MET H 204 32.85 -21.06 6.83
CA MET H 204 33.82 -22.04 6.31
C MET H 204 33.10 -23.28 5.78
N HIS H 205 33.14 -23.46 4.46
CA HIS H 205 32.49 -24.61 3.77
C HIS H 205 33.22 -25.03 2.51
N ASN H 206 33.57 -26.32 2.38
CA ASN H 206 34.41 -26.82 1.25
C ASN H 206 35.79 -26.14 1.17
N ASP H 207 36.42 -25.90 2.33
CA ASP H 207 37.70 -25.19 2.45
C ASP H 207 37.68 -23.73 1.92
N THR H 208 36.49 -23.20 1.61
CA THR H 208 36.36 -21.84 1.06
C THR H 208 35.12 -21.09 1.57
N TRP H 209 35.32 -19.80 1.78
CA TRP H 209 34.31 -18.90 2.34
C TRP H 209 33.04 -18.81 1.48
N VAL H 210 31.92 -19.18 2.11
CA VAL H 210 30.58 -18.95 1.55
C VAL H 210 30.15 -17.49 1.79
N LYS H 211 30.05 -16.77 0.67
CA LYS H 211 29.50 -15.40 0.66
C LYS H 211 27.99 -15.41 0.81
N LEU H 212 27.44 -14.90 1.92
CA LEU H 212 26.02 -14.77 2.10
C LEU H 212 25.55 -13.36 2.28
N ASN H 213 24.80 -12.86 1.28
CA ASN H 213 24.07 -11.60 1.33
C ASN H 213 23.19 -11.39 2.62
N GLN H 214 22.67 -12.52 3.10
CA GLN H 214 21.70 -12.56 4.21
C GLN H 214 22.35 -12.27 5.57
N ARG H 215 23.66 -12.52 5.63
CA ARG H 215 24.46 -12.42 6.86
C ARG H 215 25.17 -11.04 6.99
N ARG H 216 24.82 -10.15 6.07
CA ARG H 216 25.46 -8.84 5.96
C ARG H 216 24.57 -7.75 6.51
N GLY H 217 25.07 -7.02 7.54
CA GLY H 217 24.39 -5.87 8.15
C GLY H 217 25.24 -4.59 8.16
N PHE H 218 24.62 -3.48 8.49
CA PHE H 218 25.33 -2.23 8.74
C PHE H 218 24.76 -1.46 9.93
N LEU H 219 25.56 -0.60 10.53
CA LEU H 219 25.10 0.19 11.65
C LEU H 219 25.82 1.51 11.81
N ALA H 220 25.22 2.42 12.58
CA ALA H 220 25.71 3.79 12.83
C ALA H 220 25.62 4.07 14.32
N ASN H 221 26.52 4.89 14.87
CA ASN H 221 26.64 5.02 16.36
C ASN H 221 25.54 5.85 17.04
N GLN H 222 25.47 5.81 18.36
CA GLN H 222 24.54 6.60 19.19
C GLN H 222 24.97 8.03 19.63
N ALA H 223 24.04 8.76 20.25
CA ALA H 223 24.18 10.15 20.73
C ALA H 223 23.63 10.15 22.19
N PRO H 224 24.12 11.03 23.09
CA PRO H 224 25.29 11.91 22.88
C PRO H 224 26.56 11.39 23.60
N GLU H 231 27.83 9.41 27.65
CA GLU H 231 26.96 8.38 27.16
C GLU H 231 27.49 7.58 25.94
N GLY H 232 26.61 6.64 25.52
CA GLY H 232 26.66 5.84 24.33
C GLY H 232 26.30 6.51 23.00
N ARG H 233 26.87 5.96 21.93
CA ARG H 233 27.81 4.84 21.96
C ARG H 233 28.75 5.02 20.80
N HIS H 234 29.68 4.09 20.62
CA HIS H 234 30.51 4.06 19.41
C HIS H 234 30.00 2.96 18.49
N ALA H 235 30.17 3.11 17.20
CA ALA H 235 29.65 2.13 16.23
C ALA H 235 30.34 0.77 16.37
N GLU H 236 31.67 0.81 16.65
CA GLU H 236 32.50 -0.37 16.87
C GLU H 236 32.01 -1.21 18.05
N LEU H 237 31.55 -0.57 19.13
CA LEU H 237 31.05 -1.30 20.29
C LEU H 237 29.74 -1.97 20.00
N CYS H 238 28.85 -1.24 19.32
CA CYS H 238 27.52 -1.75 18.95
C CYS H 238 27.66 -2.93 18.06
N PHE H 239 28.69 -2.93 17.21
CA PHE H 239 28.97 -4.06 16.32
C PHE H 239 29.36 -5.30 17.06
N LEU H 240 30.18 -5.12 18.12
CA LEU H 240 30.67 -6.25 18.93
C LEU H 240 29.60 -6.86 19.78
N ASP H 241 28.55 -6.09 20.08
CA ASP H 241 27.49 -6.56 21.00
C ASP H 241 26.63 -7.62 20.35
N VAL H 242 26.42 -7.48 19.03
CA VAL H 242 25.52 -8.34 18.29
C VAL H 242 26.21 -9.54 17.71
N ILE H 243 27.55 -9.60 17.81
CA ILE H 243 28.33 -10.78 17.39
C ILE H 243 27.97 -12.10 18.12
N PRO H 244 27.84 -12.08 19.47
CA PRO H 244 27.47 -13.33 20.14
C PRO H 244 26.08 -13.83 19.77
N PHE H 245 25.25 -12.96 19.23
CA PHE H 245 23.87 -13.33 18.89
C PHE H 245 23.73 -13.68 17.41
N TRP H 246 24.77 -14.31 16.86
CA TRP H 246 24.75 -14.70 15.46
C TRP H 246 24.52 -16.18 15.20
N LYS H 247 24.50 -16.96 16.29
CA LYS H 247 24.38 -18.40 16.26
C LYS H 247 25.54 -19.01 15.47
N LEU H 248 26.77 -18.47 15.60
CA LEU H 248 27.89 -19.02 14.84
C LEU H 248 28.38 -20.36 15.36
N ASP H 249 28.40 -21.37 14.47
CA ASP H 249 28.77 -22.75 14.77
C ASP H 249 30.21 -22.79 15.29
N LEU H 250 30.38 -23.33 16.51
CA LEU H 250 31.65 -23.22 17.20
C LEU H 250 32.80 -23.89 16.51
N ASP H 251 32.52 -24.97 15.77
CA ASP H 251 33.57 -25.69 15.03
C ASP H 251 34.05 -24.95 13.79
N GLN H 252 33.10 -24.36 13.05
CA GLN H 252 33.38 -23.60 11.82
C GLN H 252 34.13 -22.31 12.17
N ASP H 253 35.17 -22.00 11.39
CA ASP H 253 35.86 -20.72 11.50
C ASP H 253 35.23 -19.65 10.63
N TYR H 254 35.15 -18.43 11.15
CA TYR H 254 34.49 -17.30 10.49
C TYR H 254 35.38 -16.09 10.37
N ARG H 255 35.17 -15.35 9.28
CA ARG H 255 35.94 -14.16 8.99
C ARG H 255 35.02 -12.97 8.77
N VAL H 256 35.12 -11.98 9.64
CA VAL H 256 34.36 -10.76 9.50
C VAL H 256 35.14 -9.69 8.74
N THR H 257 34.53 -9.15 7.69
CA THR H 257 35.04 -7.97 7.01
C THR H 257 34.03 -6.84 7.18
N CYS H 258 34.39 -5.85 8.01
CA CYS H 258 33.54 -4.64 8.17
C CYS H 258 34.12 -3.43 7.41
N PHE H 259 33.25 -2.60 6.85
CA PHE H 259 33.66 -1.45 6.09
C PHE H 259 33.26 -0.22 6.87
N THR H 260 34.24 0.47 7.46
CA THR H 260 34.00 1.63 8.33
C THR H 260 34.18 2.93 7.61
N SER H 261 33.51 3.98 8.11
CA SER H 261 33.70 5.31 7.56
C SER H 261 34.82 5.98 8.21
N TRP H 262 35.00 5.79 9.50
CA TRP H 262 36.24 6.26 10.17
C TRP H 262 36.94 5.06 10.79
N SER H 263 38.25 5.07 10.74
CA SER H 263 39.09 4.04 11.47
C SER H 263 38.81 4.22 12.92
N PRO H 264 38.86 3.17 13.72
CA PRO H 264 38.26 3.33 15.14
C PRO H 264 39.10 4.23 16.00
N CYS H 265 38.54 4.87 16.97
CA CYS H 265 39.35 5.59 18.04
C CYS H 265 40.28 4.62 18.77
N PHE H 266 41.06 5.17 19.70
CA PHE H 266 41.90 4.32 20.54
C PHE H 266 41.10 3.35 21.40
N SER H 267 39.99 3.82 21.98
CA SER H 267 39.19 2.99 22.93
C SER H 267 38.54 1.76 22.27
N CYS H 268 38.04 1.96 21.06
CA CYS H 268 37.39 0.86 20.33
C CYS H 268 38.38 -0.10 19.70
N ALA H 269 39.56 0.41 19.37
CA ALA H 269 40.66 -0.46 18.91
C ALA H 269 41.09 -1.44 20.02
N GLN H 270 41.02 -1.01 21.27
CA GLN H 270 41.30 -1.85 22.41
C GLN H 270 40.30 -3.01 22.56
N GLU H 271 39.02 -2.67 22.46
CA GLU H 271 37.93 -3.69 22.49
C GLU H 271 37.97 -4.65 21.33
N MET H 272 38.25 -4.10 20.16
CA MET H 272 38.33 -4.92 19.02
C MET H 272 39.56 -5.86 19.10
N ALA H 273 40.61 -5.42 19.83
CA ALA H 273 41.80 -6.18 20.07
C ALA H 273 41.52 -7.30 21.04
N LYS H 274 40.80 -6.98 22.11
CA LYS H 274 40.47 -7.95 23.15
C LYS H 274 39.43 -8.95 22.64
N PHE H 275 38.83 -8.63 21.51
CA PHE H 275 37.85 -9.50 20.88
C PHE H 275 38.48 -10.68 20.16
N ILE H 276 39.58 -10.44 19.49
CA ILE H 276 40.32 -11.50 18.77
C ILE H 276 41.02 -12.46 19.76
N SER H 277 41.39 -11.96 20.95
CA SER H 277 41.90 -12.85 22.01
C SER H 277 40.83 -13.70 22.68
N LYS H 278 39.60 -13.20 22.67
CA LYS H 278 38.49 -13.85 23.33
C LYS H 278 37.84 -14.86 22.41
N ASN H 279 37.84 -14.59 21.09
CA ASN H 279 37.17 -15.46 20.13
C ASN H 279 38.16 -16.08 19.20
N LYS H 280 38.20 -17.41 19.27
CA LYS H 280 39.20 -18.21 18.60
C LYS H 280 38.78 -18.59 17.16
N HIS H 281 37.50 -18.42 16.86
CA HIS H 281 36.96 -18.81 15.57
C HIS H 281 36.51 -17.60 14.74
N VAL H 282 36.91 -16.42 15.16
CA VAL H 282 36.48 -15.17 14.50
C VAL H 282 37.68 -14.31 14.05
N SER H 283 37.77 -14.15 12.73
CA SER H 283 38.81 -13.39 12.07
C SER H 283 38.23 -12.03 11.66
N LEU H 284 38.97 -10.96 11.83
CA LEU H 284 38.43 -9.62 11.65
C LEU H 284 39.33 -8.85 10.71
N CYS H 285 38.70 -8.28 9.67
CA CYS H 285 39.42 -7.61 8.61
C CYS H 285 38.71 -6.29 8.31
N ILE H 286 39.41 -5.14 8.42
CA ILE H 286 38.74 -3.85 8.43
C ILE H 286 39.12 -3.07 7.20
N LYS H 287 38.09 -2.55 6.48
CA LYS H 287 38.33 -1.68 5.35
C LYS H 287 37.76 -0.32 5.71
N THR H 288 38.57 0.72 5.70
CA THR H 288 38.18 2.01 6.15
C THR H 288 38.34 3.05 5.08
N ALA H 289 37.51 4.11 5.12
CA ALA H 289 37.47 5.12 4.07
C ALA H 289 38.41 6.23 4.37
N ARG H 290 38.35 6.71 5.65
CA ARG H 290 39.32 7.74 6.15
C ARG H 290 40.15 7.15 7.28
N ILE H 291 41.31 7.67 7.52
CA ILE H 291 42.06 7.42 8.80
C ILE H 291 41.77 8.46 9.87
N TYR H 292 41.02 8.07 10.88
CA TYR H 292 40.77 8.98 12.05
C TYR H 292 42.05 9.20 12.85
N ASP H 293 42.59 10.40 12.86
CA ASP H 293 43.71 10.79 13.70
C ASP H 293 43.34 11.90 14.73
N ASP H 294 43.19 11.56 15.98
CA ASP H 294 42.90 12.54 17.03
C ASP H 294 44.13 13.28 17.37
N GLN H 295 45.27 12.82 16.82
CA GLN H 295 46.60 13.37 17.19
C GLN H 295 46.86 13.19 18.67
N GLY H 296 46.34 12.08 19.20
CA GLY H 296 46.64 11.55 20.54
C GLY H 296 47.10 10.08 20.31
N ARG H 297 46.26 9.13 20.72
CA ARG H 297 46.64 7.72 20.70
C ARG H 297 45.93 6.87 19.60
N ALA H 298 45.21 7.53 18.74
CA ALA H 298 44.66 6.91 17.54
C ALA H 298 45.68 6.07 16.69
N GLN H 299 46.91 6.60 16.54
CA GLN H 299 47.95 5.88 15.78
C GLN H 299 48.41 4.58 16.49
N GLU H 300 48.47 4.70 17.83
CA GLU H 300 48.81 3.55 18.62
C GLU H 300 47.75 2.49 18.56
N GLY H 301 46.51 2.96 18.53
CA GLY H 301 45.34 2.04 18.53
C GLY H 301 45.29 1.21 17.25
N LEU H 302 45.69 1.81 16.15
CA LEU H 302 45.74 1.08 14.90
C LEU H 302 46.82 0.00 14.93
N ARG H 303 47.99 0.33 15.52
CA ARG H 303 49.06 -0.63 15.72
C ARG H 303 48.64 -1.74 16.67
N THR H 304 48.07 -1.38 17.84
CA THR H 304 47.60 -2.33 18.85
C THR H 304 46.63 -3.31 18.24
N LEU H 305 45.72 -2.80 17.38
CA LEU H 305 44.73 -3.63 16.76
C LEU H 305 45.37 -4.58 15.75
N ALA H 306 46.32 -4.09 14.97
CA ALA H 306 47.05 -4.89 13.99
C ALA H 306 47.93 -5.95 14.62
N GLU H 307 48.58 -5.57 15.73
CA GLU H 307 49.44 -6.47 16.51
C GLU H 307 48.62 -7.51 17.26
N ALA H 308 47.29 -7.32 17.33
CA ALA H 308 46.44 -8.27 18.05
C ALA H 308 45.88 -9.28 17.12
N GLY H 309 46.17 -9.14 15.82
CA GLY H 309 45.73 -10.15 14.85
C GLY H 309 44.93 -9.62 13.69
N ALA H 310 44.31 -8.48 13.91
CA ALA H 310 43.42 -7.84 12.95
C ALA H 310 44.15 -7.39 11.72
N LYS H 311 43.44 -7.39 10.60
CA LYS H 311 44.04 -6.97 9.35
C LYS H 311 43.32 -5.72 8.82
N ILE H 312 44.05 -4.61 8.79
CA ILE H 312 43.45 -3.30 8.40
C ILE H 312 43.99 -2.85 7.06
N SER H 313 43.12 -2.26 6.24
CA SER H 313 43.51 -1.58 5.00
C SER H 313 42.50 -0.52 4.60
N ILE H 314 42.91 0.36 3.71
CA ILE H 314 42.12 1.47 3.18
C ILE H 314 41.24 0.99 2.02
N MET H 315 40.04 1.48 2.01
CA MET H 315 39.04 1.18 1.01
C MET H 315 39.45 1.78 -0.29
N THR H 316 39.49 0.95 -1.34
CA THR H 316 39.75 1.42 -2.72
C THR H 316 38.47 1.36 -3.54
N TYR H 317 38.57 1.69 -4.83
CA TYR H 317 37.44 1.67 -5.76
C TYR H 317 36.70 0.33 -5.77
N SER H 318 37.41 -0.78 -5.55
CA SER H 318 36.80 -2.11 -5.54
C SER H 318 35.82 -2.25 -4.41
N GLU H 319 36.16 -1.67 -3.24
CA GLU H 319 35.36 -1.75 -2.02
C GLU H 319 34.21 -0.79 -2.10
N PHE H 320 34.45 0.41 -2.61
CA PHE H 320 33.41 1.42 -2.75
C PHE H 320 32.34 1.00 -3.74
N LYS H 321 32.75 0.30 -4.81
CA LYS H 321 31.85 -0.28 -5.78
C LYS H 321 31.03 -1.38 -5.10
N HIS H 322 31.71 -2.28 -4.40
CA HIS H 322 31.08 -3.40 -3.70
C HIS H 322 30.07 -2.95 -2.63
N CYS H 323 30.42 -1.96 -1.81
CA CYS H 323 29.52 -1.44 -0.78
C CYS H 323 28.32 -0.72 -1.38
N TRP H 324 28.49 -0.18 -2.58
CA TRP H 324 27.35 0.38 -3.32
C TRP H 324 26.50 -0.75 -3.89
N ASP H 325 27.10 -1.88 -4.24
CA ASP H 325 26.38 -3.02 -4.81
C ASP H 325 25.73 -3.89 -3.75
N THR H 326 26.09 -3.63 -2.48
CA THR H 326 25.68 -4.50 -1.37
C THR H 326 24.82 -3.77 -0.37
N PHE H 327 25.34 -2.69 0.20
CA PHE H 327 24.71 -1.99 1.30
C PHE H 327 23.98 -0.71 0.90
N VAL H 328 23.66 -0.55 -0.38
CA VAL H 328 23.02 0.68 -0.86
C VAL H 328 21.74 0.37 -1.61
N ASP H 329 20.68 1.14 -1.31
CA ASP H 329 19.40 1.06 -2.06
C ASP H 329 19.51 1.86 -3.37
N HIS H 330 20.38 1.38 -4.26
CA HIS H 330 20.64 2.08 -5.52
C HIS H 330 19.41 2.04 -6.43
N GLN H 331 18.66 0.97 -6.33
CA GLN H 331 17.48 0.68 -7.15
C GLN H 331 17.76 0.82 -8.66
N GLY H 332 18.98 0.45 -9.04
CA GLY H 332 19.43 0.46 -10.45
C GLY H 332 20.38 1.55 -10.88
N ALA H 333 20.74 2.46 -9.97
CA ALA H 333 21.82 3.43 -10.25
C ALA H 333 23.19 2.81 -9.98
N PRO H 334 24.09 2.77 -10.98
CA PRO H 334 25.42 2.15 -10.74
C PRO H 334 26.26 3.13 -9.93
N PHE H 335 27.37 2.68 -9.36
CA PHE H 335 28.16 3.54 -8.48
C PHE H 335 28.88 4.63 -9.28
N GLN H 336 28.62 5.90 -8.95
CA GLN H 336 29.33 7.02 -9.59
C GLN H 336 30.37 7.65 -8.64
N PRO H 337 31.68 7.35 -8.88
CA PRO H 337 32.83 7.87 -8.09
C PRO H 337 32.90 9.40 -8.01
N TRP H 338 33.44 9.90 -6.90
CA TRP H 338 33.64 11.33 -6.69
C TRP H 338 35.06 11.68 -7.14
N ASP H 339 35.31 12.98 -7.38
CA ASP H 339 36.65 13.51 -7.68
C ASP H 339 37.68 13.17 -6.57
N GLY H 340 38.73 12.46 -6.99
CA GLY H 340 39.93 12.28 -6.19
C GLY H 340 39.91 11.06 -5.34
N LEU H 341 39.02 10.11 -5.61
CA LEU H 341 38.78 8.96 -4.78
C LEU H 341 39.97 8.00 -4.70
N ASP H 342 40.65 7.84 -5.80
CA ASP H 342 41.73 6.91 -5.98
C ASP H 342 43.02 7.59 -5.53
N GLU H 343 43.08 8.90 -5.72
CA GLU H 343 44.26 9.68 -5.27
C GLU H 343 44.24 9.80 -3.77
N HIS H 344 43.05 10.01 -3.17
CA HIS H 344 42.95 10.04 -1.71
C HIS H 344 43.22 8.70 -1.08
N SER H 345 42.77 7.64 -1.75
CA SER H 345 42.97 6.28 -1.28
C SER H 345 44.43 5.87 -1.27
N GLN H 346 45.26 6.55 -2.10
CA GLN H 346 46.64 6.21 -2.19
C GLN H 346 47.45 6.87 -1.08
N ASP H 347 47.25 8.19 -0.84
CA ASP H 347 48.11 8.78 0.25
C ASP H 347 47.66 8.20 1.60
N LEU H 348 46.39 7.74 1.73
CA LEU H 348 45.93 7.07 2.92
C LEU H 348 46.56 5.72 3.10
N SER H 349 46.81 5.05 1.95
CA SER H 349 47.51 3.76 1.92
C SER H 349 48.96 3.99 2.32
N GLY H 350 49.56 5.07 1.87
CA GLY H 350 50.84 5.54 2.38
C GLY H 350 50.82 5.88 3.86
N ARG H 351 49.82 6.63 4.28
CA ARG H 351 49.70 7.10 5.68
C ARG H 351 49.44 5.87 6.61
N LEU H 352 48.70 4.88 6.13
CA LEU H 352 48.43 3.69 6.94
C LEU H 352 49.70 2.89 7.06
N ARG H 353 50.39 2.71 5.93
CA ARG H 353 51.66 1.99 5.88
C ARG H 353 52.68 2.60 6.85
N ALA H 354 52.68 3.91 7.01
CA ALA H 354 53.61 4.59 7.91
C ALA H 354 53.26 4.37 9.37
N ILE H 355 51.98 4.07 9.64
CA ILE H 355 51.55 3.89 11.03
C ILE H 355 51.94 2.51 11.50
N LEU H 356 51.64 1.49 10.70
CA LEU H 356 52.01 0.10 11.12
C LEU H 356 53.55 -0.25 11.00
N GLN H 357 54.34 0.69 10.51
CA GLN H 357 55.79 0.58 10.57
C GLN H 357 56.37 0.94 11.98
N ASN H 358 55.89 2.05 12.54
CA ASN H 358 56.35 2.63 13.82
C ASN H 358 55.88 1.82 15.02
P PO4 I . -56.91 -22.33 10.44
O1 PO4 I . -57.92 -22.45 11.55
O2 PO4 I . -56.69 -20.86 10.16
O3 PO4 I . -57.50 -23.11 9.28
O4 PO4 I . -55.57 -22.93 10.84
P PO4 J . -4.84 -28.49 32.33
O1 PO4 J . -6.16 -29.20 32.63
O2 PO4 J . -3.65 -29.31 32.83
O3 PO4 J . -4.62 -28.31 30.85
O4 PO4 J . -4.78 -27.10 32.89
P PO4 K . 34.61 3.74 -42.38
O1 PO4 K . 34.36 2.33 -42.82
O2 PO4 K . 35.11 3.70 -40.94
O3 PO4 K . 33.26 4.43 -42.48
O4 PO4 K . 35.55 4.52 -43.27
P PO4 L . 25.07 45.85 -5.42
O1 PO4 L . 24.45 44.46 -5.48
O2 PO4 L . 26.52 45.76 -5.02
O3 PO4 L . 24.39 46.62 -4.30
O4 PO4 L . 24.90 46.54 -6.77
ZN ZN M . -16.77 10.03 -4.64
P PO4 N . -57.23 -16.09 14.01
O1 PO4 N . -58.75 -15.96 14.03
O2 PO4 N . -56.92 -17.46 13.44
O3 PO4 N . -56.63 -15.86 15.40
O4 PO4 N . -56.57 -15.08 13.08
P PO4 O . -54.91 -10.52 15.16
O1 PO4 O . -54.92 -11.49 16.31
O2 PO4 O . -55.92 -9.42 15.41
O3 PO4 O . -55.36 -11.24 13.91
O4 PO4 O . -53.50 -9.98 14.97
P PO4 P . -47.22 -10.94 13.76
O1 PO4 P . -48.19 -11.78 14.57
O2 PO4 P . -45.90 -11.68 13.55
O3 PO4 P . -47.87 -10.69 12.43
O4 PO4 P . -46.99 -9.58 14.38
ZN ZN Q . 5.83 -21.73 -3.27
P PO4 R . 38.35 -0.20 -37.53
O1 PO4 R . 37.66 -1.21 -36.63
O2 PO4 R . 39.69 -0.68 -38.09
O3 PO4 R . 37.36 0.08 -38.64
O4 PO4 R . 38.61 1.07 -36.76
P PO4 S . 39.07 -3.97 -32.42
O1 PO4 S . 39.48 -5.41 -32.65
O2 PO4 S . 38.67 -3.73 -30.97
O3 PO4 S . 37.92 -3.69 -33.35
O4 PO4 S . 40.15 -2.98 -32.80
ZN ZN T . -3.92 21.27 32.59
P PO4 U . 29.51 42.04 -1.17
O1 PO4 U . 28.96 40.75 -0.59
O2 PO4 U . 30.11 41.86 -2.57
O3 PO4 U . 28.31 42.94 -1.20
O4 PO4 U . 30.59 42.59 -0.24
P PO4 V . 29.89 38.42 4.45
O1 PO4 V . 28.98 38.56 5.66
O2 PO4 V . 30.34 36.99 4.52
O3 PO4 V . 29.25 38.62 3.10
O4 PO4 V . 31.00 39.44 4.53
P PO4 W . 24.71 40.10 9.81
O1 PO4 W . 24.65 38.61 9.54
O2 PO4 W . 23.38 40.46 10.46
O3 PO4 W . 24.92 40.90 8.53
O4 PO4 W . 25.89 40.38 10.72
ZN ZN X . 35.61 4.68 19.18
P PO4 Y . -5.60 -21.98 35.92
O1 PO4 Y . -6.93 -22.42 36.43
O2 PO4 Y . -4.71 -21.44 37.02
O3 PO4 Y . -4.87 -23.18 35.34
O4 PO4 Y . -5.79 -20.91 34.89
P PO4 Z . -2.60 -16.53 37.61
O1 PO4 Z . -3.23 -16.95 38.91
O2 PO4 Z . -3.66 -16.24 36.58
O3 PO4 Z . -1.79 -17.70 37.10
O4 PO4 Z . -1.61 -15.39 37.79
P PO4 AA . -1.99 1.71 31.87
O1 PO4 AA . -1.80 0.82 33.09
O2 PO4 AA . -2.09 3.16 32.28
O3 PO4 AA . -3.28 1.19 31.24
O4 PO4 AA . -0.82 1.68 30.87
#